data_1F55
#
_entry.id   1F55
#
loop_
_entity.id
_entity.type
_entity.pdbx_description
1 polymer CALMODULIN
2 non-polymer 'CALCIUM ION'
#
_entity_poly.entity_id   1
_entity_poly.type   'polypeptide(L)'
_entity_poly.pdbx_seq_one_letter_code
;SSNLTEEQIAEFKEAFALFDKDNNGSISSSELATVMRSLGLSPSEAEVNDLMNEIDVDGNHQIEFSEFLALMSRQLK
;
_entity_poly.pdbx_strand_id   A
#
loop_
_chem_comp.id
_chem_comp.type
_chem_comp.name
_chem_comp.formula
CA non-polymer 'CALCIUM ION' 'Ca 2'
#
# COMPACT_ATOMS: atom_id res chain seq x y z
N SER A 1 -13.94 -12.53 -4.47
CA SER A 1 -15.43 -12.52 -4.49
C SER A 1 -15.94 -11.96 -5.82
N SER A 2 -17.18 -11.56 -5.87
CA SER A 2 -17.72 -10.99 -7.14
C SER A 2 -18.26 -9.58 -6.89
N ASN A 3 -17.98 -9.02 -5.74
CA ASN A 3 -18.47 -7.64 -5.45
C ASN A 3 -17.37 -6.82 -4.77
N LEU A 4 -16.83 -5.84 -5.45
CA LEU A 4 -15.77 -5.00 -4.85
C LEU A 4 -16.24 -3.56 -4.69
N THR A 5 -15.72 -2.65 -5.48
CA THR A 5 -16.17 -1.23 -5.35
C THR A 5 -16.11 -0.78 -3.88
N GLU A 6 -17.04 0.04 -3.47
CA GLU A 6 -17.04 0.51 -2.05
C GLU A 6 -16.72 -0.65 -1.11
N GLU A 7 -17.10 -1.83 -1.48
CA GLU A 7 -16.82 -3.02 -0.62
C GLU A 7 -15.32 -3.28 -0.59
N GLN A 8 -14.69 -3.30 -1.75
CA GLN A 8 -13.22 -3.54 -1.79
C GLN A 8 -12.50 -2.30 -1.25
N ILE A 9 -12.90 -1.15 -1.69
CA ILE A 9 -12.26 0.10 -1.20
C ILE A 9 -12.29 0.13 0.33
N ALA A 10 -13.46 0.16 0.91
CA ALA A 10 -13.54 0.17 2.40
C ALA A 10 -12.56 -0.84 2.98
N GLU A 11 -12.58 -2.04 2.48
CA GLU A 11 -11.65 -3.08 3.00
C GLU A 11 -10.20 -2.62 2.77
N PHE A 12 -9.93 -2.04 1.64
CA PHE A 12 -8.55 -1.56 1.35
C PHE A 12 -8.19 -0.43 2.32
N LYS A 13 -9.05 0.54 2.45
CA LYS A 13 -8.76 1.66 3.39
C LYS A 13 -8.18 1.11 4.69
N GLU A 14 -8.87 0.20 5.31
CA GLU A 14 -8.34 -0.38 6.58
C GLU A 14 -6.95 -0.97 6.32
N ALA A 15 -6.80 -1.66 5.22
CA ALA A 15 -5.47 -2.26 4.89
C ALA A 15 -4.45 -1.13 4.66
N PHE A 16 -4.79 -0.18 3.83
CA PHE A 16 -3.84 0.94 3.57
C PHE A 16 -3.25 1.42 4.89
N ALA A 17 -4.08 1.91 5.77
CA ALA A 17 -3.56 2.39 7.09
C ALA A 17 -2.56 1.38 7.64
N LEU A 18 -2.92 0.13 7.65
CA LEU A 18 -1.98 -0.91 8.17
C LEU A 18 -0.58 -0.67 7.58
N PHE A 19 -0.50 -0.39 6.32
CA PHE A 19 0.83 -0.14 5.69
C PHE A 19 1.41 1.18 6.24
N ASP A 20 0.65 2.23 6.21
CA ASP A 20 1.14 3.53 6.74
C ASP A 20 1.25 3.47 8.27
N LYS A 21 2.43 3.65 8.79
CA LYS A 21 2.60 3.60 10.27
C LYS A 21 2.33 4.98 10.89
N ASP A 22 1.81 5.90 10.12
CA ASP A 22 1.52 7.25 10.66
C ASP A 22 0.06 7.63 10.44
N ASN A 23 -0.63 6.88 9.61
CA ASN A 23 -2.07 7.19 9.34
C ASN A 23 -2.20 8.57 8.69
N ASN A 24 -1.16 9.04 8.03
CA ASN A 24 -1.24 10.37 7.38
C ASN A 24 -1.84 10.24 5.98
N GLY A 25 -2.60 9.20 5.75
CA GLY A 25 -3.22 9.00 4.41
C GLY A 25 -2.11 8.87 3.37
N SER A 26 -0.90 8.63 3.81
CA SER A 26 0.23 8.50 2.86
C SER A 26 1.19 7.41 3.35
N ILE A 27 1.91 6.78 2.46
CA ILE A 27 2.84 5.71 2.88
C ILE A 27 4.23 5.93 2.27
N SER A 28 5.27 5.85 3.06
CA SER A 28 6.64 6.06 2.51
C SER A 28 7.32 4.71 2.27
N SER A 29 8.57 4.73 1.91
CA SER A 29 9.29 3.45 1.64
C SER A 29 9.27 2.55 2.88
N SER A 30 9.87 3.00 3.95
CA SER A 30 9.88 2.18 5.20
C SER A 30 8.44 1.85 5.63
N GLU A 31 7.56 2.81 5.59
CA GLU A 31 6.15 2.55 5.99
C GLU A 31 5.66 1.22 5.40
N LEU A 32 5.53 1.15 4.11
CA LEU A 32 5.06 -0.12 3.47
C LEU A 32 6.07 -1.25 3.75
N ALA A 33 7.28 -0.90 4.07
CA ALA A 33 8.31 -1.96 4.34
C ALA A 33 8.08 -2.56 5.73
N THR A 34 7.61 -1.78 6.67
CA THR A 34 7.37 -2.31 8.04
C THR A 34 6.23 -3.33 8.02
N VAL A 35 5.51 -3.42 6.93
CA VAL A 35 4.39 -4.39 6.84
C VAL A 35 4.93 -5.82 6.77
N MET A 36 6.17 -5.97 6.37
CA MET A 36 6.76 -7.34 6.27
C MET A 36 7.98 -7.45 7.19
N ARG A 37 8.50 -6.34 7.65
CA ARG A 37 9.69 -6.39 8.55
C ARG A 37 9.32 -7.07 9.86
N SER A 38 8.21 -6.73 10.44
CA SER A 38 7.80 -7.36 11.73
C SER A 38 7.52 -8.85 11.51
N LEU A 39 7.16 -9.23 10.31
CA LEU A 39 6.86 -10.67 10.03
C LEU A 39 8.16 -11.47 10.02
N GLY A 40 9.21 -10.94 9.47
CA GLY A 40 10.51 -11.68 9.43
C GLY A 40 11.11 -11.58 8.04
N LEU A 41 11.43 -10.39 7.60
CA LEU A 41 12.03 -10.23 6.24
C LEU A 41 13.06 -9.11 6.25
N SER A 42 12.75 -8.01 6.89
CA SER A 42 13.72 -6.87 6.93
C SER A 42 14.29 -6.61 5.53
N PRO A 43 13.42 -6.19 4.65
CA PRO A 43 13.84 -5.90 3.26
C PRO A 43 14.63 -4.59 3.19
N SER A 44 15.43 -4.41 2.18
CA SER A 44 16.23 -3.15 2.07
C SER A 44 15.53 -2.17 1.13
N GLU A 45 15.91 -0.92 1.17
CA GLU A 45 15.27 0.11 0.29
C GLU A 45 14.91 -0.49 -1.07
N ALA A 46 15.81 -1.21 -1.68
CA ALA A 46 15.49 -1.83 -3.01
C ALA A 46 14.11 -2.48 -2.95
N GLU A 47 13.91 -3.39 -2.04
CA GLU A 47 12.58 -4.06 -1.94
C GLU A 47 11.56 -3.11 -1.31
N VAL A 48 11.99 -2.32 -0.35
CA VAL A 48 11.06 -1.37 0.32
C VAL A 48 10.55 -0.36 -0.71
N ASN A 49 11.41 0.49 -1.18
CA ASN A 49 11.01 1.50 -2.19
C ASN A 49 10.28 0.81 -3.36
N ASP A 50 10.70 -0.37 -3.71
CA ASP A 50 10.04 -1.09 -4.84
C ASP A 50 8.53 -1.18 -4.59
N LEU A 51 8.14 -1.65 -3.44
CA LEU A 51 6.68 -1.75 -3.15
C LEU A 51 6.04 -0.36 -3.20
N MET A 52 6.57 0.58 -2.46
CA MET A 52 5.99 1.95 -2.47
C MET A 52 6.00 2.51 -3.90
N ASN A 53 7.02 2.19 -4.66
CA ASN A 53 7.09 2.70 -6.06
C ASN A 53 6.05 2.00 -6.94
N GLU A 54 6.05 0.69 -6.94
CA GLU A 54 5.06 -0.06 -7.77
C GLU A 54 3.67 0.55 -7.61
N ILE A 55 3.40 1.19 -6.51
CA ILE A 55 2.06 1.80 -6.29
C ILE A 55 2.16 3.34 -6.39
N ASP A 56 3.34 3.87 -6.33
CA ASP A 56 3.51 5.35 -6.43
C ASP A 56 3.06 5.84 -7.80
N VAL A 57 1.80 6.18 -7.94
CA VAL A 57 1.30 6.67 -9.26
C VAL A 57 2.04 7.94 -9.67
N ASP A 58 2.41 8.75 -8.72
CA ASP A 58 3.14 10.01 -9.05
C ASP A 58 4.65 9.79 -8.94
N GLY A 59 5.08 8.93 -8.07
CA GLY A 59 6.53 8.66 -7.92
C GLY A 59 7.15 9.69 -6.97
N ASN A 60 6.70 9.73 -5.75
CA ASN A 60 7.26 10.70 -4.78
C ASN A 60 7.84 9.98 -3.57
N HIS A 61 8.29 8.76 -3.75
CA HIS A 61 8.87 7.98 -2.62
C HIS A 61 7.76 7.55 -1.65
N GLN A 62 6.54 7.61 -2.08
CA GLN A 62 5.41 7.19 -1.19
C GLN A 62 4.10 7.10 -1.99
N ILE A 63 3.10 6.47 -1.43
CA ILE A 63 1.81 6.37 -2.15
C ILE A 63 0.65 6.70 -1.21
N GLU A 64 -0.43 7.19 -1.76
CA GLU A 64 -1.61 7.53 -0.90
C GLU A 64 -2.64 6.39 -0.98
N PHE A 65 -3.61 6.39 -0.12
CA PHE A 65 -4.63 5.30 -0.16
C PHE A 65 -5.07 5.06 -1.61
N SER A 66 -5.82 5.98 -2.18
CA SER A 66 -6.28 5.83 -3.59
C SER A 66 -5.22 5.13 -4.44
N GLU A 67 -3.98 5.49 -4.28
CA GLU A 67 -2.90 4.83 -5.07
C GLU A 67 -2.84 3.35 -4.69
N PHE A 68 -2.90 3.05 -3.43
CA PHE A 68 -2.86 1.63 -2.97
C PHE A 68 -4.01 0.87 -3.65
N LEU A 69 -5.08 1.55 -3.95
CA LEU A 69 -6.23 0.87 -4.61
C LEU A 69 -5.91 0.64 -6.09
N ALA A 70 -5.16 1.53 -6.69
CA ALA A 70 -4.80 1.37 -8.13
C ALA A 70 -3.95 0.11 -8.33
N LEU A 71 -2.98 -0.10 -7.47
CA LEU A 71 -2.12 -1.31 -7.61
C LEU A 71 -2.76 -2.50 -6.92
N MET A 72 -3.37 -2.29 -5.77
CA MET A 72 -4.02 -3.41 -5.05
C MET A 72 -5.10 -4.06 -5.93
N SER A 73 -6.31 -3.61 -5.82
CA SER A 73 -7.41 -4.21 -6.65
C SER A 73 -7.27 -5.72 -6.69
N ARG A 74 -7.08 -6.35 -5.56
CA ARG A 74 -6.93 -7.83 -5.54
C ARG A 74 -5.72 -8.26 -6.37
N GLN A 75 -5.83 -9.36 -7.07
CA GLN A 75 -4.69 -9.83 -7.90
C GLN A 75 -5.16 -10.87 -8.92
N LEU A 76 -5.95 -11.81 -8.50
CA LEU A 76 -6.45 -12.85 -9.45
C LEU A 76 -7.96 -13.04 -9.28
N LYS A 77 -8.37 -13.72 -8.25
CA LYS A 77 -9.83 -13.93 -8.03
C LYS A 77 -10.21 -13.62 -6.58
CA CA B . 2.58 8.37 6.71
CA CA C . 2.18 8.99 -4.04
N SER A 1 -16.07 -8.91 -10.58
CA SER A 1 -17.22 -8.24 -9.90
C SER A 1 -17.61 -9.01 -8.64
N SER A 2 -16.68 -9.22 -7.75
CA SER A 2 -17.01 -9.98 -6.50
C SER A 2 -17.43 -9.00 -5.39
N ASN A 3 -18.51 -8.32 -5.57
CA ASN A 3 -18.97 -7.36 -4.52
C ASN A 3 -17.81 -6.48 -4.07
N LEU A 4 -17.12 -5.87 -4.98
CA LEU A 4 -15.97 -5.00 -4.60
C LEU A 4 -16.44 -3.55 -4.46
N THR A 5 -15.90 -2.64 -5.23
CA THR A 5 -16.34 -1.21 -5.11
C THR A 5 -16.24 -0.76 -3.66
N GLU A 6 -17.15 0.09 -3.23
CA GLU A 6 -17.12 0.58 -1.82
C GLU A 6 -16.79 -0.58 -0.87
N GLU A 7 -17.18 -1.77 -1.23
CA GLU A 7 -16.89 -2.94 -0.35
C GLU A 7 -15.40 -3.25 -0.39
N GLN A 8 -14.83 -3.29 -1.56
CA GLN A 8 -13.37 -3.58 -1.66
C GLN A 8 -12.59 -2.36 -1.16
N ILE A 9 -12.99 -1.18 -1.57
CA ILE A 9 -12.29 0.04 -1.10
C ILE A 9 -12.26 0.07 0.42
N ALA A 10 -13.40 0.14 1.04
CA ALA A 10 -13.45 0.16 2.53
C ALA A 10 -12.46 -0.88 3.08
N GLU A 11 -12.51 -2.07 2.57
CA GLU A 11 -11.57 -3.12 3.06
C GLU A 11 -10.14 -2.69 2.79
N PHE A 12 -9.89 -2.14 1.63
CA PHE A 12 -8.51 -1.68 1.31
C PHE A 12 -8.10 -0.56 2.27
N LYS A 13 -8.93 0.44 2.42
CA LYS A 13 -8.61 1.55 3.35
C LYS A 13 -7.99 0.99 4.63
N GLU A 14 -8.67 0.07 5.27
CA GLU A 14 -8.12 -0.53 6.50
C GLU A 14 -6.72 -1.08 6.22
N ALA A 15 -6.57 -1.78 5.13
CA ALA A 15 -5.24 -2.34 4.78
C ALA A 15 -4.26 -1.19 4.52
N PHE A 16 -4.64 -0.24 3.72
CA PHE A 16 -3.72 0.90 3.45
C PHE A 16 -3.11 1.40 4.77
N ALA A 17 -3.93 1.89 5.65
CA ALA A 17 -3.39 2.38 6.96
C ALA A 17 -2.38 1.38 7.49
N LEU A 18 -2.70 0.11 7.45
CA LEU A 18 -1.75 -0.92 7.95
C LEU A 18 -0.38 -0.71 7.27
N PHE A 19 -0.39 -0.43 5.99
CA PHE A 19 0.91 -0.21 5.29
C PHE A 19 1.60 1.04 5.85
N ASP A 20 0.84 2.07 6.13
CA ASP A 20 1.46 3.31 6.69
C ASP A 20 1.71 3.13 8.18
N LYS A 21 2.39 4.07 8.79
CA LYS A 21 2.67 3.95 10.26
C LYS A 21 2.35 5.27 10.97
N ASP A 22 1.53 6.08 10.37
CA ASP A 22 1.17 7.39 11.01
C ASP A 22 -0.18 7.88 10.50
N ASN A 23 -0.97 6.99 9.95
CA ASN A 23 -2.31 7.41 9.42
C ASN A 23 -2.18 8.74 8.67
N ASN A 24 -1.04 9.00 8.09
CA ASN A 24 -0.86 10.26 7.33
C ASN A 24 -1.52 10.17 5.96
N GLY A 25 -2.24 9.11 5.71
CA GLY A 25 -2.90 8.96 4.38
C GLY A 25 -1.83 8.79 3.30
N SER A 26 -0.63 8.48 3.71
CA SER A 26 0.47 8.30 2.72
C SER A 26 1.46 7.25 3.23
N ILE A 27 1.91 6.37 2.37
CA ILE A 27 2.87 5.33 2.81
C ILE A 27 4.21 5.49 2.07
N SER A 28 5.29 5.49 2.79
CA SER A 28 6.62 5.64 2.13
C SER A 28 7.36 4.29 2.13
N SER A 29 8.66 4.31 2.00
CA SER A 29 9.43 3.04 1.98
C SER A 29 9.30 2.33 3.33
N SER A 30 9.85 2.89 4.37
CA SER A 30 9.77 2.25 5.71
C SER A 30 8.32 1.92 6.06
N GLU A 31 7.45 2.89 5.99
CA GLU A 31 6.01 2.64 6.31
C GLU A 31 5.56 1.31 5.70
N LEU A 32 5.42 1.27 4.40
CA LEU A 32 4.97 0.00 3.74
C LEU A 32 5.78 -1.18 4.27
N ALA A 33 7.08 -1.07 4.26
CA ALA A 33 7.93 -2.19 4.77
C ALA A 33 7.62 -2.48 6.23
N THR A 34 7.03 -1.54 6.93
CA THR A 34 6.71 -1.77 8.36
C THR A 34 5.45 -2.62 8.49
N VAL A 35 4.81 -2.92 7.40
CA VAL A 35 3.57 -3.75 7.47
C VAL A 35 3.94 -5.24 7.56
N MET A 36 5.19 -5.56 7.31
CA MET A 36 5.61 -6.99 7.39
C MET A 36 6.56 -7.19 8.57
N ARG A 37 7.45 -6.27 8.79
CA ARG A 37 8.42 -6.42 9.93
C ARG A 37 7.68 -6.92 11.17
N SER A 38 6.55 -6.34 11.48
CA SER A 38 5.79 -6.79 12.68
C SER A 38 5.39 -8.25 12.55
N LEU A 39 5.24 -8.73 11.34
CA LEU A 39 4.85 -10.15 11.13
C LEU A 39 6.10 -11.03 11.05
N GLY A 40 7.23 -10.46 10.73
CA GLY A 40 8.48 -11.27 10.65
C GLY A 40 9.12 -11.07 9.27
N LEU A 41 9.50 -9.86 8.96
CA LEU A 41 10.13 -9.60 7.63
C LEU A 41 11.20 -8.52 7.76
N SER A 42 11.84 -8.16 6.68
CA SER A 42 12.90 -7.12 6.74
C SER A 42 13.44 -6.83 5.34
N PRO A 43 12.58 -6.33 4.50
CA PRO A 43 12.96 -5.99 3.11
C PRO A 43 13.85 -4.75 3.08
N SER A 44 14.94 -4.80 2.36
CA SER A 44 15.84 -3.61 2.28
C SER A 44 15.25 -2.57 1.34
N GLU A 45 15.73 -1.35 1.42
CA GLU A 45 15.22 -0.26 0.53
C GLU A 45 14.84 -0.81 -0.85
N ALA A 46 15.71 -1.59 -1.45
CA ALA A 46 15.39 -2.15 -2.79
C ALA A 46 13.96 -2.69 -2.80
N GLU A 47 13.63 -3.55 -1.88
CA GLU A 47 12.25 -4.12 -1.83
C GLU A 47 11.30 -3.10 -1.19
N VAL A 48 11.76 -2.38 -0.21
CA VAL A 48 10.89 -1.37 0.46
C VAL A 48 10.50 -0.31 -0.57
N ASN A 49 11.45 0.47 -1.02
CA ASN A 49 11.16 1.53 -2.02
C ASN A 49 10.44 0.90 -3.22
N ASP A 50 10.86 -0.27 -3.63
CA ASP A 50 10.21 -0.92 -4.80
C ASP A 50 8.69 -0.97 -4.58
N LEU A 51 8.26 -1.38 -3.42
CA LEU A 51 6.80 -1.44 -3.15
C LEU A 51 6.19 -0.04 -3.25
N MET A 52 6.68 0.90 -2.48
CA MET A 52 6.12 2.28 -2.55
C MET A 52 6.18 2.79 -3.98
N ASN A 53 7.14 2.36 -4.74
CA ASN A 53 7.26 2.82 -6.15
C ASN A 53 6.36 1.98 -7.07
N GLU A 54 6.25 0.71 -6.80
CA GLU A 54 5.40 -0.17 -7.66
C GLU A 54 3.95 0.34 -7.66
N ILE A 55 3.62 1.22 -6.76
CA ILE A 55 2.23 1.74 -6.71
C ILE A 55 2.23 3.27 -6.78
N ASP A 56 3.36 3.88 -6.56
CA ASP A 56 3.43 5.38 -6.63
C ASP A 56 2.92 5.87 -7.98
N VAL A 57 1.68 6.23 -8.06
CA VAL A 57 1.14 6.73 -9.37
C VAL A 57 1.85 8.02 -9.77
N ASP A 58 2.25 8.82 -8.82
CA ASP A 58 2.95 10.09 -9.16
C ASP A 58 4.46 9.91 -8.98
N GLY A 59 4.88 9.05 -8.09
CA GLY A 59 6.33 8.83 -7.88
C GLY A 59 6.88 9.91 -6.94
N ASN A 60 6.47 9.89 -5.70
CA ASN A 60 6.96 10.90 -4.73
C ASN A 60 7.57 10.22 -3.51
N HIS A 61 8.21 9.09 -3.70
CA HIS A 61 8.83 8.38 -2.55
C HIS A 61 7.75 7.94 -1.55
N GLN A 62 6.50 8.04 -1.94
CA GLN A 62 5.40 7.63 -1.03
C GLN A 62 4.13 7.36 -1.85
N ILE A 63 3.12 6.81 -1.25
CA ILE A 63 1.87 6.52 -1.99
C ILE A 63 0.65 6.93 -1.15
N GLU A 64 -0.45 7.20 -1.79
CA GLU A 64 -1.67 7.57 -1.04
C GLU A 64 -2.69 6.44 -1.12
N PHE A 65 -3.63 6.38 -0.22
CA PHE A 65 -4.64 5.28 -0.28
C PHE A 65 -5.11 5.06 -1.72
N SER A 66 -5.88 5.98 -2.24
CA SER A 66 -6.38 5.85 -3.65
C SER A 66 -5.34 5.17 -4.54
N GLU A 67 -4.08 5.43 -4.31
CA GLU A 67 -3.03 4.77 -5.15
C GLU A 67 -2.97 3.28 -4.81
N PHE A 68 -2.99 2.96 -3.53
CA PHE A 68 -2.96 1.54 -3.12
C PHE A 68 -4.11 0.80 -3.80
N LEU A 69 -5.21 1.46 -4.03
CA LEU A 69 -6.37 0.81 -4.71
C LEU A 69 -6.05 0.60 -6.19
N ALA A 70 -5.38 1.56 -6.79
CA ALA A 70 -5.04 1.43 -8.24
C ALA A 70 -4.25 0.14 -8.48
N LEU A 71 -3.21 -0.08 -7.72
CA LEU A 71 -2.41 -1.32 -7.90
C LEU A 71 -3.09 -2.52 -7.22
N MET A 72 -3.53 -2.33 -6.01
CA MET A 72 -4.20 -3.45 -5.28
C MET A 72 -5.31 -4.05 -6.15
N SER A 73 -6.51 -3.54 -6.03
CA SER A 73 -7.63 -4.08 -6.84
C SER A 73 -7.58 -5.61 -6.87
N ARG A 74 -7.69 -6.23 -5.73
CA ARG A 74 -7.65 -7.72 -5.68
C ARG A 74 -6.30 -8.23 -6.21
N GLN A 75 -5.65 -9.10 -5.48
CA GLN A 75 -4.34 -9.62 -5.95
C GLN A 75 -4.21 -11.10 -5.56
N LEU A 76 -4.36 -11.41 -4.30
CA LEU A 76 -4.23 -12.83 -3.86
C LEU A 76 -5.05 -13.75 -4.78
N LYS A 77 -4.96 -15.03 -4.58
CA LYS A 77 -5.73 -15.97 -5.44
C LYS A 77 -6.88 -16.60 -4.65
CA CA B . 2.98 8.80 5.92
CA CA C . 1.98 8.97 -4.10
N SER A 1 -14.54 -12.97 -4.03
CA SER A 1 -15.35 -12.04 -3.20
C SER A 1 -16.72 -11.80 -3.84
N SER A 2 -17.37 -10.73 -3.49
CA SER A 2 -18.71 -10.44 -4.07
C SER A 2 -18.99 -8.93 -4.06
N ASN A 3 -19.16 -8.34 -5.20
CA ASN A 3 -19.44 -6.88 -5.25
C ASN A 3 -18.30 -6.11 -4.57
N LEU A 4 -17.35 -5.66 -5.33
CA LEU A 4 -16.21 -4.90 -4.73
C LEU A 4 -16.62 -3.43 -4.50
N THR A 5 -16.12 -2.52 -5.30
CA THR A 5 -16.50 -1.09 -5.12
C THR A 5 -16.29 -0.67 -3.66
N GLU A 6 -17.12 0.21 -3.17
CA GLU A 6 -16.97 0.66 -1.75
C GLU A 6 -16.64 -0.52 -0.85
N GLU A 7 -17.21 -1.66 -1.12
CA GLU A 7 -16.94 -2.86 -0.28
C GLU A 7 -15.44 -3.20 -0.36
N GLN A 8 -14.91 -3.27 -1.55
CA GLN A 8 -13.46 -3.58 -1.69
C GLN A 8 -12.64 -2.38 -1.19
N ILE A 9 -13.02 -1.20 -1.58
CA ILE A 9 -12.29 0.01 -1.11
C ILE A 9 -12.24 0.04 0.41
N ALA A 10 -13.38 0.13 1.04
CA ALA A 10 -13.39 0.16 2.54
C ALA A 10 -12.43 -0.90 3.08
N GLU A 11 -12.48 -2.09 2.55
CA GLU A 11 -11.57 -3.15 3.03
C GLU A 11 -10.12 -2.75 2.76
N PHE A 12 -9.85 -2.29 1.57
CA PHE A 12 -8.45 -1.86 1.24
C PHE A 12 -8.03 -0.73 2.18
N LYS A 13 -8.84 0.28 2.32
CA LYS A 13 -8.50 1.41 3.23
C LYS A 13 -7.91 0.86 4.52
N GLU A 14 -8.62 -0.01 5.19
CA GLU A 14 -8.08 -0.59 6.44
C GLU A 14 -6.69 -1.17 6.18
N ALA A 15 -6.53 -1.85 5.07
CA ALA A 15 -5.20 -2.41 4.73
C ALA A 15 -4.20 -1.29 4.46
N PHE A 16 -4.57 -0.34 3.65
CA PHE A 16 -3.64 0.78 3.35
C PHE A 16 -3.02 1.29 4.65
N ALA A 17 -3.82 1.84 5.54
CA ALA A 17 -3.27 2.33 6.83
C ALA A 17 -2.31 1.30 7.41
N LEU A 18 -2.71 0.06 7.46
CA LEU A 18 -1.81 -0.99 8.00
C LEU A 18 -0.41 -0.84 7.39
N PHE A 19 -0.34 -0.60 6.10
CA PHE A 19 0.99 -0.43 5.45
C PHE A 19 1.66 0.83 5.99
N ASP A 20 0.98 1.94 5.96
CA ASP A 20 1.59 3.20 6.49
C ASP A 20 1.85 3.06 8.00
N LYS A 21 2.52 4.02 8.58
CA LYS A 21 2.80 3.92 10.05
C LYS A 21 2.41 5.23 10.75
N ASP A 22 1.48 5.96 10.20
CA ASP A 22 1.07 7.25 10.84
C ASP A 22 -0.30 7.70 10.30
N ASN A 23 -1.05 6.81 9.74
CA ASN A 23 -2.39 7.20 9.19
C ASN A 23 -2.31 8.55 8.46
N ASN A 24 -1.16 8.89 7.94
CA ASN A 24 -1.03 10.20 7.22
C ASN A 24 -1.72 10.10 5.85
N GLY A 25 -2.31 8.98 5.55
CA GLY A 25 -2.97 8.82 4.23
C GLY A 25 -1.89 8.65 3.16
N SER A 26 -0.65 8.59 3.56
CA SER A 26 0.46 8.42 2.58
C SER A 26 1.45 7.39 3.10
N ILE A 27 2.02 6.59 2.23
CA ILE A 27 2.99 5.56 2.70
C ILE A 27 4.37 5.80 2.08
N SER A 28 5.38 5.91 2.89
CA SER A 28 6.75 6.15 2.35
C SER A 28 7.45 4.81 2.10
N SER A 29 8.74 4.82 1.94
CA SER A 29 9.47 3.55 1.69
C SER A 29 9.45 2.66 2.94
N SER A 30 9.84 3.19 4.06
CA SER A 30 9.85 2.38 5.32
C SER A 30 8.41 2.11 5.78
N GLU A 31 7.51 3.01 5.51
CA GLU A 31 6.10 2.81 5.95
C GLU A 31 5.51 1.55 5.29
N LEU A 32 5.40 1.56 3.98
CA LEU A 32 4.84 0.35 3.29
C LEU A 32 5.64 -0.89 3.65
N ALA A 33 6.95 -0.80 3.63
CA ALA A 33 7.79 -1.99 3.96
C ALA A 33 7.45 -2.48 5.38
N THR A 34 6.93 -1.61 6.21
CA THR A 34 6.58 -2.03 7.59
C THR A 34 5.84 -3.38 7.57
N VAL A 35 4.96 -3.57 6.64
CA VAL A 35 4.21 -4.86 6.57
C VAL A 35 5.18 -6.03 6.80
N MET A 36 6.43 -5.86 6.49
CA MET A 36 7.41 -6.97 6.68
C MET A 36 7.66 -7.19 8.18
N ARG A 37 7.37 -6.21 8.99
CA ARG A 37 7.59 -6.37 10.46
C ARG A 37 6.59 -7.36 11.04
N SER A 38 5.38 -7.35 10.55
CA SER A 38 4.35 -8.30 11.08
C SER A 38 4.96 -9.68 11.27
N LEU A 39 5.94 -10.02 10.49
CA LEU A 39 6.58 -11.37 10.63
C LEU A 39 8.11 -11.23 10.60
N GLY A 40 8.65 -10.78 9.50
CA GLY A 40 10.13 -10.63 9.39
C GLY A 40 10.46 -9.27 8.79
N LEU A 41 10.91 -8.34 9.58
CA LEU A 41 11.25 -6.99 9.04
C LEU A 41 12.61 -7.03 8.33
N SER A 42 12.60 -7.32 7.05
CA SER A 42 13.88 -7.36 6.30
C SER A 42 13.63 -7.17 4.81
N PRO A 43 12.86 -6.17 4.50
CA PRO A 43 12.52 -5.86 3.09
C PRO A 43 13.73 -5.25 2.37
N SER A 44 14.47 -4.41 3.05
CA SER A 44 15.66 -3.77 2.41
C SER A 44 15.21 -2.78 1.33
N GLU A 45 15.94 -1.70 1.18
CA GLU A 45 15.55 -0.67 0.15
C GLU A 45 14.94 -1.33 -1.09
N ALA A 46 15.54 -2.38 -1.58
CA ALA A 46 14.97 -3.07 -2.77
C ALA A 46 13.46 -3.28 -2.57
N GLU A 47 13.09 -3.86 -1.47
CA GLU A 47 11.64 -4.11 -1.21
C GLU A 47 10.98 -2.82 -0.70
N VAL A 48 11.69 -2.04 0.08
CA VAL A 48 11.13 -0.76 0.60
C VAL A 48 10.82 0.17 -0.57
N ASN A 49 11.85 0.60 -1.25
CA ASN A 49 11.66 1.51 -2.41
C ASN A 49 10.71 0.86 -3.44
N ASP A 50 10.85 -0.41 -3.66
CA ASP A 50 9.96 -1.09 -4.66
C ASP A 50 8.52 -1.14 -4.12
N LEU A 51 8.36 -1.34 -2.84
CA LEU A 51 6.98 -1.39 -2.28
C LEU A 51 6.27 -0.06 -2.50
N MET A 52 6.90 1.03 -2.17
CA MET A 52 6.25 2.35 -2.37
C MET A 52 6.09 2.65 -3.87
N ASN A 53 7.12 2.42 -4.63
CA ASN A 53 7.03 2.68 -6.10
C ASN A 53 5.98 1.76 -6.73
N GLU A 54 5.85 0.56 -6.22
CA GLU A 54 4.84 -0.38 -6.79
C GLU A 54 3.50 0.33 -6.96
N ILE A 55 3.18 1.24 -6.08
CA ILE A 55 1.88 1.96 -6.18
C ILE A 55 2.12 3.48 -6.21
N ASP A 56 3.35 3.89 -6.33
CA ASP A 56 3.65 5.35 -6.36
C ASP A 56 3.24 5.94 -7.72
N VAL A 57 2.00 6.29 -7.87
CA VAL A 57 1.54 6.87 -9.17
C VAL A 57 2.20 8.22 -9.42
N ASP A 58 2.42 8.99 -8.38
CA ASP A 58 3.07 10.32 -8.56
C ASP A 58 4.59 10.17 -8.65
N GLY A 59 5.16 9.28 -7.87
CA GLY A 59 6.64 9.09 -7.92
C GLY A 59 7.30 9.97 -6.85
N ASN A 60 6.58 10.28 -5.81
CA ASN A 60 7.18 11.14 -4.73
C ASN A 60 7.69 10.25 -3.59
N HIS A 61 8.19 9.09 -3.91
CA HIS A 61 8.71 8.17 -2.85
C HIS A 61 7.60 7.85 -1.83
N GLN A 62 6.38 8.16 -2.17
CA GLN A 62 5.26 7.87 -1.23
C GLN A 62 3.96 7.71 -2.02
N ILE A 63 3.00 7.03 -1.46
CA ILE A 63 1.71 6.83 -2.17
C ILE A 63 0.53 7.06 -1.22
N GLU A 64 -0.62 7.39 -1.74
CA GLU A 64 -1.79 7.61 -0.87
C GLU A 64 -2.74 6.42 -0.97
N PHE A 65 -3.77 6.38 -0.18
CA PHE A 65 -4.72 5.22 -0.25
C PHE A 65 -5.14 4.97 -1.70
N SER A 66 -5.92 5.85 -2.26
CA SER A 66 -6.39 5.68 -3.67
C SER A 66 -5.30 5.00 -4.53
N GLU A 67 -4.07 5.41 -4.37
CA GLU A 67 -2.99 4.76 -5.17
C GLU A 67 -2.89 3.28 -4.80
N PHE A 68 -2.92 2.99 -3.53
CA PHE A 68 -2.86 1.56 -3.10
C PHE A 68 -3.97 0.78 -3.79
N LEU A 69 -5.10 1.39 -4.00
CA LEU A 69 -6.22 0.70 -4.68
C LEU A 69 -5.88 0.48 -6.15
N ALA A 70 -5.46 1.51 -6.83
CA ALA A 70 -5.10 1.36 -8.27
C ALA A 70 -4.26 0.09 -8.46
N LEU A 71 -3.33 -0.16 -7.58
CA LEU A 71 -2.49 -1.38 -7.71
C LEU A 71 -3.20 -2.57 -7.06
N MET A 72 -4.06 -2.33 -6.12
CA MET A 72 -4.78 -3.46 -5.45
C MET A 72 -5.75 -4.11 -6.43
N SER A 73 -6.90 -3.51 -6.63
CA SER A 73 -7.89 -4.10 -7.57
C SER A 73 -7.46 -3.87 -9.02
N ARG A 74 -8.18 -4.41 -9.96
CA ARG A 74 -7.80 -4.22 -11.39
C ARG A 74 -9.02 -3.80 -12.21
N GLN A 75 -9.75 -2.82 -11.75
CA GLN A 75 -10.96 -2.36 -12.50
C GLN A 75 -12.00 -3.47 -12.55
N LEU A 76 -12.75 -3.55 -13.61
CA LEU A 76 -13.78 -4.63 -13.72
C LEU A 76 -13.18 -5.91 -14.28
N LYS A 77 -12.08 -6.35 -13.72
CA LYS A 77 -11.44 -7.60 -14.22
C LYS A 77 -12.30 -8.82 -13.87
CA CA B . 2.99 8.80 6.34
CA CA C . 2.24 8.81 -5.07
N SER A 1 -25.39 -5.29 -4.07
CA SER A 1 -24.50 -6.27 -4.73
C SER A 1 -23.28 -6.56 -3.85
N SER A 2 -23.19 -7.77 -3.35
CA SER A 2 -22.03 -8.12 -2.48
C SER A 2 -20.77 -8.37 -3.32
N ASN A 3 -20.17 -7.33 -3.82
CA ASN A 3 -18.95 -7.50 -4.65
C ASN A 3 -17.82 -6.61 -4.13
N LEU A 4 -17.00 -6.11 -5.00
CA LEU A 4 -15.88 -5.23 -4.56
C LEU A 4 -16.37 -3.78 -4.41
N THR A 5 -15.87 -2.87 -5.21
CA THR A 5 -16.33 -1.46 -5.09
C THR A 5 -16.22 -0.98 -3.64
N GLU A 6 -17.12 -0.14 -3.22
CA GLU A 6 -17.07 0.37 -1.81
C GLU A 6 -16.72 -0.78 -0.85
N GLU A 7 -17.11 -1.98 -1.19
CA GLU A 7 -16.80 -3.15 -0.32
C GLU A 7 -15.31 -3.43 -0.36
N GLN A 8 -14.74 -3.48 -1.53
CA GLN A 8 -13.27 -3.73 -1.62
C GLN A 8 -12.51 -2.49 -1.15
N ILE A 9 -12.92 -1.34 -1.60
CA ILE A 9 -12.25 -0.09 -1.16
C ILE A 9 -12.21 -0.03 0.37
N ALA A 10 -13.35 0.04 0.98
CA ALA A 10 -13.38 0.09 2.48
C ALA A 10 -12.39 -0.92 3.04
N GLU A 11 -12.45 -2.14 2.57
CA GLU A 11 -11.51 -3.18 3.08
C GLU A 11 -10.07 -2.74 2.79
N PHE A 12 -9.84 -2.17 1.64
CA PHE A 12 -8.47 -1.72 1.29
C PHE A 12 -8.07 -0.57 2.24
N LYS A 13 -8.94 0.37 2.44
CA LYS A 13 -8.62 1.49 3.36
C LYS A 13 -7.98 0.94 4.62
N GLU A 14 -8.62 0.01 5.26
CA GLU A 14 -8.03 -0.58 6.49
C GLU A 14 -6.63 -1.10 6.19
N ALA A 15 -6.48 -1.82 5.10
CA ALA A 15 -5.14 -2.35 4.74
C ALA A 15 -4.18 -1.18 4.49
N PHE A 16 -4.58 -0.23 3.68
CA PHE A 16 -3.69 0.93 3.41
C PHE A 16 -3.12 1.47 4.72
N ALA A 17 -3.98 1.90 5.61
CA ALA A 17 -3.50 2.43 6.92
C ALA A 17 -2.40 1.51 7.46
N LEU A 18 -2.64 0.23 7.47
CA LEU A 18 -1.60 -0.71 7.97
C LEU A 18 -0.25 -0.33 7.38
N PHE A 19 -0.21 -0.05 6.10
CA PHE A 19 1.07 0.34 5.46
C PHE A 19 1.52 1.70 6.00
N ASP A 20 0.64 2.65 6.03
CA ASP A 20 1.01 4.00 6.55
C ASP A 20 1.09 3.96 8.08
N LYS A 21 2.14 3.39 8.61
CA LYS A 21 2.28 3.31 10.10
C LYS A 21 1.92 4.65 10.75
N ASP A 22 2.02 5.73 10.02
CA ASP A 22 1.68 7.06 10.60
C ASP A 22 0.19 7.36 10.41
N ASN A 23 -0.45 6.65 9.51
CA ASN A 23 -1.90 6.89 9.27
C ASN A 23 -2.12 8.32 8.75
N ASN A 24 -1.10 8.92 8.22
CA ASN A 24 -1.25 10.30 7.67
C ASN A 24 -1.92 10.26 6.30
N GLY A 25 -2.37 9.10 5.90
CA GLY A 25 -3.02 8.98 4.56
C GLY A 25 -1.94 8.81 3.49
N SER A 26 -0.70 8.68 3.89
CA SER A 26 0.39 8.49 2.89
C SER A 26 1.34 7.40 3.37
N ILE A 27 1.98 6.72 2.47
CA ILE A 27 2.93 5.64 2.88
C ILE A 27 4.35 5.99 2.46
N SER A 28 5.29 5.88 3.35
CA SER A 28 6.71 6.20 3.00
C SER A 28 7.51 4.91 2.83
N SER A 29 8.79 5.02 2.61
CA SER A 29 9.63 3.79 2.43
C SER A 29 9.43 2.83 3.60
N SER A 30 10.18 3.00 4.65
CA SER A 30 10.04 2.08 5.83
C SER A 30 8.56 1.80 6.11
N GLU A 31 7.73 2.81 6.04
CA GLU A 31 6.27 2.60 6.32
C GLU A 31 5.79 1.31 5.65
N LEU A 32 5.54 1.36 4.37
CA LEU A 32 5.07 0.14 3.66
C LEU A 32 5.95 -1.07 4.01
N ALA A 33 7.19 -0.82 4.36
CA ALA A 33 8.10 -1.95 4.71
C ALA A 33 7.73 -2.51 6.08
N THR A 34 7.14 -1.71 6.93
CA THR A 34 6.76 -2.20 8.29
C THR A 34 5.71 -3.31 8.17
N VAL A 35 5.11 -3.45 7.01
CA VAL A 35 4.08 -4.52 6.84
C VAL A 35 4.67 -5.72 6.10
N MET A 36 5.97 -5.82 6.07
CA MET A 36 6.61 -6.98 5.38
C MET A 36 7.12 -8.00 6.39
N ARG A 37 6.95 -7.72 7.66
CA ARG A 37 7.43 -8.68 8.70
C ARG A 37 6.97 -10.10 8.35
N SER A 38 5.78 -10.24 7.85
CA SER A 38 5.27 -11.60 7.50
C SER A 38 5.44 -11.85 5.99
N LEU A 39 5.65 -10.81 5.24
CA LEU A 39 5.83 -10.99 3.76
C LEU A 39 7.32 -11.03 3.40
N GLY A 40 8.17 -11.11 4.37
CA GLY A 40 9.62 -11.15 4.08
C GLY A 40 10.32 -9.99 4.79
N LEU A 41 10.53 -10.09 6.07
CA LEU A 41 11.20 -8.98 6.81
C LEU A 41 12.55 -8.65 6.16
N SER A 42 13.20 -7.61 6.60
CA SER A 42 14.51 -7.24 6.00
C SER A 42 14.35 -6.96 4.51
N PRO A 43 13.36 -6.17 4.18
CA PRO A 43 13.10 -5.83 2.76
C PRO A 43 14.16 -4.86 2.25
N SER A 44 14.57 -3.93 3.07
CA SER A 44 15.59 -2.93 2.63
C SER A 44 15.01 -2.02 1.55
N GLU A 45 15.44 -0.78 1.51
CA GLU A 45 14.91 0.19 0.50
C GLU A 45 14.62 -0.52 -0.82
N ALA A 46 15.54 -1.31 -1.31
CA ALA A 46 15.30 -2.02 -2.59
C ALA A 46 13.90 -2.63 -2.58
N GLU A 47 13.57 -3.37 -1.56
CA GLU A 47 12.22 -3.99 -1.49
C GLU A 47 11.20 -2.95 -1.03
N VAL A 48 11.58 -2.12 -0.09
CA VAL A 48 10.64 -1.07 0.41
C VAL A 48 10.26 -0.14 -0.73
N ASN A 49 11.21 0.60 -1.22
CA ASN A 49 10.93 1.54 -2.34
C ASN A 49 10.30 0.77 -3.51
N ASP A 50 10.76 -0.42 -3.77
CA ASP A 50 10.19 -1.23 -4.90
C ASP A 50 8.68 -1.36 -4.71
N LEU A 51 8.23 -1.62 -3.52
CA LEU A 51 6.78 -1.77 -3.28
C LEU A 51 6.06 -0.45 -3.57
N MET A 52 6.46 0.61 -2.93
CA MET A 52 5.82 1.93 -3.18
C MET A 52 5.81 2.25 -4.67
N ASN A 53 6.95 2.19 -5.30
CA ASN A 53 7.02 2.48 -6.77
C ASN A 53 5.87 1.78 -7.49
N GLU A 54 5.59 0.56 -7.13
CA GLU A 54 4.47 -0.19 -7.81
C GLU A 54 3.18 0.62 -7.70
N ILE A 55 2.98 1.32 -6.62
CA ILE A 55 1.73 2.12 -6.46
C ILE A 55 2.06 3.61 -6.46
N ASP A 56 3.31 3.96 -6.60
CA ASP A 56 3.68 5.40 -6.61
C ASP A 56 3.27 6.05 -7.93
N VAL A 57 2.00 6.32 -8.09
CA VAL A 57 1.52 6.96 -9.36
C VAL A 57 2.29 8.25 -9.61
N ASP A 58 2.65 8.96 -8.58
CA ASP A 58 3.40 10.23 -8.77
C ASP A 58 4.91 9.97 -8.76
N GLY A 59 5.33 8.92 -8.10
CA GLY A 59 6.79 8.61 -8.05
C GLY A 59 7.47 9.52 -7.03
N ASN A 60 6.97 9.57 -5.83
CA ASN A 60 7.59 10.44 -4.80
C ASN A 60 8.05 9.60 -3.60
N HIS A 61 8.41 8.36 -3.84
CA HIS A 61 8.86 7.49 -2.71
C HIS A 61 7.71 7.27 -1.72
N GLN A 62 6.52 7.67 -2.07
CA GLN A 62 5.37 7.47 -1.15
C GLN A 62 4.07 7.38 -1.96
N ILE A 63 3.10 6.68 -1.45
CA ILE A 63 1.81 6.55 -2.20
C ILE A 63 0.63 6.81 -1.26
N GLU A 64 -0.45 7.32 -1.78
CA GLU A 64 -1.63 7.60 -0.92
C GLU A 64 -2.60 6.40 -0.99
N PHE A 65 -3.71 6.48 -0.31
CA PHE A 65 -4.67 5.34 -0.35
C PHE A 65 -5.08 5.06 -1.80
N SER A 66 -5.87 5.93 -2.37
CA SER A 66 -6.34 5.73 -3.77
C SER A 66 -5.25 5.04 -4.61
N GLU A 67 -4.02 5.47 -4.48
CA GLU A 67 -2.93 4.83 -5.26
C GLU A 67 -2.84 3.37 -4.87
N PHE A 68 -2.86 3.09 -3.60
CA PHE A 68 -2.79 1.67 -3.14
C PHE A 68 -3.94 0.89 -3.78
N LEU A 69 -5.05 1.52 -3.98
CA LEU A 69 -6.21 0.82 -4.62
C LEU A 69 -5.92 0.58 -6.10
N ALA A 70 -5.55 1.60 -6.81
CA ALA A 70 -5.24 1.44 -8.26
C ALA A 70 -4.41 0.17 -8.47
N LEU A 71 -3.45 -0.06 -7.60
CA LEU A 71 -2.60 -1.28 -7.74
C LEU A 71 -3.28 -2.48 -7.08
N MET A 72 -4.03 -2.24 -6.05
CA MET A 72 -4.73 -3.37 -5.36
C MET A 72 -5.69 -4.07 -6.31
N SER A 73 -6.86 -3.51 -6.50
CA SER A 73 -7.84 -4.15 -7.43
C SER A 73 -7.14 -4.60 -8.72
N ARG A 74 -7.77 -5.44 -9.48
CA ARG A 74 -7.15 -5.92 -10.75
C ARG A 74 -5.71 -6.36 -10.49
N GLN A 75 -5.48 -7.06 -9.41
CA GLN A 75 -4.10 -7.52 -9.10
C GLN A 75 -3.75 -8.76 -9.95
N LEU A 76 -4.39 -9.86 -9.70
CA LEU A 76 -4.09 -11.09 -10.49
C LEU A 76 -5.07 -11.21 -11.66
N LYS A 77 -4.58 -11.58 -12.81
CA LYS A 77 -5.47 -11.72 -14.00
C LYS A 77 -6.37 -10.49 -14.11
CA CA B . 2.75 8.47 6.72
CA CA C . 2.31 8.78 -5.14
N SER A 1 -14.28 -12.49 -8.02
CA SER A 1 -14.75 -11.60 -6.93
C SER A 1 -16.27 -11.47 -6.97
N SER A 2 -16.83 -10.68 -6.08
CA SER A 2 -18.31 -10.52 -6.06
C SER A 2 -18.67 -9.07 -5.67
N ASN A 3 -18.52 -8.73 -4.42
CA ASN A 3 -18.86 -7.34 -3.99
C ASN A 3 -17.59 -6.50 -3.90
N LEU A 4 -17.39 -5.59 -4.83
CA LEU A 4 -16.17 -4.74 -4.79
C LEU A 4 -16.56 -3.28 -4.57
N THR A 5 -15.99 -2.37 -5.32
CA THR A 5 -16.34 -0.94 -5.15
C THR A 5 -16.24 -0.53 -3.68
N GLU A 6 -17.13 0.30 -3.20
CA GLU A 6 -17.08 0.72 -1.78
C GLU A 6 -16.76 -0.49 -0.88
N GLU A 7 -17.17 -1.66 -1.30
CA GLU A 7 -16.88 -2.87 -0.49
C GLU A 7 -15.39 -3.19 -0.55
N GLN A 8 -14.82 -3.18 -1.73
CA GLN A 8 -13.37 -3.45 -1.85
C GLN A 8 -12.59 -2.28 -1.26
N ILE A 9 -12.97 -1.08 -1.61
CA ILE A 9 -12.27 0.11 -1.07
C ILE A 9 -12.24 0.04 0.46
N ALA A 10 -13.38 0.06 1.08
CA ALA A 10 -13.42 -0.01 2.58
C ALA A 10 -12.43 -1.06 3.06
N GLU A 11 -12.46 -2.23 2.49
CA GLU A 11 -11.52 -3.29 2.92
C GLU A 11 -10.07 -2.85 2.65
N PHE A 12 -9.84 -2.27 1.51
CA PHE A 12 -8.47 -1.79 1.18
C PHE A 12 -8.03 -0.73 2.18
N LYS A 13 -8.86 0.26 2.41
CA LYS A 13 -8.51 1.32 3.40
C LYS A 13 -7.91 0.67 4.64
N GLU A 14 -8.61 -0.26 5.23
CA GLU A 14 -8.05 -0.94 6.44
C GLU A 14 -6.66 -1.45 6.13
N ALA A 15 -6.47 -2.07 4.99
CA ALA A 15 -5.12 -2.58 4.63
C ALA A 15 -4.16 -1.41 4.41
N PHE A 16 -4.55 -0.46 3.61
CA PHE A 16 -3.66 0.70 3.36
C PHE A 16 -3.06 1.19 4.68
N ALA A 17 -3.86 1.72 5.56
CA ALA A 17 -3.33 2.19 6.86
C ALA A 17 -2.36 1.15 7.43
N LEU A 18 -2.73 -0.10 7.41
CA LEU A 18 -1.82 -1.15 7.95
C LEU A 18 -0.41 -0.96 7.38
N PHE A 19 -0.31 -0.49 6.17
CA PHE A 19 1.04 -0.27 5.57
C PHE A 19 1.64 1.03 6.09
N ASP A 20 0.91 2.11 6.03
CA ASP A 20 1.44 3.40 6.54
C ASP A 20 1.77 3.28 8.03
N LYS A 21 2.38 4.28 8.60
CA LYS A 21 2.73 4.20 10.05
C LYS A 21 2.32 5.48 10.78
N ASP A 22 1.27 6.12 10.33
CA ASP A 22 0.83 7.38 11.01
C ASP A 22 -0.52 7.84 10.44
N ASN A 23 -1.31 6.92 9.93
CA ASN A 23 -2.64 7.30 9.38
C ASN A 23 -2.54 8.62 8.61
N ASN A 24 -1.39 8.91 8.06
CA ASN A 24 -1.23 10.18 7.29
C ASN A 24 -1.88 10.05 5.91
N GLY A 25 -2.54 8.95 5.65
CA GLY A 25 -3.19 8.77 4.32
C GLY A 25 -2.10 8.66 3.25
N SER A 26 -0.88 8.48 3.66
CA SER A 26 0.23 8.36 2.67
C SER A 26 1.22 7.30 3.14
N ILE A 27 1.89 6.65 2.22
CA ILE A 27 2.87 5.60 2.61
C ILE A 27 4.23 5.87 1.97
N SER A 28 5.24 5.14 2.35
CA SER A 28 6.58 5.33 1.75
C SER A 28 7.39 4.04 1.81
N SER A 29 8.65 4.08 1.51
CA SER A 29 9.48 2.84 1.56
C SER A 29 9.56 2.32 2.99
N SER A 30 9.68 3.19 3.95
CA SER A 30 9.77 2.73 5.36
C SER A 30 8.38 2.29 5.87
N GLU A 31 7.44 3.20 5.92
CA GLU A 31 6.08 2.82 6.40
C GLU A 31 5.66 1.47 5.83
N LEU A 32 5.54 1.36 4.53
CA LEU A 32 5.14 0.07 3.93
C LEU A 32 6.10 -1.04 4.37
N ALA A 33 7.37 -0.82 4.23
CA ALA A 33 8.35 -1.86 4.63
C ALA A 33 8.11 -2.29 6.09
N THR A 34 7.58 -1.40 6.88
CA THR A 34 7.32 -1.75 8.31
C THR A 34 6.32 -2.91 8.40
N VAL A 35 5.54 -3.11 7.37
CA VAL A 35 4.55 -4.23 7.39
C VAL A 35 5.25 -5.54 7.72
N MET A 36 6.55 -5.60 7.55
CA MET A 36 7.29 -6.85 7.85
C MET A 36 7.27 -7.13 9.36
N ARG A 37 6.81 -6.19 10.14
CA ARG A 37 6.77 -6.40 11.61
C ARG A 37 6.27 -7.81 11.94
N SER A 38 5.10 -8.15 11.47
CA SER A 38 4.56 -9.52 11.75
C SER A 38 5.33 -10.56 10.95
N LEU A 39 6.08 -10.14 9.96
CA LEU A 39 6.85 -11.13 9.15
C LEU A 39 8.35 -10.87 9.31
N GLY A 40 8.75 -10.30 10.41
CA GLY A 40 10.20 -10.03 10.63
C GLY A 40 10.56 -8.68 10.01
N LEU A 41 10.28 -7.61 10.70
CA LEU A 41 10.59 -6.26 10.16
C LEU A 41 12.08 -6.18 9.77
N SER A 42 12.38 -6.40 8.52
CA SER A 42 13.81 -6.33 8.07
C SER A 42 13.89 -6.50 6.55
N PRO A 43 13.20 -5.64 5.87
CA PRO A 43 13.19 -5.69 4.38
C PRO A 43 14.48 -5.08 3.82
N SER A 44 14.46 -4.69 2.58
CA SER A 44 15.68 -4.09 1.97
C SER A 44 15.29 -2.96 1.01
N GLU A 45 16.07 -1.91 0.95
CA GLU A 45 15.75 -0.77 0.04
C GLU A 45 15.08 -1.26 -1.24
N ALA A 46 15.69 -2.20 -1.93
CA ALA A 46 15.07 -2.72 -3.18
C ALA A 46 13.58 -2.97 -2.95
N GLU A 47 13.24 -3.90 -2.10
CA GLU A 47 11.81 -4.19 -1.83
C GLU A 47 11.15 -2.96 -1.20
N VAL A 48 11.71 -2.46 -0.13
CA VAL A 48 11.12 -1.25 0.53
C VAL A 48 10.70 -0.24 -0.52
N ASN A 49 11.66 0.38 -1.16
CA ASN A 49 11.34 1.38 -2.22
C ASN A 49 10.43 0.75 -3.28
N ASP A 50 10.69 -0.47 -3.66
CA ASP A 50 9.84 -1.13 -4.70
C ASP A 50 8.38 -1.13 -4.24
N LEU A 51 8.15 -1.27 -2.96
CA LEU A 51 6.74 -1.27 -2.45
C LEU A 51 6.13 0.12 -2.62
N MET A 52 6.74 1.12 -2.07
CA MET A 52 6.19 2.50 -2.19
C MET A 52 6.09 2.89 -3.67
N ASN A 53 7.15 2.71 -4.41
CA ASN A 53 7.12 3.07 -5.86
C ASN A 53 6.19 2.13 -6.62
N GLU A 54 5.99 0.94 -6.12
CA GLU A 54 5.08 -0.02 -6.83
C GLU A 54 3.70 0.61 -7.04
N ILE A 55 3.21 1.31 -6.07
CA ILE A 55 1.86 1.95 -6.22
C ILE A 55 2.00 3.46 -6.34
N ASP A 56 3.20 3.97 -6.28
CA ASP A 56 3.39 5.44 -6.39
C ASP A 56 2.97 5.93 -7.78
N VAL A 57 1.74 6.33 -7.93
CA VAL A 57 1.26 6.81 -9.26
C VAL A 57 2.11 7.98 -9.75
N ASP A 58 2.56 8.82 -8.86
CA ASP A 58 3.40 9.98 -9.28
C ASP A 58 4.88 9.68 -9.08
N GLY A 59 5.20 8.77 -8.19
CA GLY A 59 6.63 8.42 -7.96
C GLY A 59 7.30 9.51 -7.11
N ASN A 60 6.79 9.76 -5.94
CA ASN A 60 7.40 10.81 -5.07
C ASN A 60 7.91 10.18 -3.77
N HIS A 61 8.40 8.96 -3.85
CA HIS A 61 8.93 8.28 -2.63
C HIS A 61 7.79 8.00 -1.64
N GLN A 62 6.57 8.24 -2.05
CA GLN A 62 5.41 7.98 -1.14
C GLN A 62 4.14 7.80 -1.97
N ILE A 63 3.11 7.25 -1.39
CA ILE A 63 1.85 7.05 -2.15
C ILE A 63 0.65 7.47 -1.31
N GLU A 64 -0.54 7.28 -1.82
CA GLU A 64 -1.76 7.65 -1.05
C GLU A 64 -2.76 6.49 -1.11
N PHE A 65 -3.71 6.47 -0.22
CA PHE A 65 -4.70 5.34 -0.25
C PHE A 65 -5.16 5.08 -1.68
N SER A 66 -5.96 5.96 -2.23
CA SER A 66 -6.46 5.78 -3.63
C SER A 66 -5.37 5.13 -4.51
N GLU A 67 -4.15 5.54 -4.35
CA GLU A 67 -3.06 4.93 -5.17
C GLU A 67 -2.93 3.45 -4.79
N PHE A 68 -2.93 3.15 -3.52
CA PHE A 68 -2.83 1.74 -3.08
C PHE A 68 -3.97 0.95 -3.72
N LEU A 69 -5.09 1.58 -3.94
CA LEU A 69 -6.23 0.88 -4.58
C LEU A 69 -5.93 0.64 -6.06
N ALA A 70 -5.53 1.66 -6.76
CA ALA A 70 -5.21 1.49 -8.20
C ALA A 70 -4.36 0.24 -8.40
N LEU A 71 -3.42 0.00 -7.54
CA LEU A 71 -2.56 -1.22 -7.67
C LEU A 71 -3.24 -2.41 -7.00
N MET A 72 -4.05 -2.17 -6.01
CA MET A 72 -4.75 -3.30 -5.32
C MET A 72 -5.74 -3.95 -6.27
N SER A 73 -6.91 -3.40 -6.40
CA SER A 73 -7.93 -4.00 -7.30
C SER A 73 -7.28 -4.42 -8.63
N ARG A 74 -6.21 -3.78 -9.00
CA ARG A 74 -5.53 -4.15 -10.27
C ARG A 74 -4.54 -5.30 -10.03
N GLN A 75 -5.01 -6.52 -10.11
CA GLN A 75 -4.10 -7.68 -9.89
C GLN A 75 -4.48 -8.83 -10.82
N LEU A 76 -3.67 -9.85 -10.86
CA LEU A 76 -3.98 -11.01 -11.75
C LEU A 76 -3.76 -12.33 -11.01
N LYS A 77 -4.18 -13.42 -11.57
CA LYS A 77 -4.00 -14.73 -10.90
C LYS A 77 -4.54 -15.86 -11.78
CA CA B . 2.69 8.78 5.81
CA CA C . 2.04 9.32 -4.50
N SER A 1 -13.89 -13.37 -2.12
CA SER A 1 -14.88 -12.28 -2.35
C SER A 1 -15.10 -12.07 -3.85
N SER A 2 -16.33 -12.07 -4.29
CA SER A 2 -16.61 -11.87 -5.74
C SER A 2 -16.86 -10.39 -6.02
N ASN A 3 -17.69 -9.76 -5.23
CA ASN A 3 -17.98 -8.31 -5.46
C ASN A 3 -16.92 -7.44 -4.77
N LEU A 4 -16.50 -6.39 -5.42
CA LEU A 4 -15.47 -5.50 -4.79
C LEU A 4 -16.02 -4.08 -4.65
N THR A 5 -15.54 -3.16 -5.45
CA THR A 5 -16.06 -1.76 -5.34
C THR A 5 -15.98 -1.28 -3.88
N GLU A 6 -16.92 -0.48 -3.46
CA GLU A 6 -16.90 0.03 -2.06
C GLU A 6 -16.53 -1.11 -1.10
N GLU A 7 -16.91 -2.32 -1.43
CA GLU A 7 -16.58 -3.46 -0.55
C GLU A 7 -15.07 -3.67 -0.53
N GLN A 8 -14.45 -3.69 -1.69
CA GLN A 8 -12.98 -3.88 -1.74
C GLN A 8 -12.30 -2.60 -1.23
N ILE A 9 -12.75 -1.47 -1.69
CA ILE A 9 -12.15 -0.19 -1.23
C ILE A 9 -12.19 -0.12 0.29
N ALA A 10 -13.35 -0.10 0.88
CA ALA A 10 -13.44 -0.04 2.36
C ALA A 10 -12.43 -1.02 2.98
N GLU A 11 -12.40 -2.24 2.50
CA GLU A 11 -11.43 -3.22 3.05
C GLU A 11 -10.00 -2.73 2.81
N PHE A 12 -9.74 -2.19 1.65
CA PHE A 12 -8.37 -1.68 1.36
C PHE A 12 -8.06 -0.50 2.29
N LYS A 13 -8.93 0.46 2.36
CA LYS A 13 -8.69 1.64 3.25
C LYS A 13 -8.11 1.16 4.57
N GLU A 14 -8.78 0.24 5.22
CA GLU A 14 -8.25 -0.27 6.51
C GLU A 14 -6.82 -0.79 6.30
N ALA A 15 -6.62 -1.55 5.25
CA ALA A 15 -5.24 -2.07 4.97
C ALA A 15 -4.30 -0.91 4.69
N PHE A 16 -4.69 0.01 3.84
CA PHE A 16 -3.80 1.16 3.55
C PHE A 16 -3.23 1.71 4.85
N ALA A 17 -4.07 2.20 5.72
CA ALA A 17 -3.57 2.74 7.01
C ALA A 17 -2.52 1.77 7.58
N LEU A 18 -2.82 0.51 7.62
CA LEU A 18 -1.84 -0.47 8.16
C LEU A 18 -0.48 -0.20 7.52
N PHE A 19 -0.45 0.03 6.24
CA PHE A 19 0.85 0.32 5.56
C PHE A 19 1.38 1.68 6.02
N ASP A 20 0.54 2.67 6.02
CA ASP A 20 0.97 4.03 6.46
C ASP A 20 1.11 4.07 7.99
N LYS A 21 2.12 3.42 8.52
CA LYS A 21 2.30 3.41 9.99
C LYS A 21 2.12 4.81 10.58
N ASP A 22 2.32 5.83 9.78
CA ASP A 22 2.15 7.22 10.30
C ASP A 22 0.70 7.66 10.18
N ASN A 23 -0.08 6.96 9.40
CA ASN A 23 -1.51 7.34 9.23
C ASN A 23 -1.63 8.74 8.63
N ASN A 24 -0.59 9.22 8.00
CA ASN A 24 -0.64 10.57 7.40
C ASN A 24 -1.38 10.51 6.05
N GLY A 25 -1.97 9.38 5.74
CA GLY A 25 -2.69 9.26 4.45
C GLY A 25 -1.68 9.02 3.33
N SER A 26 -0.46 8.67 3.68
CA SER A 26 0.57 8.40 2.65
C SER A 26 1.50 7.28 3.11
N ILE A 27 1.94 6.45 2.21
CA ILE A 27 2.84 5.33 2.59
C ILE A 27 4.25 5.58 2.03
N SER A 28 5.26 5.35 2.83
CA SER A 28 6.65 5.57 2.35
C SER A 28 7.37 4.23 2.18
N SER A 29 8.68 4.25 2.13
CA SER A 29 9.44 2.97 1.96
C SER A 29 9.20 2.07 3.18
N SER A 30 10.02 2.20 4.19
CA SER A 30 9.85 1.34 5.40
C SER A 30 8.36 1.23 5.77
N GLU A 31 7.65 2.33 5.72
CA GLU A 31 6.21 2.29 6.08
C GLU A 31 5.54 1.05 5.46
N LEU A 32 5.53 0.97 4.16
CA LEU A 32 4.89 -0.21 3.50
C LEU A 32 5.58 -1.50 3.96
N ALA A 33 6.88 -1.52 3.95
CA ALA A 33 7.62 -2.75 4.38
C ALA A 33 7.38 -3.01 5.87
N THR A 34 6.89 -2.04 6.58
CA THR A 34 6.64 -2.23 8.04
C THR A 34 5.73 -3.44 8.26
N VAL A 35 4.75 -3.63 7.41
CA VAL A 35 3.83 -4.79 7.58
C VAL A 35 4.40 -6.02 6.87
N MET A 36 5.59 -5.92 6.35
CA MET A 36 6.20 -7.09 5.65
C MET A 36 7.05 -7.91 6.62
N ARG A 37 8.20 -7.42 6.97
CA ARG A 37 9.08 -8.17 7.91
C ARG A 37 8.25 -8.75 9.06
N SER A 38 7.15 -8.13 9.37
CA SER A 38 6.30 -8.64 10.48
C SER A 38 5.80 -10.05 10.16
N LEU A 39 4.69 -10.16 9.49
CA LEU A 39 4.15 -11.50 9.14
C LEU A 39 4.41 -11.80 7.66
N GLY A 40 5.41 -11.21 7.08
CA GLY A 40 5.72 -11.47 5.65
C GLY A 40 7.21 -11.73 5.48
N LEU A 41 8.00 -10.70 5.34
CA LEU A 41 9.46 -10.90 5.17
C LEU A 41 10.18 -9.54 5.15
N SER A 42 11.40 -9.50 5.63
CA SER A 42 12.14 -8.21 5.64
C SER A 42 13.24 -8.24 4.58
N PRO A 43 12.88 -7.80 3.40
CA PRO A 43 13.85 -7.77 2.27
C PRO A 43 14.86 -6.64 2.47
N SER A 44 14.57 -5.47 1.97
CA SER A 44 15.52 -4.33 2.13
C SER A 44 15.02 -3.11 1.36
N GLU A 45 15.53 -1.95 1.67
CA GLU A 45 15.08 -0.70 0.97
C GLU A 45 14.80 -0.99 -0.50
N ALA A 46 15.64 -1.74 -1.16
CA ALA A 46 15.39 -2.05 -2.59
C ALA A 46 13.97 -2.59 -2.77
N GLU A 47 13.62 -3.59 -2.01
CA GLU A 47 12.25 -4.16 -2.12
C GLU A 47 11.25 -3.25 -1.41
N VAL A 48 11.71 -2.51 -0.44
CA VAL A 48 10.80 -1.59 0.30
C VAL A 48 10.39 -0.44 -0.62
N ASN A 49 11.34 0.39 -0.98
CA ASN A 49 11.04 1.53 -1.89
C ASN A 49 10.32 1.01 -3.15
N ASP A 50 10.73 -0.13 -3.64
CA ASP A 50 10.08 -0.69 -4.86
C ASP A 50 8.56 -0.77 -4.64
N LEU A 51 8.15 -1.33 -3.53
CA LEU A 51 6.68 -1.43 -3.26
C LEU A 51 6.06 -0.04 -3.27
N MET A 52 6.55 0.85 -2.46
CA MET A 52 5.99 2.23 -2.42
C MET A 52 5.89 2.79 -3.84
N ASN A 53 6.97 2.76 -4.57
CA ASN A 53 6.95 3.28 -5.97
C ASN A 53 5.98 2.46 -6.83
N GLU A 54 6.14 1.16 -6.83
CA GLU A 54 5.22 0.31 -7.64
C GLU A 54 3.77 0.79 -7.48
N ILE A 55 3.30 0.87 -6.28
CA ILE A 55 1.90 1.34 -6.05
C ILE A 55 1.80 2.85 -6.24
N ASP A 56 2.93 3.52 -6.31
CA ASP A 56 2.90 5.00 -6.48
C ASP A 56 2.36 5.35 -7.87
N VAL A 57 1.89 6.57 -8.03
CA VAL A 57 1.34 6.98 -9.36
C VAL A 57 2.05 8.26 -9.82
N ASP A 58 2.37 9.14 -8.92
CA ASP A 58 3.07 10.39 -9.32
C ASP A 58 4.57 10.28 -9.06
N GLY A 59 4.97 9.28 -8.32
CA GLY A 59 6.43 9.11 -8.03
C GLY A 59 6.85 10.12 -6.96
N ASN A 60 6.46 9.90 -5.73
CA ASN A 60 6.85 10.85 -4.65
C ASN A 60 7.47 10.10 -3.47
N HIS A 61 8.12 9.00 -3.73
CA HIS A 61 8.74 8.21 -2.63
C HIS A 61 7.68 7.68 -1.68
N GLN A 62 6.43 7.80 -2.05
CA GLN A 62 5.33 7.29 -1.17
C GLN A 62 4.00 7.32 -1.92
N ILE A 63 3.02 6.62 -1.42
CA ILE A 63 1.69 6.61 -2.09
C ILE A 63 0.57 6.81 -1.08
N GLU A 64 -0.56 7.31 -1.52
CA GLU A 64 -1.70 7.52 -0.59
C GLU A 64 -2.67 6.34 -0.68
N PHE A 65 -3.87 6.49 -0.20
CA PHE A 65 -4.83 5.36 -0.28
C PHE A 65 -5.19 5.08 -1.74
N SER A 66 -5.97 5.94 -2.34
CA SER A 66 -6.38 5.73 -3.77
C SER A 66 -5.24 5.08 -4.56
N GLU A 67 -4.02 5.47 -4.35
CA GLU A 67 -2.90 4.84 -5.09
C GLU A 67 -2.80 3.37 -4.69
N PHE A 68 -2.88 3.09 -3.42
CA PHE A 68 -2.82 1.68 -2.95
C PHE A 68 -3.92 0.87 -3.66
N LEU A 69 -5.02 1.52 -3.98
CA LEU A 69 -6.12 0.81 -4.68
C LEU A 69 -5.76 0.63 -6.15
N ALA A 70 -5.13 1.61 -6.74
CA ALA A 70 -4.75 1.50 -8.18
C ALA A 70 -3.94 0.21 -8.41
N LEU A 71 -2.95 -0.03 -7.60
CA LEU A 71 -2.13 -1.27 -7.78
C LEU A 71 -2.80 -2.45 -7.08
N MET A 72 -3.29 -2.26 -5.89
CA MET A 72 -3.95 -3.38 -5.16
C MET A 72 -4.96 -4.07 -6.06
N SER A 73 -6.14 -3.51 -6.19
CA SER A 73 -7.17 -4.15 -7.06
C SER A 73 -6.76 -4.06 -8.53
N ARG A 74 -6.24 -5.12 -9.08
CA ARG A 74 -5.81 -5.10 -10.51
C ARG A 74 -4.68 -4.08 -10.70
N GLN A 75 -4.50 -3.61 -11.92
CA GLN A 75 -3.41 -2.62 -12.16
C GLN A 75 -4.01 -1.23 -12.38
N LEU A 76 -3.33 -0.39 -13.12
CA LEU A 76 -3.86 0.98 -13.37
C LEU A 76 -5.25 0.90 -13.99
N LYS A 77 -5.38 0.25 -15.12
CA LYS A 77 -6.72 0.13 -15.78
C LYS A 77 -7.74 -0.45 -14.79
CA CA B . 3.20 8.51 6.31
CA CA C . 1.83 9.20 -4.42
N SER A 1 -15.65 -13.75 -9.68
CA SER A 1 -16.77 -12.80 -9.40
C SER A 1 -16.43 -11.92 -8.19
N SER A 2 -15.72 -10.85 -8.40
CA SER A 2 -15.36 -9.96 -7.26
C SER A 2 -16.15 -8.65 -7.34
N ASN A 3 -15.63 -7.67 -8.02
CA ASN A 3 -16.36 -6.37 -8.13
C ASN A 3 -16.94 -5.98 -6.78
N LEU A 4 -16.10 -5.64 -5.84
CA LEU A 4 -16.61 -5.24 -4.49
C LEU A 4 -16.68 -3.72 -4.38
N THR A 5 -15.97 -3.02 -5.24
CA THR A 5 -15.99 -1.52 -5.20
C THR A 5 -16.07 -1.01 -3.75
N GLU A 6 -17.00 -0.14 -3.44
CA GLU A 6 -17.10 0.39 -2.04
C GLU A 6 -16.79 -0.73 -1.04
N GLU A 7 -17.09 -1.94 -1.39
CA GLU A 7 -16.79 -3.07 -0.47
C GLU A 7 -15.30 -3.35 -0.49
N GLN A 8 -14.71 -3.37 -1.65
CA GLN A 8 -13.23 -3.61 -1.72
C GLN A 8 -12.50 -2.37 -1.23
N ILE A 9 -12.90 -1.21 -1.69
CA ILE A 9 -12.25 0.05 -1.24
C ILE A 9 -12.28 0.12 0.29
N ALA A 10 -13.45 0.19 0.87
CA ALA A 10 -13.54 0.26 2.35
C ALA A 10 -12.56 -0.74 2.97
N GLU A 11 -12.59 -1.96 2.50
CA GLU A 11 -11.66 -2.98 3.05
C GLU A 11 -10.21 -2.56 2.79
N PHE A 12 -9.96 -2.01 1.63
CA PHE A 12 -8.58 -1.55 1.32
C PHE A 12 -8.18 -0.41 2.26
N LYS A 13 -9.01 0.59 2.37
CA LYS A 13 -8.69 1.73 3.29
C LYS A 13 -8.13 1.18 4.60
N GLU A 14 -8.85 0.31 5.25
CA GLU A 14 -8.33 -0.26 6.52
C GLU A 14 -6.96 -0.88 6.27
N ALA A 15 -6.82 -1.60 5.19
CA ALA A 15 -5.49 -2.22 4.88
C ALA A 15 -4.47 -1.12 4.62
N PHE A 16 -4.78 -0.18 3.78
CA PHE A 16 -3.81 0.92 3.50
C PHE A 16 -3.20 1.41 4.81
N ALA A 17 -4.01 1.96 5.68
CA ALA A 17 -3.47 2.45 6.98
C ALA A 17 -2.51 1.41 7.56
N LEU A 18 -2.90 0.17 7.55
CA LEU A 18 -1.99 -0.89 8.08
C LEU A 18 -0.62 -0.77 7.43
N PHE A 19 -0.58 -0.48 6.16
CA PHE A 19 0.73 -0.34 5.46
C PHE A 19 1.46 0.90 6.00
N ASP A 20 0.73 1.95 6.25
CA ASP A 20 1.37 3.19 6.77
C ASP A 20 1.53 3.10 8.30
N LYS A 21 2.41 3.88 8.86
CA LYS A 21 2.61 3.84 10.34
C LYS A 21 2.21 5.18 10.96
N ASP A 22 1.76 6.11 10.17
CA ASP A 22 1.36 7.43 10.71
C ASP A 22 -0.10 7.74 10.35
N ASN A 23 -0.66 6.98 9.45
CA ASN A 23 -2.08 7.22 9.05
C ASN A 23 -2.22 8.59 8.40
N ASN A 24 -1.16 9.09 7.82
CA ASN A 24 -1.24 10.42 7.17
C ASN A 24 -1.79 10.29 5.75
N GLY A 25 -2.40 9.17 5.44
CA GLY A 25 -2.96 8.97 4.08
C GLY A 25 -1.80 8.77 3.09
N SER A 26 -0.61 8.57 3.59
CA SER A 26 0.55 8.37 2.68
C SER A 26 1.53 7.37 3.30
N ILE A 27 2.17 6.57 2.49
CA ILE A 27 3.14 5.58 3.03
C ILE A 27 4.52 5.77 2.39
N SER A 28 5.53 5.97 3.19
CA SER A 28 6.89 6.17 2.64
C SER A 28 7.51 4.82 2.25
N SER A 29 8.78 4.78 1.97
CA SER A 29 9.44 3.50 1.59
C SER A 29 9.32 2.49 2.74
N SER A 30 9.97 2.75 3.84
CA SER A 30 9.89 1.81 5.00
C SER A 30 8.45 1.70 5.50
N GLU A 31 7.74 2.80 5.55
CA GLU A 31 6.34 2.76 6.04
C GLU A 31 5.61 1.56 5.44
N LEU A 32 5.55 1.48 4.13
CA LEU A 32 4.84 0.32 3.49
C LEU A 32 5.55 -0.99 3.84
N ALA A 33 6.85 -1.03 3.69
CA ALA A 33 7.59 -2.29 4.02
C ALA A 33 7.36 -2.68 5.47
N THR A 34 7.01 -1.73 6.30
CA THR A 34 6.78 -2.06 7.74
C THR A 34 5.75 -3.19 7.86
N VAL A 35 4.99 -3.43 6.83
CA VAL A 35 3.98 -4.51 6.90
C VAL A 35 4.65 -5.85 7.19
N MET A 36 5.62 -6.23 6.41
CA MET A 36 6.31 -7.53 6.65
C MET A 36 7.75 -7.28 7.13
N ARG A 37 8.42 -6.32 6.55
CA ARG A 37 9.81 -6.03 6.98
C ARG A 37 9.91 -6.01 8.50
N SER A 38 8.83 -5.74 9.18
CA SER A 38 8.86 -5.71 10.67
C SER A 38 8.54 -7.10 11.23
N LEU A 39 7.41 -7.64 10.88
CA LEU A 39 7.04 -8.99 11.40
C LEU A 39 6.85 -9.96 10.24
N GLY A 40 7.80 -10.04 9.35
CA GLY A 40 7.66 -10.97 8.18
C GLY A 40 8.71 -10.62 7.13
N LEU A 41 9.74 -11.41 7.01
CA LEU A 41 10.80 -11.12 6.01
C LEU A 41 11.36 -9.71 6.21
N SER A 42 12.52 -9.44 5.68
CA SER A 42 13.11 -8.08 5.85
C SER A 42 13.67 -7.57 4.52
N PRO A 43 12.79 -6.98 3.74
CA PRO A 43 13.20 -6.44 2.42
C PRO A 43 14.02 -5.15 2.59
N SER A 44 15.16 -5.08 1.96
CA SER A 44 16.00 -3.86 2.09
C SER A 44 15.42 -2.72 1.24
N GLU A 45 15.84 -1.51 1.48
CA GLU A 45 15.32 -0.34 0.71
C GLU A 45 15.04 -0.74 -0.75
N ALA A 46 15.95 -1.42 -1.37
CA ALA A 46 15.72 -1.84 -2.79
C ALA A 46 14.31 -2.42 -2.94
N GLU A 47 13.98 -3.40 -2.14
CA GLU A 47 12.61 -4.00 -2.23
C GLU A 47 11.60 -3.09 -1.54
N VAL A 48 11.99 -2.47 -0.47
CA VAL A 48 11.06 -1.56 0.27
C VAL A 48 10.66 -0.41 -0.65
N ASN A 49 11.60 0.44 -0.96
CA ASN A 49 11.31 1.60 -1.86
C ASN A 49 10.66 1.10 -3.14
N ASP A 50 11.10 -0.01 -3.67
CA ASP A 50 10.49 -0.54 -4.92
C ASP A 50 8.99 -0.77 -4.71
N LEU A 51 8.62 -1.32 -3.58
CA LEU A 51 7.17 -1.56 -3.32
C LEU A 51 6.41 -0.23 -3.37
N MET A 52 6.81 0.72 -2.58
CA MET A 52 6.11 2.04 -2.59
C MET A 52 5.91 2.52 -4.03
N ASN A 53 6.97 2.62 -4.78
CA ASN A 53 6.83 3.08 -6.20
C ASN A 53 5.82 2.22 -6.95
N GLU A 54 5.99 0.93 -6.94
CA GLU A 54 5.03 0.05 -7.65
C GLU A 54 3.59 0.44 -7.30
N ILE A 55 3.28 0.53 -6.04
CA ILE A 55 1.88 0.91 -5.65
C ILE A 55 1.71 2.43 -5.73
N ASP A 56 2.73 3.14 -6.13
CA ASP A 56 2.62 4.62 -6.22
C ASP A 56 2.01 5.02 -7.57
N VAL A 57 1.86 6.29 -7.81
CA VAL A 57 1.29 6.75 -9.10
C VAL A 57 1.98 8.04 -9.56
N ASP A 58 2.33 8.90 -8.65
CA ASP A 58 3.02 10.17 -9.04
C ASP A 58 4.53 10.01 -8.89
N GLY A 59 4.98 9.01 -8.18
CA GLY A 59 6.44 8.81 -7.99
C GLY A 59 6.99 9.85 -7.02
N ASN A 60 6.70 9.70 -5.76
CA ASN A 60 7.20 10.67 -4.75
C ASN A 60 7.80 9.95 -3.55
N HIS A 61 8.26 8.73 -3.75
CA HIS A 61 8.87 7.96 -2.62
C HIS A 61 7.78 7.60 -1.60
N GLN A 62 6.54 7.90 -1.90
CA GLN A 62 5.44 7.57 -0.95
C GLN A 62 4.13 7.38 -1.72
N ILE A 63 3.22 6.62 -1.20
CA ILE A 63 1.94 6.40 -1.92
C ILE A 63 0.74 6.78 -1.02
N GLU A 64 -0.36 7.15 -1.61
CA GLU A 64 -1.55 7.51 -0.79
C GLU A 64 -2.60 6.39 -0.92
N PHE A 65 -3.58 6.37 -0.07
CA PHE A 65 -4.60 5.30 -0.16
C PHE A 65 -5.03 5.09 -1.62
N SER A 66 -5.76 6.04 -2.17
CA SER A 66 -6.22 5.92 -3.59
C SER A 66 -5.16 5.23 -4.45
N GLU A 67 -3.90 5.51 -4.22
CA GLU A 67 -2.84 4.85 -5.02
C GLU A 67 -2.79 3.36 -4.68
N PHE A 68 -2.89 3.04 -3.41
CA PHE A 68 -2.87 1.62 -3.00
C PHE A 68 -4.00 0.86 -3.74
N LEU A 69 -5.10 1.52 -3.98
CA LEU A 69 -6.22 0.87 -4.70
C LEU A 69 -5.84 0.66 -6.16
N ALA A 70 -5.15 1.60 -6.74
CA ALA A 70 -4.74 1.47 -8.16
C ALA A 70 -3.87 0.23 -8.35
N LEU A 71 -2.92 0.02 -7.47
CA LEU A 71 -2.04 -1.18 -7.59
C LEU A 71 -2.70 -2.39 -6.92
N MET A 72 -3.58 -2.15 -5.99
CA MET A 72 -4.25 -3.28 -5.29
C MET A 72 -5.37 -3.84 -6.17
N SER A 73 -6.42 -3.09 -6.36
CA SER A 73 -7.54 -3.59 -7.21
C SER A 73 -7.17 -3.50 -8.69
N ARG A 74 -7.49 -4.51 -9.46
CA ARG A 74 -7.15 -4.49 -10.90
C ARG A 74 -5.74 -3.94 -11.11
N GLN A 75 -4.77 -4.80 -11.18
CA GLN A 75 -3.37 -4.33 -11.39
C GLN A 75 -3.22 -3.68 -12.77
N LEU A 76 -2.04 -3.65 -13.30
CA LEU A 76 -1.83 -3.04 -14.64
C LEU A 76 -2.53 -1.68 -14.71
N LYS A 77 -1.87 -0.64 -14.28
CA LYS A 77 -2.50 0.71 -14.32
C LYS A 77 -3.23 0.92 -15.65
CA CA B . 2.68 8.46 6.87
CA CA C . 2.08 9.01 -4.18
N SER A 1 -21.38 -11.61 -3.40
CA SER A 1 -22.63 -10.80 -3.53
C SER A 1 -22.29 -9.36 -3.92
N SER A 2 -21.34 -8.76 -3.27
CA SER A 2 -20.96 -7.35 -3.60
C SER A 2 -19.61 -7.01 -2.98
N ASN A 3 -18.74 -7.98 -2.83
CA ASN A 3 -17.41 -7.71 -2.24
C ASN A 3 -16.55 -6.91 -3.22
N LEU A 4 -17.02 -5.77 -3.65
CA LEU A 4 -16.23 -4.95 -4.61
C LEU A 4 -16.53 -3.47 -4.39
N THR A 5 -15.97 -2.62 -5.20
CA THR A 5 -16.24 -1.17 -5.04
C THR A 5 -16.16 -0.76 -3.56
N GLU A 6 -17.07 0.07 -3.11
CA GLU A 6 -17.05 0.51 -1.69
C GLU A 6 -16.70 -0.67 -0.77
N GLU A 7 -17.08 -1.85 -1.15
CA GLU A 7 -16.77 -3.04 -0.31
C GLU A 7 -15.26 -3.31 -0.38
N GLN A 8 -14.70 -3.32 -1.55
CA GLN A 8 -13.24 -3.56 -1.66
C GLN A 8 -12.49 -2.34 -1.12
N ILE A 9 -12.91 -1.16 -1.51
CA ILE A 9 -12.23 0.07 -1.00
C ILE A 9 -12.20 0.05 0.52
N ALA A 10 -13.35 0.07 1.14
CA ALA A 10 -13.37 0.06 2.64
C ALA A 10 -12.37 -0.97 3.16
N GLU A 11 -12.39 -2.16 2.62
CA GLU A 11 -11.44 -3.20 3.08
C GLU A 11 -10.01 -2.74 2.80
N PHE A 12 -9.78 -2.14 1.66
CA PHE A 12 -8.42 -1.66 1.32
C PHE A 12 -8.01 -0.54 2.28
N LYS A 13 -8.84 0.46 2.43
CA LYS A 13 -8.51 1.58 3.35
C LYS A 13 -7.90 1.03 4.64
N GLU A 14 -8.58 0.12 5.29
CA GLU A 14 -8.03 -0.47 6.53
C GLU A 14 -6.64 -1.04 6.24
N ALA A 15 -6.51 -1.76 5.14
CA ALA A 15 -5.19 -2.33 4.78
C ALA A 15 -4.20 -1.21 4.48
N PHE A 16 -4.60 -0.24 3.70
CA PHE A 16 -3.67 0.87 3.37
C PHE A 16 -3.00 1.36 4.66
N ALA A 17 -3.77 1.90 5.57
CA ALA A 17 -3.18 2.40 6.84
C ALA A 17 -2.19 1.37 7.38
N LEU A 18 -2.58 0.12 7.43
CA LEU A 18 -1.64 -0.93 7.92
C LEU A 18 -0.27 -0.74 7.28
N PHE A 19 -0.24 -0.32 6.05
CA PHE A 19 1.07 -0.12 5.36
C PHE A 19 1.75 1.15 5.90
N ASP A 20 0.98 2.20 6.08
CA ASP A 20 1.56 3.46 6.61
C ASP A 20 1.85 3.33 8.11
N LYS A 21 2.50 4.29 8.69
CA LYS A 21 2.80 4.20 10.14
C LYS A 21 2.23 5.41 10.89
N ASP A 22 1.25 6.06 10.32
CA ASP A 22 0.65 7.26 10.99
C ASP A 22 -0.65 7.68 10.29
N ASN A 23 -1.29 6.78 9.61
CA ASN A 23 -2.56 7.12 8.91
C ASN A 23 -2.46 8.50 8.24
N ASN A 24 -1.33 8.84 7.70
CA ASN A 24 -1.18 10.16 7.03
C ASN A 24 -1.78 10.12 5.62
N GLY A 25 -2.46 9.05 5.29
CA GLY A 25 -3.05 8.94 3.93
C GLY A 25 -1.91 8.80 2.91
N SER A 26 -0.72 8.54 3.38
CA SER A 26 0.44 8.41 2.47
C SER A 26 1.46 7.42 3.06
N ILE A 27 1.93 6.51 2.27
CA ILE A 27 2.92 5.51 2.79
C ILE A 27 4.30 5.72 2.14
N SER A 28 5.33 5.80 2.93
CA SER A 28 6.69 6.00 2.36
C SER A 28 7.39 4.64 2.18
N SER A 29 8.66 4.64 1.95
CA SER A 29 9.40 3.36 1.76
C SER A 29 9.34 2.52 3.04
N SER A 30 9.80 3.05 4.13
CA SER A 30 9.78 2.29 5.42
C SER A 30 8.33 2.00 5.83
N GLU A 31 7.50 3.00 5.86
CA GLU A 31 6.08 2.80 6.25
C GLU A 31 5.53 1.52 5.60
N LEU A 32 5.37 1.53 4.30
CA LEU A 32 4.84 0.33 3.61
C LEU A 32 5.61 -0.92 4.05
N ALA A 33 6.89 -0.81 4.25
CA ALA A 33 7.69 -1.99 4.68
C ALA A 33 7.38 -2.34 6.13
N THR A 34 6.80 -1.43 6.86
CA THR A 34 6.47 -1.71 8.28
C THR A 34 5.29 -2.69 8.37
N VAL A 35 4.74 -3.07 7.25
CA VAL A 35 3.60 -4.03 7.27
C VAL A 35 4.10 -5.46 7.03
N MET A 36 5.23 -5.60 6.38
CA MET A 36 5.76 -6.96 6.11
C MET A 36 7.04 -7.20 6.93
N ARG A 37 8.02 -6.35 6.77
CA ARG A 37 9.28 -6.53 7.54
C ARG A 37 8.98 -6.74 9.02
N SER A 38 7.85 -6.27 9.48
CA SER A 38 7.50 -6.45 10.92
C SER A 38 7.49 -7.93 11.28
N LEU A 39 6.39 -8.60 11.06
CA LEU A 39 6.32 -10.04 11.40
C LEU A 39 5.79 -10.84 10.20
N GLY A 40 5.72 -10.22 9.06
CA GLY A 40 5.21 -10.93 7.85
C GLY A 40 6.36 -11.11 6.84
N LEU A 41 7.47 -10.47 7.08
CA LEU A 41 8.62 -10.60 6.13
C LEU A 41 9.81 -9.76 6.62
N SER A 42 10.74 -9.49 5.75
CA SER A 42 11.92 -8.68 6.17
C SER A 42 12.83 -8.42 4.96
N PRO A 43 12.25 -7.83 3.95
CA PRO A 43 13.01 -7.51 2.72
C PRO A 43 13.95 -6.33 2.95
N SER A 44 14.38 -5.67 1.90
CA SER A 44 15.29 -4.51 2.08
C SER A 44 14.83 -3.35 1.20
N GLU A 45 15.41 -2.18 1.40
CA GLU A 45 15.02 -0.99 0.59
C GLU A 45 14.67 -1.39 -0.85
N ALA A 46 15.54 -2.11 -1.51
CA ALA A 46 15.24 -2.53 -2.91
C ALA A 46 13.78 -3.01 -3.00
N GLU A 47 13.39 -3.87 -2.11
CA GLU A 47 11.98 -4.37 -2.13
C GLU A 47 11.06 -3.33 -1.47
N VAL A 48 11.44 -2.83 -0.33
CA VAL A 48 10.61 -1.81 0.37
C VAL A 48 10.33 -0.65 -0.58
N ASN A 49 11.34 0.09 -0.94
CA ASN A 49 11.16 1.23 -1.88
C ASN A 49 10.45 0.75 -3.16
N ASP A 50 10.87 -0.37 -3.67
CA ASP A 50 10.22 -0.89 -4.92
C ASP A 50 8.71 -0.98 -4.72
N LEU A 51 8.28 -1.40 -3.56
CA LEU A 51 6.81 -1.51 -3.31
C LEU A 51 6.16 -0.13 -3.37
N MET A 52 6.62 0.79 -2.58
CA MET A 52 6.04 2.16 -2.60
C MET A 52 6.03 2.70 -4.03
N ASN A 53 7.15 2.64 -4.70
CA ASN A 53 7.20 3.15 -6.11
C ASN A 53 6.21 2.39 -6.98
N GLU A 54 6.25 1.08 -6.95
CA GLU A 54 5.30 0.29 -7.78
C GLU A 54 3.89 0.86 -7.66
N ILE A 55 3.55 1.39 -6.51
CA ILE A 55 2.19 1.96 -6.33
C ILE A 55 2.24 3.48 -6.38
N ASP A 56 3.42 4.05 -6.24
CA ASP A 56 3.53 5.54 -6.29
C ASP A 56 3.11 6.06 -7.66
N VAL A 57 1.84 6.10 -7.93
CA VAL A 57 1.37 6.59 -9.25
C VAL A 57 2.08 7.91 -9.60
N ASP A 58 2.36 8.72 -8.62
CA ASP A 58 3.06 10.01 -8.90
C ASP A 58 4.57 9.84 -8.73
N GLY A 59 4.98 9.00 -7.82
CA GLY A 59 6.44 8.79 -7.61
C GLY A 59 6.94 9.81 -6.58
N ASN A 60 6.23 10.00 -5.50
CA ASN A 60 6.67 10.98 -4.47
C ASN A 60 7.33 10.25 -3.30
N HIS A 61 8.06 9.20 -3.58
CA HIS A 61 8.72 8.44 -2.48
C HIS A 61 7.66 7.86 -1.53
N GLN A 62 6.42 7.89 -1.94
CA GLN A 62 5.34 7.33 -1.08
C GLN A 62 4.03 7.25 -1.88
N ILE A 63 3.06 6.54 -1.37
CA ILE A 63 1.77 6.42 -2.09
C ILE A 63 0.61 6.78 -1.17
N GLU A 64 -0.50 7.18 -1.74
CA GLU A 64 -1.68 7.53 -0.89
C GLU A 64 -2.70 6.40 -0.97
N PHE A 65 -3.72 6.43 -0.15
CA PHE A 65 -4.72 5.33 -0.19
C PHE A 65 -5.12 5.04 -1.64
N SER A 66 -5.90 5.92 -2.23
CA SER A 66 -6.34 5.71 -3.64
C SER A 66 -5.24 5.05 -4.47
N GLU A 67 -4.02 5.49 -4.30
CA GLU A 67 -2.91 4.86 -5.08
C GLU A 67 -2.81 3.38 -4.73
N PHE A 68 -2.93 3.05 -3.48
CA PHE A 68 -2.88 1.62 -3.08
C PHE A 68 -4.01 0.85 -3.77
N LEU A 69 -5.13 1.49 -3.98
CA LEU A 69 -6.26 0.80 -4.66
C LEU A 69 -5.92 0.58 -6.13
N ALA A 70 -5.19 1.50 -6.72
CA ALA A 70 -4.81 1.34 -8.16
C ALA A 70 -3.95 0.09 -8.34
N LEU A 71 -2.97 -0.09 -7.48
CA LEU A 71 -2.10 -1.29 -7.60
C LEU A 71 -2.75 -2.48 -6.89
N MET A 72 -3.56 -2.22 -5.89
CA MET A 72 -4.22 -3.34 -5.16
C MET A 72 -5.45 -3.82 -5.93
N SER A 73 -6.37 -2.92 -6.21
CA SER A 73 -7.59 -3.32 -6.96
C SER A 73 -8.20 -4.59 -6.36
N ARG A 74 -7.81 -5.74 -6.86
CA ARG A 74 -8.37 -7.02 -6.31
C ARG A 74 -7.73 -8.21 -7.01
N GLN A 75 -7.78 -8.25 -8.32
CA GLN A 75 -7.17 -9.39 -9.06
C GLN A 75 -5.68 -9.15 -9.26
N LEU A 76 -5.09 -9.79 -10.23
CA LEU A 76 -3.63 -9.60 -10.48
C LEU A 76 -3.36 -9.51 -11.98
N LYS A 77 -3.91 -8.52 -12.64
CA LYS A 77 -3.69 -8.38 -14.10
C LYS A 77 -2.30 -7.78 -14.36
CA CA B . 2.86 8.73 6.55
CA CA C . 2.30 9.23 -4.79
N SER A 1 -15.88 -11.98 -1.46
CA SER A 1 -15.84 -11.20 -2.74
C SER A 1 -17.20 -10.59 -3.04
N SER A 2 -18.08 -11.35 -3.63
CA SER A 2 -19.44 -10.83 -3.96
C SER A 2 -19.32 -9.55 -4.80
N ASN A 3 -19.16 -8.42 -4.17
CA ASN A 3 -19.04 -7.15 -4.94
C ASN A 3 -17.91 -6.30 -4.36
N LEU A 4 -17.09 -5.72 -5.20
CA LEU A 4 -15.98 -4.88 -4.71
C LEU A 4 -16.46 -3.43 -4.49
N THR A 5 -16.00 -2.50 -5.28
CA THR A 5 -16.45 -1.09 -5.10
C THR A 5 -16.27 -0.66 -3.65
N GLU A 6 -17.13 0.18 -3.15
CA GLU A 6 -17.01 0.64 -1.74
C GLU A 6 -16.64 -0.54 -0.83
N GLU A 7 -17.15 -1.71 -1.14
CA GLU A 7 -16.83 -2.89 -0.30
C GLU A 7 -15.33 -3.18 -0.38
N GLN A 8 -14.78 -3.20 -1.56
CA GLN A 8 -13.32 -3.46 -1.69
C GLN A 8 -12.55 -2.23 -1.17
N ILE A 9 -12.97 -1.06 -1.56
CA ILE A 9 -12.29 0.17 -1.09
C ILE A 9 -12.25 0.18 0.44
N ALA A 10 -13.38 0.22 1.09
CA ALA A 10 -13.39 0.22 2.57
C ALA A 10 -12.38 -0.82 3.09
N GLU A 11 -12.41 -2.00 2.56
CA GLU A 11 -11.46 -3.05 3.01
C GLU A 11 -10.02 -2.57 2.75
N PHE A 12 -9.77 -2.05 1.58
CA PHE A 12 -8.41 -1.55 1.27
C PHE A 12 -8.03 -0.43 2.24
N LYS A 13 -8.89 0.53 2.40
CA LYS A 13 -8.59 1.66 3.33
C LYS A 13 -7.94 1.12 4.59
N GLU A 14 -8.58 0.18 5.26
CA GLU A 14 -7.98 -0.40 6.49
C GLU A 14 -6.58 -0.91 6.15
N ALA A 15 -6.45 -1.62 5.06
CA ALA A 15 -5.11 -2.13 4.66
C ALA A 15 -4.16 -0.97 4.39
N PHE A 16 -4.59 -0.01 3.63
CA PHE A 16 -3.72 1.16 3.34
C PHE A 16 -3.07 1.66 4.64
N ALA A 17 -3.87 2.06 5.59
CA ALA A 17 -3.29 2.53 6.88
C ALA A 17 -2.22 1.57 7.35
N LEU A 18 -2.51 0.30 7.35
CA LEU A 18 -1.50 -0.70 7.78
C LEU A 18 -0.16 -0.42 7.10
N PHE A 19 -0.19 -0.07 5.84
CA PHE A 19 1.08 0.24 5.12
C PHE A 19 1.60 1.62 5.53
N ASP A 20 0.71 2.56 5.72
CA ASP A 20 1.15 3.93 6.14
C ASP A 20 1.65 3.90 7.58
N LYS A 21 1.33 2.87 8.31
CA LYS A 21 1.78 2.76 9.73
C LYS A 21 1.19 3.88 10.58
N ASP A 22 1.49 5.11 10.26
CA ASP A 22 0.93 6.23 11.08
C ASP A 22 -0.42 6.70 10.51
N ASN A 23 -1.03 5.91 9.68
CA ASN A 23 -2.35 6.30 9.10
C ASN A 23 -2.35 7.79 8.74
N ASN A 24 -1.20 8.33 8.43
CA ASN A 24 -1.12 9.77 8.07
C ASN A 24 -1.75 10.01 6.69
N GLY A 25 -2.23 8.98 6.06
CA GLY A 25 -2.85 9.15 4.72
C GLY A 25 -1.77 9.09 3.64
N SER A 26 -0.62 8.58 3.98
CA SER A 26 0.48 8.50 2.97
C SER A 26 1.45 7.37 3.35
N ILE A 27 1.86 6.59 2.40
CA ILE A 27 2.80 5.47 2.70
C ILE A 27 4.18 5.76 2.09
N SER A 28 5.22 5.65 2.87
CA SER A 28 6.59 5.90 2.34
C SER A 28 7.39 4.59 2.31
N SER A 29 8.68 4.67 2.15
CA SER A 29 9.50 3.43 2.11
C SER A 29 9.56 2.78 3.50
N SER A 30 9.64 3.58 4.53
CA SER A 30 9.70 3.00 5.91
C SER A 30 8.30 2.51 6.33
N GLU A 31 7.27 3.20 5.93
CA GLU A 31 5.90 2.77 6.32
C GLU A 31 5.57 1.40 5.70
N LEU A 32 5.50 1.33 4.40
CA LEU A 32 5.18 0.03 3.74
C LEU A 32 6.17 -1.04 4.19
N ALA A 33 7.44 -0.71 4.26
CA ALA A 33 8.45 -1.71 4.70
C ALA A 33 8.08 -2.25 6.09
N THR A 34 7.45 -1.45 6.89
CA THR A 34 7.06 -1.92 8.26
C THR A 34 6.14 -3.13 8.16
N VAL A 35 5.47 -3.30 7.05
CA VAL A 35 4.56 -4.46 6.89
C VAL A 35 5.32 -5.77 7.11
N MET A 36 6.61 -5.76 6.91
CA MET A 36 7.41 -6.99 7.11
C MET A 36 7.61 -7.26 8.60
N ARG A 37 7.12 -6.39 9.44
CA ARG A 37 7.28 -6.60 10.91
C ARG A 37 6.98 -8.06 11.27
N SER A 38 6.09 -8.68 10.55
CA SER A 38 5.75 -10.10 10.85
C SER A 38 6.37 -11.03 9.80
N LEU A 39 6.63 -10.52 8.62
CA LEU A 39 7.23 -11.37 7.56
C LEU A 39 8.75 -11.43 7.73
N GLY A 40 9.27 -10.82 8.76
CA GLY A 40 10.75 -10.83 8.98
C GLY A 40 11.23 -9.41 9.32
N LEU A 41 10.61 -8.42 8.75
CA LEU A 41 11.03 -7.02 9.04
C LEU A 41 12.49 -6.81 8.64
N SER A 42 12.95 -5.59 8.65
CA SER A 42 14.37 -5.32 8.27
C SER A 42 14.59 -5.69 6.80
N PRO A 43 13.72 -5.19 5.96
CA PRO A 43 13.83 -5.46 4.51
C PRO A 43 14.98 -4.66 3.89
N SER A 44 14.97 -4.47 2.60
CA SER A 44 16.05 -3.70 1.95
C SER A 44 15.48 -2.64 1.01
N GLU A 45 16.04 -1.46 1.02
CA GLU A 45 15.53 -0.36 0.14
C GLU A 45 15.02 -0.92 -1.19
N ALA A 46 15.73 -1.85 -1.78
CA ALA A 46 15.27 -2.42 -3.07
C ALA A 46 13.82 -2.90 -2.92
N GLU A 47 13.55 -3.70 -1.92
CA GLU A 47 12.15 -4.19 -1.72
C GLU A 47 11.30 -3.08 -1.08
N VAL A 48 11.91 -2.26 -0.27
CA VAL A 48 11.15 -1.16 0.39
C VAL A 48 10.69 -0.16 -0.67
N ASN A 49 11.62 0.52 -1.28
CA ASN A 49 11.27 1.50 -2.33
C ASN A 49 10.43 0.84 -3.42
N ASP A 50 10.71 -0.40 -3.73
CA ASP A 50 9.92 -1.09 -4.79
C ASP A 50 8.43 -1.10 -4.42
N LEU A 51 8.12 -1.46 -3.20
CA LEU A 51 6.69 -1.49 -2.77
C LEU A 51 6.08 -0.10 -2.91
N MET A 52 6.69 0.89 -2.32
CA MET A 52 6.14 2.27 -2.41
C MET A 52 6.13 2.75 -3.87
N ASN A 53 7.17 2.44 -4.60
CA ASN A 53 7.23 2.88 -6.02
C ASN A 53 6.32 2.00 -6.88
N GLU A 54 6.32 0.72 -6.64
CA GLU A 54 5.46 -0.20 -7.45
C GLU A 54 3.99 0.24 -7.35
N ILE A 55 3.55 0.56 -6.16
CA ILE A 55 2.12 0.98 -6.00
C ILE A 55 2.00 2.49 -6.25
N ASP A 56 3.09 3.20 -6.28
CA ASP A 56 3.02 4.67 -6.52
C ASP A 56 2.38 4.95 -7.88
N VAL A 57 1.92 6.15 -8.08
CA VAL A 57 1.28 6.50 -9.39
C VAL A 57 2.06 7.62 -10.06
N ASP A 58 2.60 8.53 -9.30
CA ASP A 58 3.39 9.65 -9.89
C ASP A 58 4.86 9.55 -9.48
N GLY A 59 5.15 8.83 -8.43
CA GLY A 59 6.56 8.69 -7.98
C GLY A 59 6.90 9.80 -6.98
N ASN A 60 6.31 9.78 -5.81
CA ASN A 60 6.62 10.83 -4.81
C ASN A 60 7.30 10.21 -3.58
N HIS A 61 8.01 9.13 -3.78
CA HIS A 61 8.70 8.47 -2.63
C HIS A 61 7.65 7.87 -1.67
N GLN A 62 6.40 7.91 -2.04
CA GLN A 62 5.34 7.34 -1.16
C GLN A 62 4.01 7.30 -1.90
N ILE A 63 3.10 6.50 -1.45
CA ILE A 63 1.77 6.42 -2.14
C ILE A 63 0.64 6.68 -1.14
N GLU A 64 -0.44 7.23 -1.60
CA GLU A 64 -1.59 7.51 -0.68
C GLU A 64 -2.60 6.36 -0.78
N PHE A 65 -3.78 6.55 -0.26
CA PHE A 65 -4.80 5.47 -0.34
C PHE A 65 -5.21 5.23 -1.79
N SER A 66 -6.00 6.11 -2.35
CA SER A 66 -6.45 5.96 -3.76
C SER A 66 -5.35 5.32 -4.61
N GLU A 67 -4.11 5.63 -4.34
CA GLU A 67 -3.00 5.02 -5.14
C GLU A 67 -2.91 3.53 -4.80
N PHE A 68 -2.99 3.21 -3.55
CA PHE A 68 -2.93 1.76 -3.14
C PHE A 68 -4.07 1.01 -3.82
N LEU A 69 -5.19 1.66 -4.04
CA LEU A 69 -6.33 0.99 -4.71
C LEU A 69 -6.02 0.78 -6.19
N ALA A 70 -5.36 1.73 -6.80
CA ALA A 70 -5.02 1.60 -8.24
C ALA A 70 -4.17 0.35 -8.48
N LEU A 71 -3.17 0.14 -7.66
CA LEU A 71 -2.29 -1.05 -7.84
C LEU A 71 -2.91 -2.27 -7.15
N MET A 72 -3.57 -2.06 -6.04
CA MET A 72 -4.19 -3.20 -5.31
C MET A 72 -5.34 -3.79 -6.15
N SER A 73 -6.39 -3.05 -6.35
CA SER A 73 -7.53 -3.57 -7.14
C SER A 73 -7.04 -4.13 -8.47
N ARG A 74 -6.58 -3.28 -9.36
CA ARG A 74 -6.07 -3.76 -10.67
C ARG A 74 -7.20 -4.47 -11.44
N GLN A 75 -7.08 -4.54 -12.74
CA GLN A 75 -8.15 -5.20 -13.55
C GLN A 75 -7.66 -6.58 -14.03
N LEU A 76 -8.18 -7.04 -15.14
CA LEU A 76 -7.75 -8.37 -15.67
C LEU A 76 -8.02 -9.47 -14.63
N LYS A 77 -9.19 -9.48 -14.07
CA LYS A 77 -9.51 -10.53 -13.06
C LYS A 77 -10.24 -11.71 -13.71
CA CA B . 2.82 8.91 6.50
CA CA C . 2.26 9.39 -4.75
N SER A 1 -20.99 -15.20 -5.35
CA SER A 1 -20.06 -14.20 -5.96
C SER A 1 -19.69 -13.13 -4.94
N SER A 2 -19.38 -11.94 -5.38
CA SER A 2 -19.00 -10.87 -4.44
C SER A 2 -19.02 -9.50 -5.14
N ASN A 3 -19.04 -8.43 -4.39
CA ASN A 3 -19.07 -7.08 -5.02
C ASN A 3 -17.93 -6.22 -4.48
N LEU A 4 -17.19 -5.59 -5.35
CA LEU A 4 -16.05 -4.74 -4.89
C LEU A 4 -16.56 -3.33 -4.54
N THR A 5 -16.17 -2.32 -5.28
CA THR A 5 -16.64 -0.94 -4.98
C THR A 5 -16.30 -0.59 -3.52
N GLU A 6 -17.08 0.26 -2.90
CA GLU A 6 -16.79 0.61 -1.49
C GLU A 6 -16.45 -0.66 -0.70
N GLU A 7 -17.09 -1.75 -1.02
CA GLU A 7 -16.79 -3.02 -0.30
C GLU A 7 -15.30 -3.30 -0.43
N GLN A 8 -14.79 -3.27 -1.63
CA GLN A 8 -13.33 -3.52 -1.83
C GLN A 8 -12.55 -2.32 -1.30
N ILE A 9 -12.98 -1.12 -1.65
CA ILE A 9 -12.28 0.09 -1.15
C ILE A 9 -12.24 0.10 0.37
N ALA A 10 -13.37 0.24 1.01
CA ALA A 10 -13.39 0.25 2.50
C ALA A 10 -12.44 -0.83 3.04
N GLU A 11 -12.52 -2.02 2.50
CA GLU A 11 -11.60 -3.10 2.97
C GLU A 11 -10.16 -2.71 2.70
N PHE A 12 -9.89 -2.19 1.53
CA PHE A 12 -8.50 -1.77 1.19
C PHE A 12 -8.06 -0.66 2.16
N LYS A 13 -8.89 0.34 2.35
CA LYS A 13 -8.52 1.44 3.28
C LYS A 13 -7.92 0.84 4.56
N GLU A 14 -8.63 -0.03 5.21
CA GLU A 14 -8.07 -0.66 6.44
C GLU A 14 -6.68 -1.23 6.12
N ALA A 15 -6.55 -1.89 5.01
CA ALA A 15 -5.22 -2.47 4.64
C ALA A 15 -4.23 -1.34 4.40
N PHE A 16 -4.58 -0.38 3.60
CA PHE A 16 -3.65 0.76 3.33
C PHE A 16 -3.05 1.24 4.65
N ALA A 17 -3.86 1.73 5.55
CA ALA A 17 -3.34 2.22 6.85
C ALA A 17 -2.32 1.21 7.40
N LEU A 18 -2.66 -0.04 7.42
CA LEU A 18 -1.70 -1.06 7.93
C LEU A 18 -0.32 -0.82 7.30
N PHE A 19 -0.29 -0.40 6.06
CA PHE A 19 1.00 -0.14 5.40
C PHE A 19 1.61 1.16 5.92
N ASP A 20 0.82 2.21 5.98
CA ASP A 20 1.35 3.51 6.50
C ASP A 20 1.52 3.43 8.01
N LYS A 21 2.46 4.16 8.55
CA LYS A 21 2.68 4.11 10.02
C LYS A 21 2.34 5.47 10.65
N ASP A 22 1.78 6.37 9.90
CA ASP A 22 1.44 7.71 10.46
C ASP A 22 -0.04 8.03 10.19
N ASN A 23 -0.70 7.23 9.40
CA ASN A 23 -2.14 7.48 9.11
C ASN A 23 -2.28 8.81 8.35
N ASN A 24 -1.24 9.27 7.72
CA ASN A 24 -1.34 10.55 6.96
C ASN A 24 -1.94 10.30 5.58
N GLY A 25 -2.52 9.15 5.37
CA GLY A 25 -3.12 8.85 4.04
C GLY A 25 -2.00 8.64 3.02
N SER A 26 -0.77 8.57 3.49
CA SER A 26 0.37 8.37 2.56
C SER A 26 1.35 7.35 3.15
N ILE A 27 1.92 6.51 2.32
CA ILE A 27 2.87 5.49 2.85
C ILE A 27 4.29 5.76 2.30
N SER A 28 5.25 5.87 3.17
CA SER A 28 6.64 6.11 2.71
C SER A 28 7.37 4.79 2.46
N SER A 29 8.65 4.83 2.25
CA SER A 29 9.41 3.57 2.01
C SER A 29 9.38 2.67 3.24
N SER A 30 10.01 3.09 4.31
CA SER A 30 10.02 2.27 5.55
C SER A 30 8.59 2.05 6.05
N GLU A 31 7.65 2.83 5.57
CA GLU A 31 6.24 2.68 6.02
C GLU A 31 5.65 1.39 5.43
N LEU A 32 5.83 1.16 4.16
CA LEU A 32 5.27 -0.07 3.54
C LEU A 32 6.12 -1.29 3.91
N ALA A 33 7.36 -1.08 4.24
CA ALA A 33 8.23 -2.24 4.60
C ALA A 33 8.04 -2.60 6.07
N THR A 34 7.52 -1.69 6.86
CA THR A 34 7.30 -2.00 8.30
C THR A 34 5.99 -2.77 8.49
N VAL A 35 5.25 -2.97 7.43
CA VAL A 35 3.96 -3.71 7.55
C VAL A 35 4.16 -5.19 7.18
N MET A 36 5.32 -5.52 6.68
CA MET A 36 5.57 -6.93 6.30
C MET A 36 6.80 -7.47 7.05
N ARG A 37 7.68 -6.61 7.48
CA ARG A 37 8.88 -7.07 8.21
C ARG A 37 8.48 -7.69 9.55
N SER A 38 7.43 -7.20 10.15
CA SER A 38 6.98 -7.76 11.46
C SER A 38 6.31 -9.12 11.25
N LEU A 39 5.39 -9.21 10.33
CA LEU A 39 4.70 -10.51 10.08
C LEU A 39 5.74 -11.61 9.81
N GLY A 40 6.51 -11.47 8.77
CA GLY A 40 7.53 -12.51 8.46
C GLY A 40 8.24 -12.16 7.15
N LEU A 41 9.04 -11.13 7.15
CA LEU A 41 9.76 -10.73 5.90
C LEU A 41 10.87 -9.73 6.22
N SER A 42 11.72 -9.45 5.28
CA SER A 42 12.82 -8.48 5.53
C SER A 42 13.38 -7.95 4.20
N PRO A 43 12.54 -7.24 3.50
CA PRO A 43 12.94 -6.67 2.18
C PRO A 43 13.86 -5.47 2.39
N SER A 44 14.98 -5.45 1.73
CA SER A 44 15.92 -4.30 1.88
C SER A 44 15.39 -3.08 1.12
N GLU A 45 15.91 -1.92 1.40
CA GLU A 45 15.44 -0.68 0.69
C GLU A 45 15.09 -0.99 -0.77
N ALA A 46 15.90 -1.76 -1.44
CA ALA A 46 15.60 -2.10 -2.86
C ALA A 46 14.15 -2.59 -2.98
N GLU A 47 13.82 -3.62 -2.26
CA GLU A 47 12.41 -4.15 -2.33
C GLU A 47 11.47 -3.21 -1.58
N VAL A 48 11.94 -2.60 -0.53
CA VAL A 48 11.09 -1.66 0.26
C VAL A 48 10.70 -0.48 -0.63
N ASN A 49 11.64 0.34 -0.97
CA ASN A 49 11.36 1.50 -1.85
C ASN A 49 10.60 1.05 -3.10
N ASP A 50 10.91 -0.12 -3.59
CA ASP A 50 10.21 -0.63 -4.80
C ASP A 50 8.72 -0.81 -4.50
N LEU A 51 8.40 -1.41 -3.39
CA LEU A 51 6.96 -1.62 -3.04
C LEU A 51 6.22 -0.29 -3.05
N MET A 52 6.76 0.69 -2.36
CA MET A 52 6.09 2.03 -2.33
C MET A 52 5.81 2.51 -3.76
N ASN A 53 6.83 2.63 -4.56
CA ASN A 53 6.61 3.09 -5.96
C ASN A 53 5.63 2.17 -6.68
N GLU A 54 5.76 0.88 -6.47
CA GLU A 54 4.83 -0.07 -7.15
C GLU A 54 3.41 0.46 -7.08
N ILE A 55 2.86 0.58 -5.90
CA ILE A 55 1.47 1.09 -5.77
C ILE A 55 1.44 2.62 -5.92
N ASP A 56 2.59 3.22 -6.05
CA ASP A 56 2.64 4.70 -6.21
C ASP A 56 2.21 5.09 -7.63
N VAL A 57 2.03 6.36 -7.87
CA VAL A 57 1.61 6.81 -9.23
C VAL A 57 2.39 8.06 -9.64
N ASP A 58 2.69 8.93 -8.70
CA ASP A 58 3.46 10.16 -9.05
C ASP A 58 4.94 9.99 -8.69
N GLY A 59 5.30 8.88 -8.11
CA GLY A 59 6.72 8.66 -7.75
C GLY A 59 7.17 9.75 -6.77
N ASN A 60 6.66 9.73 -5.57
CA ASN A 60 7.06 10.77 -4.58
C ASN A 60 7.64 10.11 -3.32
N HIS A 61 8.32 9.00 -3.48
CA HIS A 61 8.89 8.31 -2.29
C HIS A 61 7.78 7.83 -1.36
N GLN A 62 6.55 7.89 -1.82
CA GLN A 62 5.41 7.42 -0.97
C GLN A 62 4.13 7.36 -1.81
N ILE A 63 3.14 6.69 -1.31
CA ILE A 63 1.86 6.58 -2.09
C ILE A 63 0.66 6.91 -1.19
N GLU A 64 -0.44 7.26 -1.78
CA GLU A 64 -1.66 7.58 -0.97
C GLU A 64 -2.66 6.42 -1.08
N PHE A 65 -3.60 6.35 -0.19
CA PHE A 65 -4.59 5.24 -0.26
C PHE A 65 -5.06 5.05 -1.71
N SER A 66 -5.83 5.98 -2.21
CA SER A 66 -6.35 5.87 -3.61
C SER A 66 -5.32 5.21 -4.52
N GLU A 67 -4.07 5.57 -4.38
CA GLU A 67 -3.02 4.94 -5.24
C GLU A 67 -2.92 3.45 -4.88
N PHE A 68 -2.90 3.14 -3.62
CA PHE A 68 -2.84 1.71 -3.21
C PHE A 68 -3.99 0.95 -3.87
N LEU A 69 -5.10 1.61 -4.06
CA LEU A 69 -6.26 0.95 -4.72
C LEU A 69 -5.97 0.74 -6.20
N ALA A 70 -5.59 1.79 -6.88
CA ALA A 70 -5.28 1.66 -8.34
C ALA A 70 -4.47 0.38 -8.58
N LEU A 71 -3.51 0.11 -7.74
CA LEU A 71 -2.69 -1.11 -7.92
C LEU A 71 -3.39 -2.33 -7.29
N MET A 72 -4.13 -2.11 -6.24
CA MET A 72 -4.84 -3.23 -5.58
C MET A 72 -5.83 -3.89 -6.55
N SER A 73 -6.99 -3.31 -6.70
CA SER A 73 -7.99 -3.91 -7.63
C SER A 73 -7.64 -3.54 -9.09
N ARG A 74 -7.94 -4.41 -10.01
CA ARG A 74 -7.63 -4.12 -11.44
C ARG A 74 -8.93 -4.00 -12.25
N GLN A 75 -8.82 -3.81 -13.54
CA GLN A 75 -10.05 -3.68 -14.38
C GLN A 75 -10.64 -5.07 -14.64
N LEU A 76 -9.85 -5.98 -15.13
CA LEU A 76 -10.38 -7.34 -15.42
C LEU A 76 -11.50 -7.28 -16.45
N LYS A 77 -11.58 -8.25 -17.32
CA LYS A 77 -12.66 -8.24 -18.35
C LYS A 77 -12.88 -9.66 -18.90
CA CA B . 2.74 8.57 6.56
CA CA C . 1.91 9.14 -4.18
N SER A 1 -22.02 -3.99 -10.64
CA SER A 1 -20.80 -4.22 -9.80
C SER A 1 -21.16 -4.16 -8.31
N SER A 2 -21.85 -5.15 -7.82
CA SER A 2 -22.22 -5.15 -6.38
C SER A 2 -21.31 -6.09 -5.59
N ASN A 3 -20.08 -6.23 -6.00
CA ASN A 3 -19.14 -7.14 -5.28
C ASN A 3 -18.01 -6.32 -4.64
N LEU A 4 -17.23 -5.64 -5.43
CA LEU A 4 -16.12 -4.83 -4.86
C LEU A 4 -16.61 -3.41 -4.55
N THR A 5 -16.19 -2.42 -5.30
CA THR A 5 -16.64 -1.02 -5.03
C THR A 5 -16.32 -0.65 -3.59
N GLU A 6 -17.10 0.22 -3.00
CA GLU A 6 -16.82 0.60 -1.58
C GLU A 6 -16.50 -0.64 -0.76
N GLU A 7 -17.14 -1.74 -1.06
CA GLU A 7 -16.86 -3.00 -0.32
C GLU A 7 -15.36 -3.30 -0.43
N GLN A 8 -14.83 -3.28 -1.62
CA GLN A 8 -13.39 -3.54 -1.80
C GLN A 8 -12.60 -2.34 -1.28
N ILE A 9 -13.02 -1.15 -1.66
CA ILE A 9 -12.32 0.08 -1.17
C ILE A 9 -12.29 0.09 0.35
N ALA A 10 -13.43 0.26 0.98
CA ALA A 10 -13.46 0.29 2.47
C ALA A 10 -12.52 -0.77 3.03
N GLU A 11 -12.60 -1.98 2.52
CA GLU A 11 -11.69 -3.05 3.02
C GLU A 11 -10.24 -2.66 2.75
N PHE A 12 -9.96 -2.18 1.56
CA PHE A 12 -8.57 -1.77 1.24
C PHE A 12 -8.13 -0.64 2.18
N LYS A 13 -8.95 0.35 2.35
CA LYS A 13 -8.59 1.47 3.27
C LYS A 13 -7.99 0.90 4.55
N GLU A 14 -8.71 0.02 5.21
CA GLU A 14 -8.17 -0.59 6.46
C GLU A 14 -6.78 -1.17 6.17
N ALA A 15 -6.63 -1.83 5.05
CA ALA A 15 -5.31 -2.40 4.69
C ALA A 15 -4.31 -1.27 4.44
N PHE A 16 -4.66 -0.32 3.62
CA PHE A 16 -3.73 0.81 3.34
C PHE A 16 -3.12 1.30 4.65
N ALA A 17 -3.94 1.81 5.53
CA ALA A 17 -3.40 2.31 6.83
C ALA A 17 -2.40 1.29 7.39
N LEU A 18 -2.78 0.05 7.43
CA LEU A 18 -1.84 -0.99 7.96
C LEU A 18 -0.46 -0.79 7.33
N PHE A 19 -0.40 -0.46 6.07
CA PHE A 19 0.91 -0.24 5.41
C PHE A 19 1.55 1.05 5.95
N ASP A 20 0.82 2.13 5.95
CA ASP A 20 1.37 3.40 6.47
C ASP A 20 1.57 3.32 7.99
N LYS A 21 2.53 4.02 8.52
CA LYS A 21 2.77 3.97 9.99
C LYS A 21 2.42 5.32 10.63
N ASP A 22 1.86 6.21 9.88
CA ASP A 22 1.50 7.55 10.44
C ASP A 22 0.02 7.86 10.20
N ASN A 23 -0.63 7.07 9.39
CA ASN A 23 -2.07 7.32 9.11
C ASN A 23 -2.26 8.66 8.41
N ASN A 24 -1.22 9.16 7.78
CA ASN A 24 -1.34 10.47 7.08
C ASN A 24 -1.97 10.27 5.70
N GLY A 25 -2.54 9.11 5.45
CA GLY A 25 -3.15 8.86 4.12
C GLY A 25 -2.04 8.67 3.08
N SER A 26 -0.81 8.62 3.52
CA SER A 26 0.32 8.44 2.56
C SER A 26 1.29 7.39 3.11
N ILE A 27 1.93 6.66 2.24
CA ILE A 27 2.89 5.62 2.70
C ILE A 27 4.28 5.87 2.13
N SER A 28 5.30 5.75 2.93
CA SER A 28 6.68 5.98 2.42
C SER A 28 7.41 4.64 2.25
N SER A 29 8.70 4.67 2.08
CA SER A 29 9.47 3.41 1.91
C SER A 29 9.53 2.64 3.24
N SER A 30 9.88 3.31 4.30
CA SER A 30 9.96 2.62 5.62
C SER A 30 8.56 2.25 6.12
N GLU A 31 7.54 2.91 5.62
CA GLU A 31 6.16 2.59 6.07
C GLU A 31 5.70 1.27 5.47
N LEU A 32 5.83 1.10 4.18
CA LEU A 32 5.40 -0.17 3.54
C LEU A 32 6.36 -1.31 3.92
N ALA A 33 7.57 -0.98 4.29
CA ALA A 33 8.55 -2.03 4.67
C ALA A 33 8.26 -2.54 6.08
N THR A 34 7.77 -1.69 6.94
CA THR A 34 7.47 -2.11 8.34
C THR A 34 6.21 -2.99 8.37
N VAL A 35 5.47 -3.01 7.30
CA VAL A 35 4.23 -3.84 7.28
C VAL A 35 4.53 -5.23 6.68
N MET A 36 5.75 -5.44 6.26
CA MET A 36 6.10 -6.76 5.66
C MET A 36 7.00 -7.54 6.63
N ARG A 37 8.12 -6.99 7.01
CA ARG A 37 9.03 -7.70 7.95
C ARG A 37 8.22 -8.36 9.07
N SER A 38 7.22 -7.69 9.56
CA SER A 38 6.39 -8.28 10.65
C SER A 38 6.03 -9.74 10.33
N LEU A 39 5.02 -9.95 9.54
CA LEU A 39 4.63 -11.35 9.19
C LEU A 39 5.05 -11.67 7.74
N GLY A 40 5.26 -10.66 6.95
CA GLY A 40 5.66 -10.91 5.53
C GLY A 40 7.15 -11.26 5.47
N LEU A 41 8.00 -10.27 5.36
CA LEU A 41 9.45 -10.56 5.30
C LEU A 41 10.25 -9.25 5.25
N SER A 42 11.47 -9.26 5.72
CA SER A 42 12.29 -8.01 5.69
C SER A 42 13.38 -8.13 4.63
N PRO A 43 13.03 -7.74 3.42
CA PRO A 43 13.99 -7.79 2.30
C PRO A 43 15.06 -6.70 2.43
N SER A 44 14.79 -5.54 1.88
CA SER A 44 15.79 -4.43 1.99
C SER A 44 15.30 -3.21 1.22
N GLU A 45 15.87 -2.06 1.48
CA GLU A 45 15.45 -0.81 0.78
C GLU A 45 15.07 -1.11 -0.68
N ALA A 46 15.87 -1.88 -1.37
CA ALA A 46 15.55 -2.21 -2.79
C ALA A 46 14.09 -2.70 -2.88
N GLU A 47 13.75 -3.70 -2.12
CA GLU A 47 12.35 -4.22 -2.16
C GLU A 47 11.42 -3.25 -1.42
N VAL A 48 11.95 -2.51 -0.49
CA VAL A 48 11.11 -1.53 0.27
C VAL A 48 10.71 -0.39 -0.65
N ASN A 49 11.66 0.40 -1.06
CA ASN A 49 11.36 1.53 -1.97
C ASN A 49 10.57 1.04 -3.19
N ASP A 50 10.88 -0.15 -3.65
CA ASP A 50 10.16 -0.70 -4.83
C ASP A 50 8.67 -0.88 -4.50
N LEU A 51 8.38 -1.41 -3.34
CA LEU A 51 6.95 -1.60 -2.96
C LEU A 51 6.20 -0.27 -2.99
N MET A 52 6.74 0.74 -2.36
CA MET A 52 6.07 2.07 -2.36
C MET A 52 5.83 2.53 -3.81
N ASN A 53 6.88 2.64 -4.58
CA ASN A 53 6.71 3.09 -5.99
C ASN A 53 5.72 2.18 -6.73
N GLU A 54 5.84 0.90 -6.55
CA GLU A 54 4.90 -0.04 -7.24
C GLU A 54 3.46 0.48 -7.15
N ILE A 55 2.97 0.68 -5.95
CA ILE A 55 1.57 1.19 -5.79
C ILE A 55 1.55 2.72 -5.90
N ASP A 56 2.70 3.32 -6.10
CA ASP A 56 2.73 4.81 -6.19
C ASP A 56 2.33 5.25 -7.61
N VAL A 57 1.98 6.50 -7.76
CA VAL A 57 1.56 6.99 -9.11
C VAL A 57 2.29 8.29 -9.43
N ASP A 58 2.55 9.10 -8.44
CA ASP A 58 3.26 10.39 -8.69
C ASP A 58 4.77 10.20 -8.55
N GLY A 59 5.20 9.09 -8.00
CA GLY A 59 6.66 8.87 -7.84
C GLY A 59 7.24 9.89 -6.88
N ASN A 60 6.76 9.91 -5.66
CA ASN A 60 7.28 10.90 -4.67
C ASN A 60 7.82 10.16 -3.43
N HIS A 61 8.44 9.03 -3.63
CA HIS A 61 8.99 8.28 -2.47
C HIS A 61 7.86 7.86 -1.53
N GLN A 62 6.64 7.93 -1.98
CA GLN A 62 5.49 7.52 -1.13
C GLN A 62 4.21 7.47 -1.96
N ILE A 63 3.19 6.86 -1.44
CA ILE A 63 1.90 6.77 -2.20
C ILE A 63 0.73 7.19 -1.32
N GLU A 64 -0.46 7.03 -1.82
CA GLU A 64 -1.67 7.40 -1.02
C GLU A 64 -2.70 6.28 -1.11
N PHE A 65 -3.68 6.27 -0.25
CA PHE A 65 -4.70 5.19 -0.32
C PHE A 65 -5.14 4.97 -1.77
N SER A 66 -5.91 5.87 -2.31
CA SER A 66 -6.38 5.73 -3.72
C SER A 66 -5.31 5.07 -4.58
N GLU A 67 -4.07 5.49 -4.43
CA GLU A 67 -2.99 4.87 -5.24
C GLU A 67 -2.89 3.38 -4.88
N PHE A 68 -2.92 3.07 -3.61
CA PHE A 68 -2.85 1.65 -3.19
C PHE A 68 -4.00 0.88 -3.85
N LEU A 69 -5.12 1.52 -4.03
CA LEU A 69 -6.28 0.84 -4.68
C LEU A 69 -5.97 0.61 -6.16
N ALA A 70 -5.61 1.64 -6.87
CA ALA A 70 -5.29 1.48 -8.31
C ALA A 70 -4.44 0.22 -8.52
N LEU A 71 -3.49 -0.01 -7.65
CA LEU A 71 -2.63 -1.22 -7.78
C LEU A 71 -3.32 -2.42 -7.12
N MET A 72 -4.19 -2.18 -6.18
CA MET A 72 -4.88 -3.32 -5.51
C MET A 72 -5.89 -3.97 -6.47
N SER A 73 -7.03 -3.39 -6.64
CA SER A 73 -8.04 -3.97 -7.56
C SER A 73 -7.39 -4.39 -8.87
N ARG A 74 -7.04 -5.63 -9.01
CA ARG A 74 -6.39 -6.10 -10.27
C ARG A 74 -7.46 -6.44 -11.31
N GLN A 75 -7.54 -5.68 -12.37
CA GLN A 75 -8.57 -5.97 -13.42
C GLN A 75 -8.04 -7.04 -14.39
N LEU A 76 -8.67 -7.18 -15.53
CA LEU A 76 -8.20 -8.20 -16.51
C LEU A 76 -6.97 -7.69 -17.25
N LYS A 77 -6.78 -8.13 -18.48
CA LYS A 77 -5.59 -7.67 -19.25
C LYS A 77 -6.03 -7.13 -20.62
CA CA B . 2.68 8.50 6.52
CA CA C . 2.15 9.29 -4.51
N SER A 1 -25.03 -2.49 -3.11
CA SER A 1 -24.00 -2.94 -2.12
C SER A 1 -23.57 -4.38 -2.45
N SER A 2 -22.62 -4.53 -3.34
CA SER A 2 -22.17 -5.91 -3.68
C SER A 2 -20.84 -5.84 -4.45
N ASN A 3 -20.33 -6.97 -4.88
CA ASN A 3 -19.05 -6.96 -5.63
C ASN A 3 -17.97 -6.21 -4.85
N LEU A 4 -17.14 -5.46 -5.53
CA LEU A 4 -16.07 -4.71 -4.82
C LEU A 4 -16.52 -3.26 -4.58
N THR A 5 -16.04 -2.33 -5.37
CA THR A 5 -16.44 -0.90 -5.18
C THR A 5 -16.31 -0.50 -3.71
N GLU A 6 -17.17 0.36 -3.24
CA GLU A 6 -17.09 0.80 -1.81
C GLU A 6 -16.79 -0.39 -0.91
N GLU A 7 -17.22 -1.56 -1.29
CA GLU A 7 -16.95 -2.77 -0.45
C GLU A 7 -15.45 -3.08 -0.49
N GLN A 8 -14.88 -3.08 -1.66
CA GLN A 8 -13.41 -3.35 -1.75
C GLN A 8 -12.64 -2.15 -1.20
N ILE A 9 -13.03 -0.96 -1.59
CA ILE A 9 -12.34 0.25 -1.08
C ILE A 9 -12.31 0.22 0.44
N ALA A 10 -13.47 0.26 1.06
CA ALA A 10 -13.50 0.24 2.55
C ALA A 10 -12.53 -0.83 3.06
N GLU A 11 -12.58 -2.01 2.52
CA GLU A 11 -11.64 -3.08 2.97
C GLU A 11 -10.20 -2.64 2.72
N PHE A 12 -9.94 -2.05 1.59
CA PHE A 12 -8.56 -1.59 1.28
C PHE A 12 -8.15 -0.50 2.27
N LYS A 13 -8.96 0.52 2.42
CA LYS A 13 -8.64 1.61 3.37
C LYS A 13 -8.05 1.03 4.65
N GLU A 14 -8.74 0.11 5.27
CA GLU A 14 -8.20 -0.51 6.51
C GLU A 14 -6.82 -1.10 6.22
N ALA A 15 -6.68 -1.79 5.11
CA ALA A 15 -5.37 -2.39 4.75
C ALA A 15 -4.35 -1.27 4.49
N PHE A 16 -4.73 -0.29 3.69
CA PHE A 16 -3.78 0.81 3.40
C PHE A 16 -3.15 1.30 4.70
N ALA A 17 -3.94 1.81 5.61
CA ALA A 17 -3.38 2.28 6.89
C ALA A 17 -2.38 1.26 7.43
N LEU A 18 -2.75 0.01 7.45
CA LEU A 18 -1.82 -1.03 7.95
C LEU A 18 -0.43 -0.81 7.36
N PHE A 19 -0.36 -0.54 6.08
CA PHE A 19 0.96 -0.29 5.44
C PHE A 19 1.56 1.01 5.98
N ASP A 20 0.75 2.01 6.19
CA ASP A 20 1.27 3.30 6.72
C ASP A 20 1.37 3.23 8.25
N LYS A 21 2.41 3.80 8.81
CA LYS A 21 2.56 3.76 10.29
C LYS A 21 2.17 5.11 10.90
N ASP A 22 1.69 6.02 10.08
CA ASP A 22 1.30 7.36 10.62
C ASP A 22 -0.17 7.65 10.29
N ASN A 23 -0.75 6.89 9.40
CA ASN A 23 -2.17 7.12 9.04
C ASN A 23 -2.34 8.50 8.40
N ASN A 24 -1.31 9.00 7.76
CA ASN A 24 -1.42 10.34 7.12
C ASN A 24 -1.98 10.19 5.71
N GLY A 25 -2.65 9.10 5.44
CA GLY A 25 -3.21 8.90 4.07
C GLY A 25 -2.07 8.78 3.07
N SER A 26 -0.88 8.56 3.55
CA SER A 26 0.29 8.43 2.64
C SER A 26 1.32 7.46 3.25
N ILE A 27 1.95 6.67 2.43
CA ILE A 27 2.96 5.70 2.96
C ILE A 27 4.33 5.97 2.33
N SER A 28 5.37 5.88 3.10
CA SER A 28 6.73 6.11 2.54
C SER A 28 7.46 4.79 2.32
N SER A 29 8.74 4.82 2.07
CA SER A 29 9.49 3.56 1.85
C SER A 29 9.37 2.63 3.07
N SER A 30 10.10 2.93 4.11
CA SER A 30 10.03 2.07 5.33
C SER A 30 8.57 1.78 5.69
N GLU A 31 7.73 2.78 5.65
CA GLU A 31 6.29 2.56 6.00
C GLU A 31 5.78 1.26 5.35
N LEU A 32 5.59 1.27 4.07
CA LEU A 32 5.10 0.03 3.39
C LEU A 32 6.12 -1.10 3.54
N ALA A 33 7.30 -0.79 4.00
CA ALA A 33 8.33 -1.85 4.17
C ALA A 33 8.17 -2.54 5.53
N THR A 34 7.64 -1.83 6.50
CA THR A 34 7.46 -2.43 7.84
C THR A 34 6.22 -3.34 7.84
N VAL A 35 5.58 -3.50 6.72
CA VAL A 35 4.38 -4.36 6.66
C VAL A 35 4.77 -5.83 6.85
N MET A 36 5.74 -6.30 6.10
CA MET A 36 6.16 -7.72 6.24
C MET A 36 7.12 -7.87 7.44
N ARG A 37 7.81 -6.83 7.79
CA ARG A 37 8.76 -6.91 8.94
C ARG A 37 8.02 -7.42 10.18
N SER A 38 6.89 -6.84 10.50
CA SER A 38 6.14 -7.29 11.70
C SER A 38 6.10 -8.82 11.75
N LEU A 39 5.89 -9.46 10.63
CA LEU A 39 5.84 -10.95 10.62
C LEU A 39 7.25 -11.53 10.80
N GLY A 40 8.22 -10.97 10.14
CA GLY A 40 9.61 -11.48 10.27
C GLY A 40 10.34 -11.34 8.94
N LEU A 41 10.35 -10.17 8.37
CA LEU A 41 11.05 -9.98 7.06
C LEU A 41 11.64 -8.56 6.98
N SER A 42 12.94 -8.46 7.06
CA SER A 42 13.58 -7.11 6.98
C SER A 42 14.32 -6.95 5.66
N PRO A 43 13.59 -6.52 4.66
CA PRO A 43 14.18 -6.32 3.32
C PRO A 43 15.04 -5.06 3.29
N SER A 44 15.29 -4.51 2.14
CA SER A 44 16.13 -3.28 2.05
C SER A 44 15.50 -2.28 1.09
N GLU A 45 15.98 -1.06 1.09
CA GLU A 45 15.43 -0.01 0.18
C GLU A 45 14.98 -0.62 -1.16
N ALA A 46 15.83 -1.36 -1.80
CA ALA A 46 15.45 -1.98 -3.10
C ALA A 46 14.04 -2.57 -2.97
N GLU A 47 13.80 -3.34 -1.94
CA GLU A 47 12.45 -3.93 -1.74
C GLU A 47 11.51 -2.87 -1.14
N VAL A 48 11.94 -2.22 -0.09
CA VAL A 48 11.10 -1.18 0.54
C VAL A 48 10.62 -0.19 -0.52
N ASN A 49 11.52 0.56 -1.07
CA ASN A 49 11.15 1.54 -2.12
C ASN A 49 10.38 0.86 -3.26
N ASP A 50 10.85 -0.28 -3.69
CA ASP A 50 10.15 -1.01 -4.79
C ASP A 50 8.66 -1.15 -4.46
N LEU A 51 8.35 -1.59 -3.27
CA LEU A 51 6.91 -1.74 -2.88
C LEU A 51 6.19 -0.40 -3.02
N MET A 52 6.65 0.61 -2.36
CA MET A 52 5.99 1.95 -2.46
C MET A 52 5.96 2.41 -3.93
N ASN A 53 7.07 2.30 -4.61
CA ASN A 53 7.11 2.74 -6.03
C ASN A 53 6.06 1.97 -6.84
N GLU A 54 5.96 0.68 -6.63
CA GLU A 54 4.97 -0.13 -7.39
C GLU A 54 3.60 0.55 -7.36
N ILE A 55 3.22 1.09 -6.23
CA ILE A 55 1.90 1.77 -6.13
C ILE A 55 2.07 3.28 -6.28
N ASP A 56 3.28 3.76 -6.17
CA ASP A 56 3.52 5.23 -6.31
C ASP A 56 3.11 5.70 -7.70
N VAL A 57 1.86 6.00 -7.89
CA VAL A 57 1.39 6.47 -9.23
C VAL A 57 2.13 7.75 -9.62
N ASP A 58 2.46 8.57 -8.66
CA ASP A 58 3.17 9.84 -8.99
C ASP A 58 4.69 9.66 -8.83
N GLY A 59 5.10 8.82 -7.91
CA GLY A 59 6.55 8.60 -7.70
C GLY A 59 7.10 9.67 -6.75
N ASN A 60 6.49 9.81 -5.60
CA ASN A 60 6.98 10.83 -4.63
C ASN A 60 7.56 10.14 -3.39
N HIS A 61 8.24 9.05 -3.57
CA HIS A 61 8.84 8.32 -2.40
C HIS A 61 7.74 7.86 -1.45
N GLN A 62 6.51 7.87 -1.90
CA GLN A 62 5.39 7.42 -1.02
C GLN A 62 4.11 7.28 -1.83
N ILE A 63 3.12 6.64 -1.29
CA ILE A 63 1.84 6.46 -2.03
C ILE A 63 0.65 6.86 -1.15
N GLU A 64 -0.45 7.21 -1.76
CA GLU A 64 -1.65 7.60 -0.98
C GLU A 64 -2.67 6.46 -1.04
N PHE A 65 -3.65 6.47 -0.17
CA PHE A 65 -4.66 5.37 -0.20
C PHE A 65 -5.09 5.09 -1.64
N SER A 66 -5.85 5.97 -2.23
CA SER A 66 -6.31 5.77 -3.64
C SER A 66 -5.25 5.06 -4.48
N GLU A 67 -3.99 5.42 -4.30
CA GLU A 67 -2.92 4.75 -5.08
C GLU A 67 -2.89 3.27 -4.72
N PHE A 68 -2.97 2.96 -3.46
CA PHE A 68 -2.97 1.53 -3.03
C PHE A 68 -4.12 0.80 -3.73
N LEU A 69 -5.20 1.49 -3.98
CA LEU A 69 -6.35 0.84 -4.67
C LEU A 69 -6.02 0.61 -6.14
N ALA A 70 -5.30 1.52 -6.74
CA ALA A 70 -4.94 1.36 -8.18
C ALA A 70 -4.14 0.08 -8.38
N LEU A 71 -3.16 -0.16 -7.55
CA LEU A 71 -2.33 -1.39 -7.70
C LEU A 71 -3.03 -2.57 -7.01
N MET A 72 -3.50 -2.37 -5.81
CA MET A 72 -4.18 -3.48 -5.08
C MET A 72 -5.36 -4.00 -5.91
N SER A 73 -6.38 -3.21 -6.08
CA SER A 73 -7.55 -3.67 -6.87
C SER A 73 -7.18 -3.77 -8.36
N ARG A 74 -8.08 -3.40 -9.23
CA ARG A 74 -7.78 -3.48 -10.69
C ARG A 74 -7.23 -4.86 -11.05
N GLN A 75 -6.56 -4.98 -12.16
CA GLN A 75 -6.00 -6.30 -12.56
C GLN A 75 -7.12 -7.36 -12.60
N LEU A 76 -7.42 -7.95 -11.49
CA LEU A 76 -8.50 -8.98 -11.47
C LEU A 76 -9.00 -9.20 -10.03
N LYS A 77 -8.11 -9.23 -9.08
CA LYS A 77 -8.55 -9.44 -7.67
C LYS A 77 -7.48 -8.88 -6.71
CA CA B . 2.80 8.38 6.77
CA CA C . 2.11 8.86 -4.22
N SER A 1 -22.39 -12.19 0.29
CA SER A 1 -21.19 -13.02 0.59
C SER A 1 -19.92 -12.16 0.50
N SER A 2 -19.66 -11.58 -0.64
CA SER A 2 -18.45 -10.74 -0.78
C SER A 2 -18.51 -9.94 -2.08
N ASN A 3 -18.62 -8.64 -1.99
CA ASN A 3 -18.69 -7.80 -3.22
C ASN A 3 -17.42 -6.95 -3.35
N LEU A 4 -17.37 -6.09 -4.34
CA LEU A 4 -16.16 -5.24 -4.51
C LEU A 4 -16.55 -3.76 -4.40
N THR A 5 -16.01 -2.92 -5.25
CA THR A 5 -16.36 -1.47 -5.17
C THR A 5 -16.25 -0.97 -3.72
N GLU A 6 -17.16 -0.13 -3.31
CA GLU A 6 -17.12 0.39 -1.91
C GLU A 6 -16.77 -0.75 -0.94
N GLU A 7 -17.12 -1.95 -1.29
CA GLU A 7 -16.82 -3.11 -0.40
C GLU A 7 -15.32 -3.39 -0.45
N GLN A 8 -14.75 -3.43 -1.63
CA GLN A 8 -13.28 -3.68 -1.73
C GLN A 8 -12.53 -2.45 -1.24
N ILE A 9 -12.96 -1.29 -1.64
CA ILE A 9 -12.29 -0.04 -1.19
C ILE A 9 -12.25 0.00 0.33
N ALA A 10 -13.38 0.05 0.97
CA ALA A 10 -13.41 0.08 2.45
C ALA A 10 -12.42 -0.94 3.00
N GLU A 11 -12.46 -2.15 2.51
CA GLU A 11 -11.51 -3.18 3.01
C GLU A 11 -10.07 -2.74 2.73
N PHE A 12 -9.81 -2.24 1.56
CA PHE A 12 -8.43 -1.78 1.23
C PHE A 12 -8.04 -0.64 2.17
N LYS A 13 -8.89 0.34 2.31
CA LYS A 13 -8.57 1.48 3.23
C LYS A 13 -7.96 0.93 4.52
N GLU A 14 -8.62 0.02 5.16
CA GLU A 14 -8.07 -0.56 6.41
C GLU A 14 -6.65 -1.09 6.13
N ALA A 15 -6.48 -1.78 5.04
CA ALA A 15 -5.13 -2.30 4.70
C ALA A 15 -4.17 -1.14 4.46
N PHE A 16 -4.58 -0.16 3.69
CA PHE A 16 -3.68 1.00 3.44
C PHE A 16 -3.11 1.50 4.77
N ALA A 17 -3.95 1.96 5.65
CA ALA A 17 -3.45 2.45 6.97
C ALA A 17 -2.41 1.47 7.51
N LEU A 18 -2.68 0.18 7.42
CA LEU A 18 -1.69 -0.82 7.91
C LEU A 18 -0.36 -0.60 7.21
N PHE A 19 -0.38 -0.37 5.92
CA PHE A 19 0.89 -0.14 5.18
C PHE A 19 1.60 1.10 5.75
N ASP A 20 0.89 2.17 5.94
CA ASP A 20 1.51 3.39 6.50
C ASP A 20 1.80 3.19 7.99
N LYS A 21 2.50 4.11 8.60
CA LYS A 21 2.81 3.96 10.05
C LYS A 21 2.49 5.24 10.82
N ASP A 22 1.54 6.00 10.34
CA ASP A 22 1.17 7.26 11.06
C ASP A 22 -0.18 7.78 10.56
N ASN A 23 -1.00 6.91 10.02
CA ASN A 23 -2.33 7.36 9.51
C ASN A 23 -2.20 8.71 8.79
N ASN A 24 -1.07 8.96 8.21
CA ASN A 24 -0.87 10.26 7.50
C ASN A 24 -1.54 10.21 6.12
N GLY A 25 -2.29 9.18 5.85
CA GLY A 25 -2.96 9.07 4.53
C GLY A 25 -1.89 8.93 3.44
N SER A 26 -0.68 8.65 3.83
CA SER A 26 0.41 8.49 2.83
C SER A 26 1.35 7.37 3.26
N ILE A 27 2.00 6.72 2.33
CA ILE A 27 2.92 5.61 2.69
C ILE A 27 4.29 5.82 2.04
N SER A 28 5.33 5.78 2.81
CA SER A 28 6.69 5.97 2.23
C SER A 28 7.36 4.61 1.99
N SER A 29 8.66 4.61 1.78
CA SER A 29 9.36 3.32 1.54
C SER A 29 9.35 2.46 2.81
N SER A 30 9.72 3.04 3.92
CA SER A 30 9.74 2.26 5.20
C SER A 30 8.31 1.95 5.65
N GLU A 31 7.44 2.92 5.62
CA GLU A 31 6.04 2.67 6.05
C GLU A 31 5.49 1.41 5.36
N LEU A 32 5.47 1.38 4.06
CA LEU A 32 4.96 0.18 3.35
C LEU A 32 5.72 -1.06 3.81
N ALA A 33 7.01 -0.98 3.92
CA ALA A 33 7.81 -2.16 4.37
C ALA A 33 7.38 -2.58 5.78
N THR A 34 6.91 -1.66 6.57
CA THR A 34 6.47 -2.01 7.96
C THR A 34 5.68 -3.32 7.94
N VAL A 35 4.79 -3.48 7.00
CA VAL A 35 3.99 -4.73 6.94
C VAL A 35 4.87 -5.96 7.21
N MET A 36 6.14 -5.85 6.92
CA MET A 36 7.06 -7.00 7.18
C MET A 36 6.99 -7.41 8.64
N ARG A 37 6.46 -6.57 9.49
CA ARG A 37 6.37 -6.91 10.94
C ARG A 37 5.92 -8.37 11.10
N SER A 38 4.75 -8.70 10.65
CA SER A 38 4.26 -10.10 10.77
C SER A 38 5.28 -11.06 10.18
N LEU A 39 6.16 -10.57 9.33
CA LEU A 39 7.18 -11.46 8.71
C LEU A 39 8.54 -11.26 9.40
N GLY A 40 8.59 -10.44 10.42
CA GLY A 40 9.88 -10.22 11.13
C GLY A 40 10.37 -8.79 10.85
N LEU A 41 9.70 -8.08 9.98
CA LEU A 41 10.13 -6.70 9.66
C LEU A 41 11.58 -6.68 9.17
N SER A 42 11.80 -6.82 7.90
CA SER A 42 13.18 -6.81 7.36
C SER A 42 13.17 -6.60 5.84
N PRO A 43 12.48 -5.57 5.43
CA PRO A 43 12.36 -5.26 3.98
C PRO A 43 13.63 -4.55 3.50
N SER A 44 14.33 -5.11 2.55
CA SER A 44 15.56 -4.46 2.05
C SER A 44 15.21 -3.21 1.25
N GLU A 45 15.97 -2.16 1.40
CA GLU A 45 15.69 -0.89 0.65
C GLU A 45 15.13 -1.19 -0.73
N ALA A 46 15.57 -2.27 -1.35
CA ALA A 46 15.04 -2.62 -2.69
C ALA A 46 13.54 -2.89 -2.59
N GLU A 47 13.16 -3.86 -1.81
CA GLU A 47 11.70 -4.17 -1.65
C GLU A 47 11.01 -3.01 -0.92
N VAL A 48 11.73 -2.31 -0.09
CA VAL A 48 11.12 -1.17 0.64
C VAL A 48 10.77 -0.05 -0.34
N ASN A 49 11.77 0.53 -0.94
CA ASN A 49 11.52 1.62 -1.92
C ASN A 49 10.69 1.09 -3.09
N ASP A 50 10.92 -0.14 -3.48
CA ASP A 50 10.14 -0.73 -4.61
C ASP A 50 8.67 -0.84 -4.22
N LEU A 51 8.38 -1.41 -3.08
CA LEU A 51 6.97 -1.54 -2.65
C LEU A 51 6.26 -0.19 -2.77
N MET A 52 6.83 0.85 -2.24
CA MET A 52 6.19 2.19 -2.34
C MET A 52 6.09 2.62 -3.80
N ASN A 53 7.12 2.38 -4.57
CA ASN A 53 7.08 2.78 -6.01
C ASN A 53 6.16 1.84 -6.80
N GLU A 54 6.26 0.56 -6.55
CA GLU A 54 5.39 -0.40 -7.30
C GLU A 54 3.96 0.15 -7.42
N ILE A 55 3.56 0.98 -6.51
CA ILE A 55 2.18 1.54 -6.58
C ILE A 55 2.23 3.06 -6.71
N ASP A 56 3.35 3.66 -6.36
CA ASP A 56 3.46 5.15 -6.47
C ASP A 56 2.98 5.61 -7.85
N VAL A 57 1.73 5.96 -7.97
CA VAL A 57 1.20 6.42 -9.28
C VAL A 57 1.83 7.77 -9.65
N ASP A 58 2.06 8.62 -8.69
CA ASP A 58 2.67 9.95 -9.00
C ASP A 58 4.20 9.84 -8.96
N GLY A 59 4.73 9.03 -8.09
CA GLY A 59 6.20 8.88 -8.01
C GLY A 59 6.78 9.90 -7.02
N ASN A 60 6.26 9.93 -5.82
CA ASN A 60 6.77 10.90 -4.81
C ASN A 60 7.44 10.15 -3.66
N HIS A 61 8.08 9.06 -3.93
CA HIS A 61 8.75 8.27 -2.84
C HIS A 61 7.71 7.78 -1.83
N GLN A 62 6.45 7.88 -2.17
CA GLN A 62 5.39 7.41 -1.24
C GLN A 62 4.03 7.40 -1.95
N ILE A 63 3.08 6.70 -1.40
CA ILE A 63 1.74 6.65 -2.04
C ILE A 63 0.65 6.82 -0.99
N GLU A 64 -0.50 7.30 -1.38
CA GLU A 64 -1.62 7.47 -0.42
C GLU A 64 -2.59 6.29 -0.54
N PHE A 65 -3.79 6.44 -0.05
CA PHE A 65 -4.76 5.32 -0.16
C PHE A 65 -5.14 5.08 -1.63
N SER A 66 -5.92 5.97 -2.19
CA SER A 66 -6.33 5.82 -3.62
C SER A 66 -5.20 5.20 -4.45
N GLU A 67 -3.98 5.58 -4.21
CA GLU A 67 -2.85 4.99 -4.97
C GLU A 67 -2.78 3.49 -4.67
N PHE A 68 -2.87 3.13 -3.42
CA PHE A 68 -2.84 1.70 -3.05
C PHE A 68 -3.94 0.95 -3.80
N LEU A 69 -5.09 1.56 -3.93
CA LEU A 69 -6.21 0.91 -4.66
C LEU A 69 -5.85 0.75 -6.14
N ALA A 70 -5.39 1.82 -6.76
CA ALA A 70 -5.02 1.73 -8.20
C ALA A 70 -4.22 0.45 -8.45
N LEU A 71 -3.24 0.18 -7.63
CA LEU A 71 -2.42 -1.05 -7.83
C LEU A 71 -3.16 -2.27 -7.24
N MET A 72 -4.01 -2.04 -6.28
CA MET A 72 -4.75 -3.18 -5.67
C MET A 72 -5.73 -3.78 -6.69
N SER A 73 -6.86 -3.15 -6.88
CA SER A 73 -7.85 -3.68 -7.86
C SER A 73 -7.95 -5.21 -7.76
N ARG A 74 -8.17 -5.87 -8.85
CA ARG A 74 -8.27 -7.36 -8.82
C ARG A 74 -7.11 -7.99 -9.59
N GLN A 75 -6.37 -8.87 -8.97
CA GLN A 75 -5.23 -9.52 -9.67
C GLN A 75 -5.67 -10.87 -10.26
N LEU A 76 -4.73 -11.64 -10.74
CA LEU A 76 -5.09 -12.98 -11.32
C LEU A 76 -4.12 -14.05 -10.82
N LYS A 77 -4.47 -14.74 -9.78
CA LYS A 77 -3.58 -15.81 -9.24
C LYS A 77 -4.30 -16.65 -8.19
CA CA B . 2.99 8.79 6.10
CA CA C . 2.37 9.42 -4.90
N SER A 1 -23.81 -3.88 -0.89
CA SER A 1 -23.56 -4.72 -2.10
C SER A 1 -22.60 -5.86 -1.78
N SER A 2 -22.40 -6.76 -2.70
CA SER A 2 -21.47 -7.90 -2.44
C SER A 2 -20.27 -7.81 -3.39
N ASN A 3 -20.34 -6.96 -4.37
CA ASN A 3 -19.20 -6.84 -5.33
C ASN A 3 -18.04 -6.06 -4.67
N LEU A 4 -17.21 -5.44 -5.47
CA LEU A 4 -16.07 -4.67 -4.88
C LEU A 4 -16.49 -3.21 -4.65
N THR A 5 -15.97 -2.29 -5.43
CA THR A 5 -16.36 -0.87 -5.23
C THR A 5 -16.17 -0.47 -3.76
N GLU A 6 -17.02 0.39 -3.26
CA GLU A 6 -16.89 0.82 -1.83
C GLU A 6 -16.58 -0.39 -0.95
N GLU A 7 -17.14 -1.52 -1.27
CA GLU A 7 -16.86 -2.74 -0.45
C GLU A 7 -15.38 -3.08 -0.52
N GLN A 8 -14.82 -3.11 -1.70
CA GLN A 8 -13.37 -3.43 -1.81
C GLN A 8 -12.56 -2.25 -1.26
N ILE A 9 -12.93 -1.05 -1.64
CA ILE A 9 -12.20 0.14 -1.13
C ILE A 9 -12.17 0.12 0.40
N ALA A 10 -13.32 0.19 1.01
CA ALA A 10 -13.37 0.17 2.51
C ALA A 10 -12.40 -0.90 3.02
N GLU A 11 -12.45 -2.08 2.47
CA GLU A 11 -11.53 -3.16 2.93
C GLU A 11 -10.08 -2.72 2.68
N PHE A 12 -9.80 -2.20 1.52
CA PHE A 12 -8.42 -1.75 1.22
C PHE A 12 -8.01 -0.67 2.22
N LYS A 13 -8.83 0.33 2.40
CA LYS A 13 -8.50 1.41 3.37
C LYS A 13 -7.91 0.79 4.64
N GLU A 14 -8.60 -0.15 5.23
CA GLU A 14 -8.06 -0.79 6.46
C GLU A 14 -6.65 -1.31 6.17
N ALA A 15 -6.48 -1.98 5.05
CA ALA A 15 -5.14 -2.51 4.70
C ALA A 15 -4.17 -1.33 4.48
N PHE A 16 -4.57 -0.36 3.69
CA PHE A 16 -3.68 0.80 3.44
C PHE A 16 -3.13 1.32 4.78
N ALA A 17 -4.00 1.72 5.66
CA ALA A 17 -3.54 2.23 6.98
C ALA A 17 -2.45 1.30 7.52
N LEU A 18 -2.70 0.01 7.53
CA LEU A 18 -1.66 -0.93 8.03
C LEU A 18 -0.29 -0.55 7.44
N PHE A 19 -0.26 -0.26 6.17
CA PHE A 19 1.04 0.13 5.54
C PHE A 19 1.47 1.50 6.07
N ASP A 20 0.60 2.47 6.00
CA ASP A 20 0.95 3.83 6.50
C ASP A 20 1.04 3.82 8.03
N LYS A 21 2.05 3.18 8.56
CA LYS A 21 2.20 3.13 10.05
C LYS A 21 1.95 4.51 10.67
N ASP A 22 2.14 5.55 9.91
CA ASP A 22 1.91 6.92 10.46
C ASP A 22 0.42 7.28 10.38
N ASN A 23 -0.32 6.58 9.57
CA ASN A 23 -1.77 6.89 9.44
C ASN A 23 -1.97 8.29 8.87
N ASN A 24 -0.95 8.86 8.29
CA ASN A 24 -1.10 10.23 7.72
C ASN A 24 -1.81 10.16 6.36
N GLY A 25 -2.31 9.00 6.01
CA GLY A 25 -3.01 8.87 4.70
C GLY A 25 -1.98 8.75 3.59
N SER A 26 -0.74 8.52 3.93
CA SER A 26 0.32 8.39 2.89
C SER A 26 1.31 7.29 3.30
N ILE A 27 1.92 6.66 2.34
CA ILE A 27 2.91 5.58 2.66
C ILE A 27 4.29 5.95 2.12
N SER A 28 5.30 5.21 2.48
CA SER A 28 6.67 5.52 1.98
C SER A 28 7.55 4.26 2.04
N SER A 29 8.82 4.43 2.28
CA SER A 29 9.73 3.25 2.35
C SER A 29 9.46 2.45 3.64
N SER A 30 10.16 2.77 4.70
CA SER A 30 9.95 2.04 5.98
C SER A 30 8.46 1.88 6.26
N GLU A 31 7.65 2.79 5.78
CA GLU A 31 6.18 2.69 6.02
C GLU A 31 5.61 1.43 5.36
N LEU A 32 5.52 1.43 4.05
CA LEU A 32 4.96 0.24 3.35
C LEU A 32 5.88 -0.97 3.57
N ALA A 33 7.10 -0.74 3.96
CA ALA A 33 8.04 -1.88 4.20
C ALA A 33 7.73 -2.55 5.54
N THR A 34 7.10 -1.84 6.44
CA THR A 34 6.77 -2.43 7.76
C THR A 34 5.60 -3.42 7.63
N VAL A 35 5.73 -4.38 6.75
CA VAL A 35 4.64 -5.38 6.58
C VAL A 35 5.22 -6.79 6.51
N MET A 36 6.51 -6.92 6.67
CA MET A 36 7.14 -8.28 6.63
C MET A 36 7.29 -8.83 8.05
N ARG A 37 7.04 -8.02 9.05
CA ARG A 37 7.17 -8.50 10.44
C ARG A 37 6.57 -9.90 10.58
N SER A 38 5.33 -10.07 10.22
CA SER A 38 4.70 -11.41 10.32
C SER A 38 5.24 -12.34 9.23
N LEU A 39 5.85 -11.77 8.22
CA LEU A 39 6.41 -12.63 7.13
C LEU A 39 7.93 -12.51 7.09
N GLY A 40 8.54 -12.24 8.20
CA GLY A 40 10.03 -12.11 8.23
C GLY A 40 10.43 -10.68 7.82
N LEU A 41 10.37 -9.76 8.74
CA LEU A 41 10.74 -8.35 8.42
C LEU A 41 12.12 -8.30 7.75
N SER A 42 12.15 -8.32 6.44
CA SER A 42 13.47 -8.27 5.74
C SER A 42 13.25 -7.86 4.27
N PRO A 43 12.53 -6.78 4.09
CA PRO A 43 12.25 -6.28 2.73
C PRO A 43 13.48 -5.58 2.15
N SER A 44 14.16 -4.79 2.96
CA SER A 44 15.37 -4.08 2.46
C SER A 44 14.95 -2.98 1.48
N GLU A 45 15.65 -1.87 1.46
CA GLU A 45 15.31 -0.75 0.54
C GLU A 45 14.77 -1.29 -0.79
N ALA A 46 15.42 -2.26 -1.37
CA ALA A 46 14.93 -2.82 -2.65
C ALA A 46 13.43 -3.10 -2.56
N GLU A 47 13.02 -3.84 -1.56
CA GLU A 47 11.56 -4.13 -1.41
C GLU A 47 10.85 -2.91 -0.82
N VAL A 48 11.45 -2.27 0.13
CA VAL A 48 10.83 -1.06 0.74
C VAL A 48 10.52 -0.03 -0.35
N ASN A 49 11.55 0.51 -0.95
CA ASN A 49 11.36 1.51 -2.03
C ASN A 49 10.49 0.92 -3.15
N ASP A 50 10.76 -0.30 -3.53
CA ASP A 50 9.97 -0.93 -4.63
C ASP A 50 8.48 -0.93 -4.26
N LEU A 51 8.16 -1.28 -3.04
CA LEU A 51 6.73 -1.30 -2.63
C LEU A 51 6.10 0.08 -2.84
N MET A 52 6.68 1.09 -2.27
CA MET A 52 6.12 2.47 -2.43
C MET A 52 6.10 2.85 -3.92
N ASN A 53 7.22 2.74 -4.58
CA ASN A 53 7.26 3.11 -6.02
C ASN A 53 6.38 2.16 -6.84
N GLU A 54 6.33 0.91 -6.47
CA GLU A 54 5.48 -0.07 -7.22
C GLU A 54 4.04 0.41 -7.28
N ILE A 55 3.55 0.99 -6.21
CA ILE A 55 2.13 1.47 -6.20
C ILE A 55 2.09 2.97 -6.48
N ASP A 56 3.16 3.67 -6.27
CA ASP A 56 3.17 5.13 -6.53
C ASP A 56 2.67 5.42 -7.94
N VAL A 57 1.72 6.30 -8.08
CA VAL A 57 1.18 6.63 -9.43
C VAL A 57 1.79 7.94 -9.93
N ASP A 58 2.14 8.80 -9.03
CA ASP A 58 2.73 10.11 -9.43
C ASP A 58 4.25 10.04 -9.40
N GLY A 59 4.80 9.30 -8.48
CA GLY A 59 6.29 9.18 -8.41
C GLY A 59 6.84 10.18 -7.38
N ASN A 60 6.37 10.12 -6.16
CA ASN A 60 6.86 11.07 -5.11
C ASN A 60 7.53 10.29 -3.98
N HIS A 61 8.06 9.13 -4.27
CA HIS A 61 8.72 8.33 -3.21
C HIS A 61 7.68 7.90 -2.15
N GLN A 62 6.43 8.12 -2.44
CA GLN A 62 5.35 7.73 -1.48
C GLN A 62 4.03 7.59 -2.22
N ILE A 63 3.07 6.93 -1.63
CA ILE A 63 1.76 6.76 -2.31
C ILE A 63 0.62 7.02 -1.33
N GLU A 64 -0.51 7.44 -1.83
CA GLU A 64 -1.67 7.70 -0.93
C GLU A 64 -2.64 6.52 -1.00
N PHE A 65 -3.64 6.50 -0.16
CA PHE A 65 -4.60 5.36 -0.20
C PHE A 65 -5.00 5.06 -1.64
N SER A 66 -5.78 5.92 -2.25
CA SER A 66 -6.22 5.69 -3.66
C SER A 66 -5.11 5.02 -4.47
N GLU A 67 -3.89 5.47 -4.35
CA GLU A 67 -2.79 4.84 -5.12
C GLU A 67 -2.71 3.36 -4.75
N PHE A 68 -2.81 3.05 -3.48
CA PHE A 68 -2.76 1.63 -3.06
C PHE A 68 -3.92 0.86 -3.71
N LEU A 69 -5.01 1.54 -3.96
CA LEU A 69 -6.17 0.87 -4.62
C LEU A 69 -5.87 0.65 -6.10
N ALA A 70 -5.19 1.58 -6.72
CA ALA A 70 -4.86 1.43 -8.16
C ALA A 70 -4.06 0.15 -8.38
N LEU A 71 -3.03 -0.06 -7.61
CA LEU A 71 -2.21 -1.30 -7.78
C LEU A 71 -2.88 -2.48 -7.09
N MET A 72 -3.36 -2.28 -5.89
CA MET A 72 -4.03 -3.40 -5.16
C MET A 72 -5.15 -4.00 -6.02
N SER A 73 -6.22 -3.28 -6.20
CA SER A 73 -7.34 -3.81 -7.03
C SER A 73 -6.92 -3.93 -8.49
N ARG A 74 -7.27 -5.01 -9.14
CA ARG A 74 -6.87 -5.20 -10.56
C ARG A 74 -7.74 -4.32 -11.47
N GLN A 75 -7.22 -3.90 -12.58
CA GLN A 75 -8.01 -3.05 -13.50
C GLN A 75 -8.93 -3.90 -14.37
N LEU A 76 -9.27 -3.43 -15.55
CA LEU A 76 -10.16 -4.23 -16.43
C LEU A 76 -9.34 -5.25 -17.24
N LYS A 77 -8.43 -4.78 -18.04
CA LYS A 77 -7.60 -5.73 -18.85
C LYS A 77 -6.20 -5.85 -18.24
CA CA B . 2.71 8.54 6.52
CA CA C . 2.14 9.44 -5.08
N SER A 1 -16.74 -13.33 -2.40
CA SER A 1 -18.10 -12.84 -2.74
C SER A 1 -18.03 -11.67 -3.72
N SER A 2 -18.93 -11.60 -4.66
CA SER A 2 -18.90 -10.49 -5.65
C SER A 2 -19.21 -9.16 -4.96
N ASN A 3 -18.41 -8.78 -3.99
CA ASN A 3 -18.66 -7.50 -3.29
C ASN A 3 -17.40 -6.61 -3.33
N LEU A 4 -17.22 -5.89 -4.40
CA LEU A 4 -16.01 -5.01 -4.50
C LEU A 4 -16.41 -3.54 -4.33
N THR A 5 -15.89 -2.67 -5.14
CA THR A 5 -16.24 -1.22 -5.03
C THR A 5 -16.14 -0.77 -3.56
N GLU A 6 -17.02 0.08 -3.13
CA GLU A 6 -16.99 0.56 -1.72
C GLU A 6 -16.65 -0.59 -0.78
N GLU A 7 -17.04 -1.78 -1.12
CA GLU A 7 -16.74 -2.95 -0.27
C GLU A 7 -15.23 -3.22 -0.30
N GLN A 8 -14.66 -3.26 -1.47
CA GLN A 8 -13.19 -3.50 -1.57
C GLN A 8 -12.45 -2.26 -1.05
N ILE A 9 -12.87 -1.10 -1.49
CA ILE A 9 -12.21 0.14 -1.02
C ILE A 9 -12.19 0.18 0.50
N ALA A 10 -13.33 0.23 1.12
CA ALA A 10 -13.37 0.25 2.62
C ALA A 10 -12.36 -0.75 3.18
N GLU A 11 -12.41 -1.96 2.70
CA GLU A 11 -11.45 -3.00 3.19
C GLU A 11 -10.02 -2.54 2.90
N PHE A 12 -9.79 -1.98 1.75
CA PHE A 12 -8.42 -1.52 1.41
C PHE A 12 -8.02 -0.36 2.32
N LYS A 13 -8.85 0.64 2.43
CA LYS A 13 -8.52 1.79 3.32
C LYS A 13 -7.91 1.28 4.62
N GLU A 14 -8.58 0.38 5.29
CA GLU A 14 -8.00 -0.16 6.56
C GLU A 14 -6.61 -0.74 6.26
N ALA A 15 -6.50 -1.51 5.21
CA ALA A 15 -5.18 -2.08 4.85
C ALA A 15 -4.19 -0.95 4.54
N PHE A 16 -4.60 0.00 3.74
CA PHE A 16 -3.68 1.13 3.41
C PHE A 16 -3.02 1.64 4.70
N ALA A 17 -3.80 2.11 5.63
CA ALA A 17 -3.21 2.60 6.91
C ALA A 17 -2.16 1.62 7.39
N LEU A 18 -2.50 0.35 7.44
CA LEU A 18 -1.50 -0.66 7.91
C LEU A 18 -0.16 -0.41 7.22
N PHE A 19 -0.18 -0.12 5.95
CA PHE A 19 1.09 0.15 5.21
C PHE A 19 1.62 1.53 5.59
N ASP A 20 0.75 2.48 5.74
CA ASP A 20 1.18 3.86 6.12
C ASP A 20 1.77 3.85 7.53
N LYS A 21 1.30 2.95 8.36
CA LYS A 21 1.83 2.86 9.76
C LYS A 21 1.45 4.09 10.59
N ASP A 22 0.47 4.85 10.16
CA ASP A 22 0.08 6.05 10.94
C ASP A 22 -1.11 6.78 10.29
N ASN A 23 -1.92 6.06 9.55
CA ASN A 23 -3.10 6.69 8.89
C ASN A 23 -2.78 8.11 8.41
N ASN A 24 -1.55 8.37 8.08
CA ASN A 24 -1.17 9.73 7.60
C ASN A 24 -1.69 9.95 6.17
N GLY A 25 -2.37 8.98 5.63
CA GLY A 25 -2.89 9.14 4.24
C GLY A 25 -1.74 9.05 3.24
N SER A 26 -0.63 8.52 3.66
CA SER A 26 0.54 8.42 2.73
C SER A 26 1.48 7.29 3.19
N ILE A 27 1.98 6.52 2.27
CA ILE A 27 2.90 5.40 2.64
C ILE A 27 4.29 5.63 2.06
N SER A 28 5.31 5.29 2.79
CA SER A 28 6.70 5.49 2.27
C SER A 28 7.48 4.16 2.34
N SER A 29 8.77 4.23 2.36
CA SER A 29 9.58 2.97 2.43
C SER A 29 9.61 2.44 3.86
N SER A 30 9.65 3.31 4.83
CA SER A 30 9.68 2.84 6.25
C SER A 30 8.28 2.39 6.69
N GLU A 31 7.26 2.91 6.07
CA GLU A 31 5.87 2.52 6.46
C GLU A 31 5.53 1.15 5.85
N LEU A 32 5.63 1.02 4.55
CA LEU A 32 5.31 -0.29 3.91
C LEU A 32 6.26 -1.38 4.42
N ALA A 33 7.49 -1.03 4.70
CA ALA A 33 8.45 -2.05 5.20
C ALA A 33 8.02 -2.54 6.58
N THR A 34 7.79 -1.64 7.50
CA THR A 34 7.37 -2.06 8.87
C THR A 34 6.23 -3.07 8.77
N VAL A 35 5.50 -3.07 7.68
CA VAL A 35 4.37 -4.03 7.53
C VAL A 35 4.88 -5.47 7.64
N MET A 36 5.75 -5.86 6.76
CA MET A 36 6.28 -7.25 6.81
C MET A 36 7.62 -7.29 7.56
N ARG A 37 8.55 -6.45 7.17
CA ARG A 37 9.88 -6.44 7.86
C ARG A 37 9.69 -6.53 9.38
N SER A 38 8.68 -5.88 9.89
CA SER A 38 8.43 -5.94 11.36
C SER A 38 8.30 -7.39 11.83
N LEU A 39 7.14 -7.97 11.62
CA LEU A 39 6.94 -9.39 12.05
C LEU A 39 6.36 -10.21 10.90
N GLY A 40 7.07 -10.32 9.81
CA GLY A 40 6.56 -11.12 8.66
C GLY A 40 7.70 -11.35 7.65
N LEU A 41 8.49 -10.35 7.41
CA LEU A 41 9.61 -10.51 6.44
C LEU A 41 10.32 -9.17 6.20
N SER A 42 11.60 -9.12 6.42
CA SER A 42 12.34 -7.84 6.19
C SER A 42 13.32 -7.99 5.03
N PRO A 43 12.88 -7.57 3.86
CA PRO A 43 13.73 -7.66 2.66
C PRO A 43 14.81 -6.59 2.68
N SER A 44 14.55 -5.43 2.13
CA SER A 44 15.58 -4.35 2.13
C SER A 44 15.10 -3.15 1.32
N GLU A 45 15.63 -1.99 1.59
CA GLU A 45 15.21 -0.76 0.84
C GLU A 45 14.90 -1.09 -0.62
N ALA A 46 15.79 -1.79 -1.30
CA ALA A 46 15.52 -2.13 -2.72
C ALA A 46 14.10 -2.69 -2.84
N GLU A 47 13.75 -3.62 -1.98
CA GLU A 47 12.39 -4.20 -2.03
C GLU A 47 11.39 -3.23 -1.37
N VAL A 48 11.85 -2.46 -0.43
CA VAL A 48 10.95 -1.48 0.25
C VAL A 48 10.55 -0.39 -0.74
N ASN A 49 11.50 0.40 -1.16
CA ASN A 49 11.21 1.49 -2.14
C ASN A 49 10.55 0.90 -3.39
N ASP A 50 10.95 -0.28 -3.78
CA ASP A 50 10.35 -0.91 -5.00
C ASP A 50 8.83 -1.02 -4.82
N LEU A 51 8.38 -1.42 -3.66
CA LEU A 51 6.91 -1.55 -3.43
C LEU A 51 6.25 -0.18 -3.48
N MET A 52 6.73 0.75 -2.70
CA MET A 52 6.12 2.12 -2.71
C MET A 52 5.98 2.62 -4.15
N ASN A 53 7.05 2.62 -4.89
CA ASN A 53 6.99 3.10 -6.31
C ASN A 53 5.95 2.28 -7.09
N GLU A 54 6.04 0.98 -7.04
CA GLU A 54 5.07 0.13 -7.78
C GLU A 54 3.65 0.69 -7.60
N ILE A 55 3.22 0.87 -6.40
CA ILE A 55 1.84 1.41 -6.17
C ILE A 55 1.84 2.94 -6.36
N ASP A 56 3.00 3.53 -6.47
CA ASP A 56 3.06 5.02 -6.65
C ASP A 56 2.54 5.39 -8.05
N VAL A 57 1.69 6.37 -8.13
CA VAL A 57 1.16 6.78 -9.47
C VAL A 57 1.84 8.08 -9.93
N ASP A 58 2.22 8.92 -9.02
CA ASP A 58 2.89 10.19 -9.40
C ASP A 58 4.41 10.05 -9.24
N GLY A 59 4.84 9.24 -8.32
CA GLY A 59 6.32 9.07 -8.12
C GLY A 59 6.82 10.08 -7.09
N ASN A 60 6.43 9.93 -5.85
CA ASN A 60 6.88 10.89 -4.80
C ASN A 60 7.52 10.12 -3.63
N HIS A 61 8.18 9.04 -3.92
CA HIS A 61 8.83 8.25 -2.82
C HIS A 61 7.78 7.71 -1.86
N GLN A 62 6.52 7.81 -2.20
CA GLN A 62 5.45 7.29 -1.30
C GLN A 62 4.10 7.31 -2.01
N ILE A 63 3.15 6.57 -1.53
CA ILE A 63 1.82 6.54 -2.19
C ILE A 63 0.71 6.78 -1.16
N GLU A 64 -0.42 7.27 -1.59
CA GLU A 64 -1.54 7.52 -0.64
C GLU A 64 -2.54 6.36 -0.72
N PHE A 65 -3.72 6.54 -0.22
CA PHE A 65 -4.72 5.44 -0.28
C PHE A 65 -5.14 5.18 -1.72
N SER A 66 -5.91 6.05 -2.30
CA SER A 66 -6.37 5.87 -3.71
C SER A 66 -5.29 5.20 -4.56
N GLU A 67 -4.05 5.54 -4.35
CA GLU A 67 -2.96 4.91 -5.14
C GLU A 67 -2.86 3.43 -4.76
N PHE A 68 -2.93 3.13 -3.48
CA PHE A 68 -2.87 1.71 -3.04
C PHE A 68 -4.00 0.92 -3.73
N LEU A 69 -5.10 1.58 -4.00
CA LEU A 69 -6.23 0.88 -4.68
C LEU A 69 -5.89 0.65 -6.15
N ALA A 70 -5.24 1.60 -6.77
CA ALA A 70 -4.88 1.45 -8.20
C ALA A 70 -4.04 0.19 -8.39
N LEU A 71 -3.05 -0.02 -7.58
CA LEU A 71 -2.21 -1.25 -7.72
C LEU A 71 -2.86 -2.43 -7.00
N MET A 72 -3.56 -2.18 -5.93
CA MET A 72 -4.21 -3.29 -5.19
C MET A 72 -5.33 -3.90 -6.06
N SER A 73 -6.39 -3.18 -6.27
CA SER A 73 -7.51 -3.71 -7.09
C SER A 73 -7.14 -3.66 -8.58
N ARG A 74 -5.96 -3.23 -8.89
CA ARG A 74 -5.53 -3.15 -10.32
C ARG A 74 -6.37 -2.12 -11.07
N GLN A 75 -6.64 -1.00 -10.45
CA GLN A 75 -7.46 0.05 -11.13
C GLN A 75 -8.76 -0.54 -11.63
N LEU A 76 -9.67 0.28 -12.10
CA LEU A 76 -10.97 -0.24 -12.60
C LEU A 76 -11.57 -1.23 -11.60
N LYS A 77 -12.42 -2.11 -12.06
CA LYS A 77 -13.03 -3.11 -11.14
C LYS A 77 -12.27 -4.44 -11.23
CA CA B . 2.81 8.39 6.40
CA CA C . 1.96 9.04 -4.35
N SER A 1 -13.61 -11.16 -1.78
CA SER A 1 -15.09 -11.30 -1.62
C SER A 1 -15.77 -11.28 -2.99
N SER A 2 -16.98 -11.77 -3.08
CA SER A 2 -17.69 -11.77 -4.38
C SER A 2 -18.06 -10.34 -4.79
N ASN A 3 -18.05 -9.43 -3.86
CA ASN A 3 -18.39 -8.01 -4.20
C ASN A 3 -17.25 -7.08 -3.79
N LEU A 4 -16.72 -6.34 -4.73
CA LEU A 4 -15.60 -5.41 -4.41
C LEU A 4 -16.12 -3.97 -4.30
N THR A 5 -15.61 -3.07 -5.11
CA THR A 5 -16.11 -1.67 -5.05
C THR A 5 -16.04 -1.16 -3.61
N GLU A 6 -16.98 -0.32 -3.22
CA GLU A 6 -16.96 0.21 -1.83
C GLU A 6 -16.61 -0.90 -0.83
N GLU A 7 -16.93 -2.12 -1.16
CA GLU A 7 -16.61 -3.25 -0.25
C GLU A 7 -15.10 -3.50 -0.26
N GLN A 8 -14.52 -3.56 -1.43
CA GLN A 8 -13.05 -3.79 -1.50
C GLN A 8 -12.32 -2.52 -1.05
N ILE A 9 -12.77 -1.38 -1.50
CA ILE A 9 -12.13 -0.11 -1.08
C ILE A 9 -12.10 -0.02 0.44
N ALA A 10 -13.25 0.02 1.06
CA ALA A 10 -13.30 0.10 2.54
C ALA A 10 -12.28 -0.88 3.13
N GLU A 11 -12.30 -2.11 2.68
CA GLU A 11 -11.33 -3.11 3.20
C GLU A 11 -9.90 -2.65 2.92
N PHE A 12 -9.67 -2.11 1.76
CA PHE A 12 -8.31 -1.63 1.41
C PHE A 12 -7.93 -0.45 2.31
N LYS A 13 -8.79 0.53 2.40
CA LYS A 13 -8.49 1.70 3.27
C LYS A 13 -7.87 1.22 4.59
N GLU A 14 -8.53 0.32 5.27
CA GLU A 14 -7.96 -0.20 6.54
C GLU A 14 -6.55 -0.75 6.27
N ALA A 15 -6.41 -1.52 5.23
CA ALA A 15 -5.07 -2.08 4.90
C ALA A 15 -4.10 -0.93 4.58
N PHE A 16 -4.51 -0.01 3.74
CA PHE A 16 -3.62 1.13 3.40
C PHE A 16 -2.97 1.67 4.68
N ALA A 17 -3.76 2.11 5.61
CA ALA A 17 -3.20 2.64 6.87
C ALA A 17 -2.14 1.66 7.41
N LEU A 18 -2.46 0.39 7.45
CA LEU A 18 -1.48 -0.60 7.95
C LEU A 18 -0.11 -0.35 7.30
N PHE A 19 -0.10 -0.11 6.02
CA PHE A 19 1.20 0.17 5.34
C PHE A 19 1.76 1.51 5.79
N ASP A 20 0.93 2.51 5.87
CA ASP A 20 1.40 3.86 6.32
C ASP A 20 1.87 3.79 7.76
N LYS A 21 1.21 3.00 8.58
CA LYS A 21 1.63 2.87 10.01
C LYS A 21 1.34 4.16 10.79
N ASP A 22 0.50 5.02 10.29
CA ASP A 22 0.20 6.28 11.03
C ASP A 22 -0.99 7.02 10.40
N ASN A 23 -1.85 6.32 9.72
CA ASN A 23 -3.04 6.96 9.07
C ASN A 23 -2.69 8.35 8.54
N ASN A 24 -1.50 8.54 8.04
CA ASN A 24 -1.13 9.88 7.49
C ASN A 24 -1.62 10.01 6.05
N GLY A 25 -2.47 9.12 5.62
CA GLY A 25 -2.98 9.20 4.23
C GLY A 25 -1.81 9.14 3.25
N SER A 26 -0.73 8.54 3.66
CA SER A 26 0.47 8.45 2.76
C SER A 26 1.41 7.36 3.25
N ILE A 27 1.95 6.57 2.35
CA ILE A 27 2.88 5.49 2.76
C ILE A 27 4.30 5.79 2.27
N SER A 28 5.29 5.36 3.00
CA SER A 28 6.70 5.62 2.58
C SER A 28 7.50 4.32 2.61
N SER A 29 8.80 4.40 2.56
CA SER A 29 9.63 3.17 2.57
C SER A 29 9.69 2.58 3.98
N SER A 30 9.63 3.41 4.98
CA SER A 30 9.68 2.91 6.38
C SER A 30 8.32 2.35 6.81
N GLU A 31 7.25 3.04 6.47
CA GLU A 31 5.90 2.55 6.84
C GLU A 31 5.58 1.23 6.13
N LEU A 32 5.65 1.23 4.82
CA LEU A 32 5.35 -0.02 4.06
C LEU A 32 6.34 -1.12 4.46
N ALA A 33 7.58 -0.78 4.66
CA ALA A 33 8.58 -1.80 5.05
C ALA A 33 8.25 -2.38 6.43
N THR A 34 7.55 -1.62 7.23
CA THR A 34 7.18 -2.13 8.58
C THR A 34 6.12 -3.23 8.48
N VAL A 35 5.53 -3.39 7.32
CA VAL A 35 4.50 -4.44 7.16
C VAL A 35 5.08 -5.82 7.50
N MET A 36 6.27 -6.11 7.04
CA MET A 36 6.89 -7.43 7.35
C MET A 36 7.16 -7.55 8.85
N ARG A 37 7.03 -6.47 9.58
CA ARG A 37 7.27 -6.53 11.05
C ARG A 37 6.63 -7.78 11.64
N SER A 38 5.53 -8.22 11.08
CA SER A 38 4.85 -9.43 11.62
C SER A 38 5.15 -10.64 10.73
N LEU A 39 5.69 -10.41 9.56
CA LEU A 39 6.00 -11.54 8.64
C LEU A 39 7.51 -11.57 8.33
N GLY A 40 8.32 -11.10 9.24
CA GLY A 40 9.79 -11.11 8.98
C GLY A 40 10.21 -9.75 8.41
N LEU A 41 10.40 -8.77 9.26
CA LEU A 41 10.81 -7.42 8.76
C LEU A 41 12.14 -7.52 7.99
N SER A 42 12.08 -7.75 6.71
CA SER A 42 13.34 -7.84 5.91
C SER A 42 13.05 -7.55 4.44
N PRO A 43 12.33 -6.48 4.21
CA PRO A 43 11.99 -6.08 2.82
C PRO A 43 13.21 -5.48 2.13
N SER A 44 13.92 -4.62 2.82
CA SER A 44 15.13 -3.98 2.20
C SER A 44 14.70 -2.97 1.13
N GLU A 45 15.38 -1.86 1.06
CA GLU A 45 15.03 -0.81 0.04
C GLU A 45 14.51 -1.45 -1.25
N ALA A 46 15.23 -2.40 -1.79
CA ALA A 46 14.76 -3.05 -3.05
C ALA A 46 13.27 -3.34 -2.95
N GLU A 47 12.84 -3.99 -1.89
CA GLU A 47 11.40 -4.29 -1.73
C GLU A 47 10.67 -3.03 -1.26
N VAL A 48 11.16 -2.40 -0.23
CA VAL A 48 10.51 -1.17 0.29
C VAL A 48 10.23 -0.21 -0.89
N ASN A 49 11.26 0.33 -1.46
CA ASN A 49 11.09 1.27 -2.60
C ASN A 49 10.19 0.62 -3.67
N ASP A 50 10.46 -0.60 -4.02
CA ASP A 50 9.63 -1.28 -5.07
C ASP A 50 8.14 -1.14 -4.71
N LEU A 51 7.74 -1.68 -3.59
CA LEU A 51 6.30 -1.58 -3.20
C LEU A 51 5.82 -0.13 -3.32
N MET A 52 6.47 0.78 -2.65
CA MET A 52 6.05 2.21 -2.73
C MET A 52 6.15 2.71 -4.17
N ASN A 53 7.21 2.38 -4.85
CA ASN A 53 7.36 2.84 -6.27
C ASN A 53 6.32 2.18 -7.16
N GLU A 54 5.99 0.94 -6.89
CA GLU A 54 4.98 0.24 -7.72
C GLU A 54 3.64 0.97 -7.66
N ILE A 55 3.22 1.37 -6.49
CA ILE A 55 1.92 2.09 -6.37
C ILE A 55 2.14 3.61 -6.49
N ASP A 56 3.36 4.02 -6.62
CA ASP A 56 3.64 5.49 -6.74
C ASP A 56 3.12 6.01 -8.08
N VAL A 57 1.85 6.28 -8.19
CA VAL A 57 1.29 6.79 -9.47
C VAL A 57 2.02 8.06 -9.88
N ASP A 58 2.45 8.87 -8.94
CA ASP A 58 3.17 10.12 -9.29
C ASP A 58 4.67 9.94 -9.10
N GLY A 59 5.07 9.04 -8.24
CA GLY A 59 6.53 8.81 -8.00
C GLY A 59 7.05 9.85 -7.02
N ASN A 60 6.59 9.82 -5.80
CA ASN A 60 7.06 10.82 -4.79
C ASN A 60 7.63 10.10 -3.57
N HIS A 61 8.27 8.98 -3.77
CA HIS A 61 8.86 8.23 -2.62
C HIS A 61 7.75 7.77 -1.67
N GLN A 62 6.52 7.85 -2.08
CA GLN A 62 5.40 7.41 -1.20
C GLN A 62 4.09 7.37 -1.99
N ILE A 63 3.11 6.68 -1.49
CA ILE A 63 1.81 6.60 -2.20
C ILE A 63 0.64 6.86 -1.23
N GLU A 64 -0.47 7.33 -1.74
CA GLU A 64 -1.63 7.58 -0.84
C GLU A 64 -2.59 6.39 -0.90
N PHE A 65 -3.76 6.53 -0.35
CA PHE A 65 -4.72 5.39 -0.38
C PHE A 65 -5.14 5.09 -1.83
N SER A 66 -5.94 5.96 -2.41
CA SER A 66 -6.40 5.75 -3.81
C SER A 66 -5.31 5.07 -4.65
N GLU A 67 -4.07 5.45 -4.45
CA GLU A 67 -2.98 4.81 -5.23
C GLU A 67 -2.87 3.34 -4.84
N PHE A 68 -2.92 3.06 -3.57
CA PHE A 68 -2.85 1.64 -3.11
C PHE A 68 -3.97 0.84 -3.77
N LEU A 69 -5.06 1.49 -4.07
CA LEU A 69 -6.20 0.78 -4.72
C LEU A 69 -5.88 0.54 -6.21
N ALA A 70 -5.31 1.53 -6.85
CA ALA A 70 -4.97 1.36 -8.29
C ALA A 70 -4.13 0.11 -8.51
N LEU A 71 -3.09 -0.07 -7.72
CA LEU A 71 -2.24 -1.28 -7.88
C LEU A 71 -2.87 -2.48 -7.16
N MET A 72 -3.53 -2.25 -6.06
CA MET A 72 -4.16 -3.36 -5.31
C MET A 72 -5.20 -4.06 -6.19
N SER A 73 -6.38 -3.51 -6.29
CA SER A 73 -7.43 -4.14 -7.14
C SER A 73 -6.95 -4.24 -8.59
N ARG A 74 -6.39 -5.35 -8.97
CA ARG A 74 -5.91 -5.51 -10.36
C ARG A 74 -6.93 -6.30 -11.19
N GLN A 75 -7.17 -7.53 -10.84
CA GLN A 75 -8.15 -8.34 -11.60
C GLN A 75 -7.77 -8.38 -13.08
N LEU A 76 -8.69 -8.69 -13.94
CA LEU A 76 -8.37 -8.75 -15.40
C LEU A 76 -9.33 -7.84 -16.18
N LYS A 77 -9.46 -6.60 -15.78
CA LYS A 77 -10.37 -5.68 -16.52
C LYS A 77 -9.65 -5.05 -17.70
CA CA B . 2.93 8.64 6.49
CA CA C . 2.20 8.72 -4.70
N SER A 1 -25.05 -7.88 -5.87
CA SER A 1 -24.07 -6.82 -6.23
C SER A 1 -23.15 -6.52 -5.05
N SER A 2 -22.44 -7.51 -4.58
CA SER A 2 -21.52 -7.28 -3.42
C SER A 2 -20.19 -8.02 -3.65
N ASN A 3 -19.36 -7.52 -4.50
CA ASN A 3 -18.05 -8.20 -4.76
C ASN A 3 -16.89 -7.29 -4.33
N LEU A 4 -16.70 -6.20 -5.03
CA LEU A 4 -15.58 -5.28 -4.67
C LEU A 4 -16.11 -3.85 -4.50
N THR A 5 -15.62 -2.91 -5.25
CA THR A 5 -16.11 -1.50 -5.11
C THR A 5 -16.04 -1.06 -3.65
N GLU A 6 -16.97 -0.26 -3.21
CA GLU A 6 -16.96 0.21 -1.79
C GLU A 6 -16.59 -0.95 -0.86
N GLU A 7 -16.93 -2.15 -1.24
CA GLU A 7 -16.60 -3.32 -0.39
C GLU A 7 -15.09 -3.56 -0.43
N GLN A 8 -14.53 -3.56 -1.60
CA GLN A 8 -13.05 -3.79 -1.70
C GLN A 8 -12.32 -2.55 -1.16
N ILE A 9 -12.76 -1.39 -1.57
CA ILE A 9 -12.11 -0.14 -1.07
C ILE A 9 -12.10 -0.14 0.45
N ALA A 10 -13.25 -0.14 1.07
CA ALA A 10 -13.29 -0.14 2.56
C ALA A 10 -12.27 -1.15 3.11
N GLU A 11 -12.27 -2.34 2.58
CA GLU A 11 -11.29 -3.36 3.06
C GLU A 11 -9.87 -2.88 2.79
N PHE A 12 -9.65 -2.29 1.63
CA PHE A 12 -8.29 -1.79 1.30
C PHE A 12 -7.91 -0.67 2.27
N LYS A 13 -8.78 0.28 2.47
CA LYS A 13 -8.47 1.40 3.41
C LYS A 13 -7.85 0.82 4.68
N GLU A 14 -8.52 -0.11 5.31
CA GLU A 14 -7.94 -0.71 6.55
C GLU A 14 -6.53 -1.22 6.25
N ALA A 15 -6.36 -1.87 5.13
CA ALA A 15 -5.00 -2.39 4.77
C ALA A 15 -4.05 -1.21 4.51
N PHE A 16 -4.47 -0.26 3.71
CA PHE A 16 -3.58 0.90 3.44
C PHE A 16 -3.00 1.42 4.75
N ALA A 17 -3.84 1.93 5.62
CA ALA A 17 -3.32 2.45 6.92
C ALA A 17 -2.29 1.47 7.49
N LEU A 18 -2.61 0.20 7.51
CA LEU A 18 -1.64 -0.79 8.04
C LEU A 18 -0.25 -0.49 7.50
N PHE A 19 -0.13 -0.28 6.21
CA PHE A 19 1.19 0.03 5.62
C PHE A 19 1.65 1.41 6.11
N ASP A 20 0.75 2.34 6.21
CA ASP A 20 1.13 3.70 6.69
C ASP A 20 1.22 3.71 8.22
N LYS A 21 2.38 3.98 8.76
CA LYS A 21 2.52 4.01 10.25
C LYS A 21 2.23 5.41 10.79
N ASP A 22 1.76 6.30 9.96
CA ASP A 22 1.46 7.68 10.42
C ASP A 22 0.00 8.03 10.12
N ASN A 23 -0.65 7.24 9.31
CA ASN A 23 -2.07 7.53 8.97
C ASN A 23 -2.19 8.88 8.25
N ASN A 24 -1.14 9.30 7.60
CA ASN A 24 -1.20 10.60 6.88
C ASN A 24 -1.76 10.41 5.47
N GLY A 25 -2.51 9.35 5.27
CA GLY A 25 -3.08 9.10 3.92
C GLY A 25 -1.94 8.89 2.92
N SER A 26 -0.75 8.66 3.42
CA SER A 26 0.40 8.45 2.52
C SER A 26 1.38 7.45 3.14
N ILE A 27 2.02 6.64 2.34
CA ILE A 27 2.98 5.65 2.90
C ILE A 27 4.36 5.83 2.29
N SER A 28 5.39 5.73 3.08
CA SER A 28 6.76 5.89 2.54
C SER A 28 7.45 4.52 2.42
N SER A 29 8.75 4.50 2.25
CA SER A 29 9.46 3.20 2.13
C SER A 29 9.26 2.36 3.39
N SER A 30 9.96 2.68 4.44
CA SER A 30 9.81 1.89 5.71
C SER A 30 8.33 1.68 6.04
N GLU A 31 7.53 2.71 5.91
CA GLU A 31 6.08 2.57 6.22
C GLU A 31 5.54 1.25 5.65
N LEU A 32 5.53 1.11 4.35
CA LEU A 32 5.01 -0.14 3.75
C LEU A 32 5.72 -1.35 4.35
N ALA A 33 7.01 -1.27 4.54
CA ALA A 33 7.77 -2.41 5.11
C ALA A 33 7.33 -2.65 6.57
N THR A 34 6.74 -1.66 7.19
CA THR A 34 6.30 -1.82 8.60
C THR A 34 4.95 -2.52 8.66
N VAL A 35 4.88 -3.75 8.23
CA VAL A 35 3.58 -4.49 8.26
C VAL A 35 3.83 -6.00 8.28
N MET A 36 4.73 -6.48 7.46
CA MET A 36 5.02 -7.94 7.44
C MET A 36 6.39 -8.22 8.06
N ARG A 37 7.33 -7.33 7.87
CA ARG A 37 8.68 -7.55 8.46
C ARG A 37 8.57 -7.95 9.93
N SER A 38 7.58 -7.43 10.62
CA SER A 38 7.42 -7.78 12.05
C SER A 38 7.08 -9.27 12.21
N LEU A 39 6.04 -9.72 11.57
CA LEU A 39 5.66 -11.16 11.67
C LEU A 39 5.09 -11.66 10.34
N GLY A 40 5.91 -11.69 9.31
CA GLY A 40 5.41 -12.17 7.99
C GLY A 40 6.57 -12.19 6.99
N LEU A 41 7.36 -11.16 6.97
CA LEU A 41 8.51 -11.13 6.02
C LEU A 41 9.23 -9.77 6.10
N SER A 42 10.50 -9.77 6.34
CA SER A 42 11.25 -8.49 6.44
C SER A 42 12.15 -8.31 5.21
N PRO A 43 11.59 -7.70 4.20
CA PRO A 43 12.34 -7.46 2.94
C PRO A 43 13.39 -6.35 3.14
N SER A 44 13.83 -5.75 2.07
CA SER A 44 14.84 -4.66 2.21
C SER A 44 14.48 -3.48 1.29
N GLU A 45 15.10 -2.35 1.51
CA GLU A 45 14.80 -1.15 0.68
C GLU A 45 14.49 -1.55 -0.77
N ALA A 46 15.35 -2.30 -1.39
CA ALA A 46 15.07 -2.73 -2.80
C ALA A 46 13.62 -3.16 -2.93
N GLU A 47 13.16 -3.98 -2.01
CA GLU A 47 11.75 -4.43 -2.04
C GLU A 47 10.85 -3.34 -1.45
N VAL A 48 11.16 -2.91 -0.26
CA VAL A 48 10.33 -1.83 0.38
C VAL A 48 10.06 -0.72 -0.62
N ASN A 49 11.10 -0.02 -1.01
CA ASN A 49 10.94 1.09 -1.99
C ASN A 49 10.25 0.56 -3.26
N ASP A 50 10.75 -0.52 -3.80
CA ASP A 50 10.12 -1.08 -5.04
C ASP A 50 8.60 -1.12 -4.89
N LEU A 51 8.12 -1.50 -3.74
CA LEU A 51 6.64 -1.55 -3.53
C LEU A 51 6.05 -0.14 -3.62
N MET A 52 6.47 0.74 -2.74
CA MET A 52 5.93 2.13 -2.77
C MET A 52 6.03 2.70 -4.18
N ASN A 53 7.16 2.58 -4.80
CA ASN A 53 7.32 3.12 -6.18
C ASN A 53 6.24 2.54 -7.11
N GLU A 54 6.09 1.25 -7.12
CA GLU A 54 5.06 0.62 -8.00
C GLU A 54 3.73 1.38 -7.86
N ILE A 55 3.17 1.42 -6.69
CA ILE A 55 1.88 2.13 -6.50
C ILE A 55 2.09 3.65 -6.63
N ASP A 56 3.31 4.09 -6.53
CA ASP A 56 3.58 5.56 -6.64
C ASP A 56 3.10 6.08 -8.00
N VAL A 57 1.83 6.31 -8.14
CA VAL A 57 1.30 6.82 -9.44
C VAL A 57 2.01 8.12 -9.82
N ASP A 58 2.36 8.92 -8.86
CA ASP A 58 3.06 10.21 -9.18
C ASP A 58 4.57 10.07 -8.92
N GLY A 59 4.95 9.21 -8.03
CA GLY A 59 6.41 9.03 -7.74
C GLY A 59 6.85 10.08 -6.70
N ASN A 60 6.39 9.96 -5.49
CA ASN A 60 6.80 10.94 -4.44
C ASN A 60 7.42 10.22 -3.25
N HIS A 61 8.15 9.16 -3.49
CA HIS A 61 8.78 8.42 -2.37
C HIS A 61 7.72 7.85 -1.44
N GLN A 62 6.48 7.86 -1.85
CA GLN A 62 5.39 7.32 -1.00
C GLN A 62 4.09 7.22 -1.79
N ILE A 63 3.10 6.55 -1.26
CA ILE A 63 1.82 6.42 -2.00
C ILE A 63 0.64 6.79 -1.10
N GLU A 64 -0.45 7.20 -1.69
CA GLU A 64 -1.65 7.56 -0.88
C GLU A 64 -2.67 6.42 -0.96
N PHE A 65 -3.70 6.46 -0.17
CA PHE A 65 -4.70 5.34 -0.24
C PHE A 65 -5.10 5.08 -1.69
N SER A 66 -5.91 5.94 -2.26
CA SER A 66 -6.36 5.76 -3.67
C SER A 66 -5.25 5.12 -4.52
N GLU A 67 -4.03 5.55 -4.35
CA GLU A 67 -2.93 4.95 -5.14
C GLU A 67 -2.77 3.48 -4.75
N PHE A 68 -2.80 3.20 -3.48
CA PHE A 68 -2.69 1.79 -3.02
C PHE A 68 -3.80 0.96 -3.67
N LEU A 69 -4.94 1.56 -3.87
CA LEU A 69 -6.07 0.82 -4.52
C LEU A 69 -5.74 0.57 -6.00
N ALA A 70 -5.39 1.60 -6.71
CA ALA A 70 -5.05 1.43 -8.16
C ALA A 70 -4.17 0.19 -8.33
N LEU A 71 -3.21 0.00 -7.46
CA LEU A 71 -2.32 -1.18 -7.57
C LEU A 71 -2.95 -2.39 -6.89
N MET A 72 -3.83 -2.17 -5.94
CA MET A 72 -4.48 -3.30 -5.24
C MET A 72 -5.46 -4.02 -6.18
N SER A 73 -6.64 -3.48 -6.35
CA SER A 73 -7.64 -4.12 -7.25
C SER A 73 -6.96 -4.52 -8.57
N ARG A 74 -7.61 -5.37 -9.33
CA ARG A 74 -7.01 -5.80 -10.63
C ARG A 74 -8.07 -6.45 -11.51
N GLN A 75 -7.73 -6.77 -12.74
CA GLN A 75 -8.73 -7.40 -13.64
C GLN A 75 -9.21 -8.73 -13.05
N LEU A 76 -9.60 -9.66 -13.88
CA LEU A 76 -10.08 -10.97 -13.37
C LEU A 76 -9.80 -12.07 -14.39
N LYS A 77 -8.58 -12.51 -14.49
CA LYS A 77 -8.24 -13.59 -15.46
C LYS A 77 -8.79 -13.23 -16.85
CA CA B . 2.87 8.59 6.52
CA CA C . 2.28 8.37 -5.03
N SER A 1 -25.49 -8.74 -2.53
CA SER A 1 -25.85 -7.43 -3.15
C SER A 1 -24.60 -6.72 -3.66
N SER A 2 -23.44 -7.16 -3.24
CA SER A 2 -22.18 -6.51 -3.69
C SER A 2 -20.97 -7.27 -3.14
N ASN A 3 -19.81 -7.02 -3.69
CA ASN A 3 -18.59 -7.71 -3.19
C ASN A 3 -17.37 -6.79 -3.29
N LEU A 4 -17.23 -6.09 -4.38
CA LEU A 4 -16.07 -5.17 -4.54
C LEU A 4 -16.51 -3.72 -4.29
N THR A 5 -16.05 -2.81 -5.11
CA THR A 5 -16.45 -1.38 -4.91
C THR A 5 -16.18 -0.95 -3.47
N GLU A 6 -16.99 -0.09 -2.92
CA GLU A 6 -16.76 0.33 -1.51
C GLU A 6 -16.40 -0.88 -0.66
N GLU A 7 -16.98 -2.01 -0.97
CA GLU A 7 -16.66 -3.24 -0.20
C GLU A 7 -15.15 -3.49 -0.29
N GLN A 8 -14.63 -3.47 -1.48
CA GLN A 8 -13.16 -3.68 -1.63
C GLN A 8 -12.43 -2.42 -1.14
N ILE A 9 -12.86 -1.27 -1.57
CA ILE A 9 -12.22 -0.01 -1.12
C ILE A 9 -12.20 0.05 0.40
N ALA A 10 -13.36 0.17 1.02
CA ALA A 10 -13.40 0.23 2.51
C ALA A 10 -12.41 -0.79 3.10
N GLU A 11 -12.44 -2.00 2.61
CA GLU A 11 -11.50 -3.03 3.13
C GLU A 11 -10.05 -2.59 2.84
N PHE A 12 -9.81 -2.08 1.68
CA PHE A 12 -8.43 -1.62 1.33
C PHE A 12 -8.04 -0.46 2.26
N LYS A 13 -8.86 0.54 2.35
CA LYS A 13 -8.54 1.70 3.23
C LYS A 13 -7.95 1.19 4.55
N GLU A 14 -8.64 0.29 5.21
CA GLU A 14 -8.10 -0.24 6.49
C GLU A 14 -6.70 -0.81 6.24
N ALA A 15 -6.54 -1.56 5.18
CA ALA A 15 -5.20 -2.13 4.87
C ALA A 15 -4.21 -1.00 4.55
N PHE A 16 -4.61 -0.08 3.71
CA PHE A 16 -3.70 1.06 3.38
C PHE A 16 -3.08 1.61 4.66
N ALA A 17 -3.90 2.04 5.59
CA ALA A 17 -3.36 2.58 6.86
C ALA A 17 -2.32 1.61 7.43
N LEU A 18 -2.64 0.35 7.49
CA LEU A 18 -1.66 -0.64 8.02
C LEU A 18 -0.32 -0.49 7.28
N PHE A 19 -0.37 -0.18 6.02
CA PHE A 19 0.90 -0.01 5.24
C PHE A 19 1.53 1.35 5.57
N ASP A 20 0.73 2.38 5.63
CA ASP A 20 1.28 3.73 5.94
C ASP A 20 1.86 3.75 7.36
N LYS A 21 1.48 2.81 8.18
CA LYS A 21 2.01 2.79 9.58
C LYS A 21 2.05 4.20 10.14
N ASP A 22 0.97 4.90 10.09
CA ASP A 22 0.95 6.30 10.62
C ASP A 22 -0.44 6.94 10.43
N ASN A 23 -1.18 6.49 9.44
CA ASN A 23 -2.54 7.06 9.21
C ASN A 23 -2.41 8.48 8.64
N ASN A 24 -1.26 8.82 8.13
CA ASN A 24 -1.07 10.18 7.55
C ASN A 24 -1.63 10.21 6.12
N GLY A 25 -2.34 9.19 5.73
CA GLY A 25 -2.91 9.17 4.35
C GLY A 25 -1.79 9.04 3.33
N SER A 26 -0.66 8.52 3.73
CA SER A 26 0.47 8.38 2.78
C SER A 26 1.42 7.26 3.23
N ILE A 27 1.86 6.45 2.31
CA ILE A 27 2.78 5.32 2.68
C ILE A 27 4.21 5.68 2.28
N SER A 28 5.13 5.66 3.21
CA SER A 28 6.54 5.99 2.86
C SER A 28 7.38 4.71 2.84
N SER A 29 8.49 4.73 2.16
CA SER A 29 9.35 3.51 2.09
C SER A 29 9.46 2.86 3.47
N SER A 30 9.60 3.64 4.50
CA SER A 30 9.71 3.06 5.87
C SER A 30 8.36 2.50 6.31
N GLU A 31 7.29 3.16 5.99
CA GLU A 31 5.95 2.67 6.41
C GLU A 31 5.62 1.35 5.69
N LEU A 32 5.40 1.41 4.40
CA LEU A 32 5.08 0.16 3.64
C LEU A 32 6.12 -0.93 3.95
N ALA A 33 7.34 -0.54 4.20
CA ALA A 33 8.40 -1.56 4.51
C ALA A 33 8.13 -2.19 5.88
N THR A 34 7.52 -1.47 6.77
CA THR A 34 7.22 -2.05 8.11
C THR A 34 6.32 -3.28 7.99
N VAL A 35 5.72 -3.47 6.84
CA VAL A 35 4.83 -4.65 6.65
C VAL A 35 5.57 -5.93 7.01
N MET A 36 6.71 -6.16 6.41
CA MET A 36 7.47 -7.41 6.72
C MET A 36 7.51 -7.64 8.23
N ARG A 37 7.45 -6.59 9.00
CA ARG A 37 7.48 -6.76 10.49
C ARG A 37 6.49 -7.86 10.90
N SER A 38 5.48 -8.09 10.11
CA SER A 38 4.49 -9.14 10.47
C SER A 38 5.02 -10.52 10.07
N LEU A 39 5.96 -10.57 9.17
CA LEU A 39 6.51 -11.89 8.75
C LEU A 39 8.04 -11.80 8.58
N GLY A 40 8.68 -11.01 9.39
CA GLY A 40 10.17 -10.89 9.28
C GLY A 40 10.53 -9.53 8.67
N LEU A 41 10.65 -8.52 9.48
CA LEU A 41 11.00 -7.17 8.94
C LEU A 41 12.34 -7.23 8.20
N SER A 42 12.29 -7.43 6.92
CA SER A 42 13.56 -7.48 6.13
C SER A 42 13.26 -7.26 4.64
N PRO A 43 12.54 -6.20 4.37
CA PRO A 43 12.18 -5.87 2.97
C PRO A 43 13.39 -5.27 2.24
N SER A 44 14.14 -4.44 2.90
CA SER A 44 15.32 -3.81 2.24
C SER A 44 14.87 -2.84 1.15
N GLU A 45 15.59 -1.76 0.96
CA GLU A 45 15.21 -0.76 -0.08
C GLU A 45 14.58 -1.44 -1.30
N ALA A 46 15.21 -2.47 -1.80
CA ALA A 46 14.64 -3.18 -2.98
C ALA A 46 13.13 -3.40 -2.78
N GLU A 47 12.76 -3.94 -1.64
CA GLU A 47 11.31 -4.16 -1.38
C GLU A 47 10.65 -2.87 -0.90
N VAL A 48 11.33 -2.14 -0.05
CA VAL A 48 10.77 -0.85 0.45
C VAL A 48 10.45 0.06 -0.73
N ASN A 49 11.47 0.48 -1.44
CA ASN A 49 11.25 1.36 -2.61
C ASN A 49 10.32 0.69 -3.62
N ASP A 50 10.52 -0.57 -3.89
CA ASP A 50 9.63 -1.28 -4.86
C ASP A 50 8.18 -1.15 -4.42
N LEU A 51 7.82 -1.74 -3.32
CA LEU A 51 6.42 -1.65 -2.84
C LEU A 51 5.88 -0.23 -3.00
N MET A 52 6.58 0.73 -2.45
CA MET A 52 6.12 2.15 -2.57
C MET A 52 6.11 2.58 -4.04
N ASN A 53 7.13 2.25 -4.78
CA ASN A 53 7.17 2.65 -6.22
C ASN A 53 6.12 1.85 -7.01
N GLU A 54 5.95 0.60 -6.71
CA GLU A 54 4.95 -0.21 -7.45
C GLU A 54 3.58 0.47 -7.42
N ILE A 55 3.38 1.39 -6.50
CA ILE A 55 2.08 2.09 -6.42
C ILE A 55 2.29 3.60 -6.51
N ASP A 56 3.50 4.04 -6.42
CA ASP A 56 3.78 5.51 -6.50
C ASP A 56 3.33 6.06 -7.85
N VAL A 57 2.05 6.26 -8.03
CA VAL A 57 1.55 6.80 -9.32
C VAL A 57 2.19 8.15 -9.63
N ASP A 58 2.45 8.93 -8.62
CA ASP A 58 3.08 10.27 -8.84
C ASP A 58 4.60 10.17 -8.73
N GLY A 59 5.09 9.30 -7.89
CA GLY A 59 6.56 9.16 -7.73
C GLY A 59 7.07 10.13 -6.67
N ASN A 60 6.52 10.05 -5.48
CA ASN A 60 6.97 10.97 -4.40
C ASN A 60 7.55 10.17 -3.23
N HIS A 61 8.24 9.11 -3.51
CA HIS A 61 8.84 8.27 -2.42
C HIS A 61 7.74 7.69 -1.54
N GLN A 62 6.51 7.79 -1.98
CA GLN A 62 5.39 7.23 -1.16
C GLN A 62 4.09 7.24 -1.97
N ILE A 63 3.10 6.52 -1.53
CA ILE A 63 1.81 6.48 -2.27
C ILE A 63 0.64 6.75 -1.33
N GLU A 64 -0.44 7.26 -1.84
CA GLU A 64 -1.62 7.55 -0.96
C GLU A 64 -2.58 6.36 -1.01
N PHE A 65 -3.71 6.48 -0.37
CA PHE A 65 -4.69 5.34 -0.39
C PHE A 65 -5.11 5.03 -1.82
N SER A 66 -5.89 5.91 -2.42
CA SER A 66 -6.37 5.68 -3.81
C SER A 66 -5.29 4.97 -4.64
N GLU A 67 -4.06 5.38 -4.51
CA GLU A 67 -2.98 4.71 -5.29
C GLU A 67 -2.91 3.24 -4.89
N PHE A 68 -2.96 2.96 -3.62
CA PHE A 68 -2.93 1.55 -3.16
C PHE A 68 -4.06 0.76 -3.82
N LEU A 69 -5.15 1.42 -4.13
CA LEU A 69 -6.29 0.74 -4.78
C LEU A 69 -5.97 0.49 -6.26
N ALA A 70 -5.18 1.35 -6.85
CA ALA A 70 -4.82 1.17 -8.28
C ALA A 70 -3.96 -0.09 -8.46
N LEU A 71 -2.99 -0.27 -7.62
CA LEU A 71 -2.11 -1.48 -7.73
C LEU A 71 -2.75 -2.66 -7.01
N MET A 72 -3.45 -2.42 -5.94
CA MET A 72 -4.10 -3.53 -5.20
C MET A 72 -5.19 -4.18 -6.06
N SER A 73 -6.39 -3.66 -6.00
CA SER A 73 -7.50 -4.25 -6.81
C SER A 73 -7.10 -4.31 -8.28
N ARG A 74 -7.18 -5.46 -8.90
CA ARG A 74 -6.80 -5.57 -10.34
C ARG A 74 -7.42 -6.83 -10.94
N GLN A 75 -8.72 -6.94 -10.92
CA GLN A 75 -9.38 -8.15 -11.49
C GLN A 75 -9.33 -8.09 -13.03
N LEU A 76 -10.09 -8.94 -13.68
CA LEU A 76 -10.08 -8.93 -15.17
C LEU A 76 -10.13 -7.50 -15.70
N LYS A 77 -9.51 -7.24 -16.81
CA LYS A 77 -9.53 -5.87 -17.38
C LYS A 77 -8.80 -4.90 -16.45
CA CA B . 2.86 8.85 6.31
CA CA C . 2.19 8.77 -4.95
N SER A 1 -14.15 2.20 -9.74
CA SER A 1 -15.22 1.90 -8.76
C SER A 1 -15.96 0.62 -9.15
N SER A 2 -15.26 -0.36 -9.66
CA SER A 2 -15.92 -1.63 -10.06
C SER A 2 -15.72 -2.70 -8.99
N ASN A 3 -16.04 -3.93 -9.28
CA ASN A 3 -15.87 -5.01 -8.28
C ASN A 3 -16.65 -4.69 -7.00
N LEU A 4 -16.10 -5.01 -5.86
CA LEU A 4 -16.82 -4.71 -4.58
C LEU A 4 -16.88 -3.20 -4.35
N THR A 5 -16.22 -2.43 -5.18
CA THR A 5 -16.25 -0.94 -5.03
C THR A 5 -16.23 -0.54 -3.54
N GLU A 6 -17.09 0.37 -3.15
CA GLU A 6 -17.12 0.81 -1.72
C GLU A 6 -16.84 -0.37 -0.79
N GLU A 7 -17.21 -1.55 -1.19
CA GLU A 7 -16.95 -2.73 -0.33
C GLU A 7 -15.47 -3.08 -0.40
N GLN A 8 -14.90 -3.08 -1.58
CA GLN A 8 -13.46 -3.39 -1.71
C GLN A 8 -12.65 -2.20 -1.19
N ILE A 9 -13.02 -1.01 -1.58
CA ILE A 9 -12.29 0.19 -1.10
C ILE A 9 -12.27 0.20 0.43
N ALA A 10 -13.41 0.30 1.05
CA ALA A 10 -13.44 0.31 2.54
C ALA A 10 -12.49 -0.76 3.09
N GLU A 11 -12.58 -1.96 2.57
CA GLU A 11 -11.67 -3.03 3.05
C GLU A 11 -10.22 -2.66 2.76
N PHE A 12 -9.98 -2.10 1.60
CA PHE A 12 -8.59 -1.70 1.25
C PHE A 12 -8.11 -0.60 2.21
N LYS A 13 -8.90 0.42 2.39
CA LYS A 13 -8.50 1.51 3.33
C LYS A 13 -7.92 0.90 4.60
N GLU A 14 -8.65 0.01 5.22
CA GLU A 14 -8.12 -0.63 6.45
C GLU A 14 -6.74 -1.21 6.16
N ALA A 15 -6.60 -1.89 5.05
CA ALA A 15 -5.27 -2.46 4.69
C ALA A 15 -4.27 -1.34 4.46
N PHE A 16 -4.63 -0.35 3.68
CA PHE A 16 -3.69 0.78 3.43
C PHE A 16 -3.10 1.26 4.75
N ALA A 17 -3.93 1.72 5.65
CA ALA A 17 -3.42 2.20 6.95
C ALA A 17 -2.38 1.20 7.49
N LEU A 18 -2.72 -0.06 7.49
CA LEU A 18 -1.74 -1.08 7.99
C LEU A 18 -0.37 -0.80 7.38
N PHE A 19 -0.32 -0.42 6.13
CA PHE A 19 0.98 -0.13 5.47
C PHE A 19 1.56 1.17 6.04
N ASP A 20 0.76 2.20 6.13
CA ASP A 20 1.27 3.49 6.67
C ASP A 20 1.39 3.39 8.19
N LYS A 21 2.42 3.97 8.76
CA LYS A 21 2.59 3.91 10.24
C LYS A 21 2.25 5.25 10.88
N ASP A 22 1.69 6.15 10.13
CA ASP A 22 1.32 7.48 10.70
C ASP A 22 -0.15 7.81 10.43
N ASN A 23 -0.78 7.04 9.59
CA ASN A 23 -2.22 7.30 9.28
C ASN A 23 -2.37 8.66 8.58
N ASN A 24 -1.31 9.13 7.95
CA ASN A 24 -1.41 10.44 7.25
C ASN A 24 -1.99 10.24 5.85
N GLY A 25 -2.62 9.12 5.60
CA GLY A 25 -3.19 8.86 4.25
C GLY A 25 -2.04 8.68 3.25
N SER A 26 -0.83 8.59 3.74
CA SER A 26 0.34 8.41 2.83
C SER A 26 1.27 7.34 3.39
N ILE A 27 1.97 6.65 2.54
CA ILE A 27 2.89 5.58 3.04
C ILE A 27 4.31 5.83 2.53
N SER A 28 5.28 5.79 3.41
CA SER A 28 6.69 6.02 2.99
C SER A 28 7.45 4.68 2.95
N SER A 29 8.74 4.73 2.78
CA SER A 29 9.53 3.47 2.73
C SER A 29 9.40 2.71 4.05
N SER A 30 9.95 3.24 5.11
CA SER A 30 9.85 2.54 6.43
C SER A 30 8.40 2.19 6.74
N GLU A 31 7.47 2.83 6.10
CA GLU A 31 6.03 2.53 6.37
C GLU A 31 5.62 1.23 5.68
N LEU A 32 5.31 1.29 4.41
CA LEU A 32 4.91 0.05 3.69
C LEU A 32 5.87 -1.10 4.02
N ALA A 33 7.12 -0.79 4.22
CA ALA A 33 8.11 -1.86 4.55
C ALA A 33 7.78 -2.47 5.91
N THR A 34 7.47 -1.65 6.88
CA THR A 34 7.15 -2.19 8.23
C THR A 34 6.12 -3.32 8.12
N VAL A 35 5.37 -3.35 7.06
CA VAL A 35 4.35 -4.42 6.89
C VAL A 35 5.02 -5.80 6.95
N MET A 36 5.99 -6.03 6.11
CA MET A 36 6.70 -7.35 6.12
C MET A 36 8.08 -7.21 6.72
N ARG A 37 8.85 -6.26 6.24
CA ARG A 37 10.23 -6.06 6.79
C ARG A 37 10.20 -6.11 8.32
N SER A 38 9.15 -5.60 8.92
CA SER A 38 9.08 -5.60 10.41
C SER A 38 9.36 -7.00 10.94
N LEU A 39 8.36 -7.85 11.00
CA LEU A 39 8.59 -9.23 11.52
C LEU A 39 8.42 -10.25 10.40
N GLY A 40 7.73 -9.90 9.35
CA GLY A 40 7.54 -10.85 8.22
C GLY A 40 8.84 -10.98 7.43
N LEU A 41 9.04 -10.15 6.44
CA LEU A 41 10.30 -10.22 5.65
C LEU A 41 11.35 -9.29 6.23
N SER A 42 12.26 -8.83 5.41
CA SER A 42 13.33 -7.91 5.92
C SER A 42 14.19 -7.42 4.75
N PRO A 43 13.54 -6.84 3.78
CA PRO A 43 14.26 -6.32 2.60
C PRO A 43 15.00 -5.02 2.94
N SER A 44 15.34 -4.24 1.95
CA SER A 44 16.05 -2.96 2.23
C SER A 44 15.43 -1.81 1.43
N GLU A 45 15.70 -0.58 1.82
CA GLU A 45 15.13 0.59 1.10
C GLU A 45 15.02 0.31 -0.41
N ALA A 46 16.00 -0.35 -0.97
CA ALA A 46 15.95 -0.65 -2.42
C ALA A 46 14.67 -1.43 -2.75
N GLU A 47 14.58 -2.65 -2.27
CA GLU A 47 13.35 -3.46 -2.53
C GLU A 47 12.13 -2.73 -1.95
N VAL A 48 12.27 -2.18 -0.78
CA VAL A 48 11.12 -1.46 -0.15
C VAL A 48 10.57 -0.43 -1.14
N ASN A 49 11.39 0.52 -1.51
CA ASN A 49 10.93 1.56 -2.48
C ASN A 49 10.25 0.89 -3.67
N ASP A 50 10.77 -0.22 -4.14
CA ASP A 50 10.14 -0.91 -5.29
C ASP A 50 8.66 -1.17 -5.00
N LEU A 51 8.37 -1.70 -3.84
CA LEU A 51 6.94 -1.97 -3.49
C LEU A 51 6.13 -0.69 -3.58
N MET A 52 6.56 0.34 -2.90
CA MET A 52 5.82 1.63 -2.95
C MET A 52 5.70 2.11 -4.40
N ASN A 53 6.73 1.89 -5.19
CA ASN A 53 6.69 2.33 -6.61
C ASN A 53 5.52 1.66 -7.34
N GLU A 54 5.40 0.36 -7.22
CA GLU A 54 4.29 -0.35 -7.90
C GLU A 54 2.99 0.43 -7.73
N ILE A 55 2.86 1.16 -6.66
CA ILE A 55 1.61 1.95 -6.44
C ILE A 55 1.93 3.45 -6.51
N ASP A 56 3.18 3.80 -6.46
CA ASP A 56 3.55 5.24 -6.52
C ASP A 56 3.15 5.83 -7.87
N VAL A 57 1.90 6.20 -8.02
CA VAL A 57 1.45 6.78 -9.31
C VAL A 57 2.24 8.04 -9.64
N ASP A 58 2.65 8.78 -8.64
CA ASP A 58 3.43 10.02 -8.90
C ASP A 58 4.93 9.72 -8.90
N GLY A 59 5.37 8.80 -8.09
CA GLY A 59 6.82 8.47 -8.05
C GLY A 59 7.51 9.34 -6.99
N ASN A 60 7.00 9.35 -5.79
CA ASN A 60 7.63 10.18 -4.72
C ASN A 60 8.09 9.28 -3.57
N HIS A 61 8.49 8.08 -3.86
CA HIS A 61 8.94 7.14 -2.78
C HIS A 61 7.82 6.94 -1.75
N GLN A 62 6.62 7.33 -2.09
CA GLN A 62 5.48 7.14 -1.13
C GLN A 62 4.17 7.06 -1.92
N ILE A 63 3.17 6.43 -1.37
CA ILE A 63 1.88 6.31 -2.10
C ILE A 63 0.71 6.66 -1.18
N GLU A 64 -0.37 7.13 -1.74
CA GLU A 64 -1.55 7.47 -0.89
C GLU A 64 -2.57 6.33 -0.99
N PHE A 65 -3.54 6.31 -0.11
CA PHE A 65 -4.56 5.21 -0.18
C PHE A 65 -5.00 5.01 -1.62
N SER A 66 -5.76 5.94 -2.16
CA SER A 66 -6.25 5.82 -3.56
C SER A 66 -5.20 5.13 -4.44
N GLU A 67 -3.96 5.50 -4.31
CA GLU A 67 -2.91 4.84 -5.14
C GLU A 67 -2.84 3.35 -4.78
N PHE A 68 -2.86 3.04 -3.52
CA PHE A 68 -2.82 1.62 -3.10
C PHE A 68 -3.98 0.87 -3.78
N LEU A 69 -5.08 1.55 -3.97
CA LEU A 69 -6.25 0.90 -4.63
C LEU A 69 -5.93 0.68 -6.12
N ALA A 70 -5.50 1.70 -6.79
CA ALA A 70 -5.16 1.54 -8.24
C ALA A 70 -4.37 0.25 -8.45
N LEU A 71 -3.46 -0.05 -7.56
CA LEU A 71 -2.66 -1.29 -7.70
C LEU A 71 -3.41 -2.48 -7.08
N MET A 72 -4.21 -2.22 -6.08
CA MET A 72 -4.97 -3.32 -5.42
C MET A 72 -5.97 -3.93 -6.41
N SER A 73 -7.08 -3.28 -6.60
CA SER A 73 -8.10 -3.82 -7.55
C SER A 73 -7.48 -4.00 -8.94
N ARG A 74 -6.65 -3.08 -9.36
CA ARG A 74 -6.02 -3.21 -10.70
C ARG A 74 -7.09 -3.38 -11.78
N GLN A 75 -7.34 -2.36 -12.54
CA GLN A 75 -8.38 -2.46 -13.61
C GLN A 75 -7.87 -3.35 -14.75
N LEU A 76 -8.36 -3.13 -15.94
CA LEU A 76 -7.90 -3.96 -17.09
C LEU A 76 -7.67 -3.08 -18.33
N LYS A 77 -6.44 -2.76 -18.61
CA LYS A 77 -6.14 -1.90 -19.79
C LYS A 77 -5.41 -2.72 -20.87
CA CA B . 2.54 8.43 6.81
CA CA C . 2.31 8.64 -4.38
N SER A 1 -15.91 -14.55 -4.94
CA SER A 1 -15.31 -13.75 -3.84
C SER A 1 -16.27 -12.64 -3.41
N SER A 2 -17.01 -12.08 -4.33
CA SER A 2 -17.97 -11.00 -3.97
C SER A 2 -17.23 -9.84 -3.30
N ASN A 3 -17.95 -8.93 -2.71
CA ASN A 3 -17.29 -7.77 -2.04
C ASN A 3 -16.45 -6.99 -3.05
N LEU A 4 -16.92 -5.85 -3.46
CA LEU A 4 -16.15 -5.03 -4.45
C LEU A 4 -16.47 -3.55 -4.26
N THR A 5 -15.93 -2.70 -5.08
CA THR A 5 -16.22 -1.25 -4.94
C THR A 5 -16.12 -0.81 -3.47
N GLU A 6 -17.02 0.02 -3.03
CA GLU A 6 -16.98 0.49 -1.61
C GLU A 6 -16.61 -0.66 -0.67
N GLU A 7 -17.04 -1.85 -1.00
CA GLU A 7 -16.70 -3.02 -0.13
C GLU A 7 -15.20 -3.29 -0.21
N GLN A 8 -14.65 -3.32 -1.39
CA GLN A 8 -13.18 -3.55 -1.51
C GLN A 8 -12.44 -2.32 -0.99
N ILE A 9 -12.86 -1.16 -1.42
CA ILE A 9 -12.19 0.08 -0.95
C ILE A 9 -12.15 0.11 0.58
N ALA A 10 -13.28 0.14 1.21
CA ALA A 10 -13.31 0.15 2.71
C ALA A 10 -12.29 -0.85 3.24
N GLU A 11 -12.30 -2.05 2.73
CA GLU A 11 -11.33 -3.07 3.20
C GLU A 11 -9.90 -2.60 2.91
N PHE A 12 -9.69 -2.05 1.75
CA PHE A 12 -8.33 -1.55 1.40
C PHE A 12 -7.93 -0.41 2.33
N LYS A 13 -8.78 0.57 2.47
CA LYS A 13 -8.47 1.71 3.37
C LYS A 13 -7.83 1.19 4.66
N GLU A 14 -8.48 0.29 5.33
CA GLU A 14 -7.89 -0.27 6.58
C GLU A 14 -6.51 -0.82 6.27
N ALA A 15 -6.38 -1.54 5.20
CA ALA A 15 -5.05 -2.10 4.82
C ALA A 15 -4.08 -0.96 4.48
N PHE A 16 -4.52 -0.01 3.69
CA PHE A 16 -3.62 1.12 3.35
C PHE A 16 -2.95 1.65 4.62
N ALA A 17 -3.74 2.12 5.55
CA ALA A 17 -3.16 2.63 6.82
C ALA A 17 -2.09 1.66 7.33
N LEU A 18 -2.43 0.40 7.41
CA LEU A 18 -1.44 -0.60 7.89
C LEU A 18 -0.08 -0.34 7.23
N PHE A 19 -0.10 -0.02 5.96
CA PHE A 19 1.19 0.24 5.25
C PHE A 19 1.71 1.63 5.63
N ASP A 20 0.83 2.56 5.84
CA ASP A 20 1.27 3.94 6.23
C ASP A 20 1.71 3.95 7.70
N LYS A 21 1.21 3.03 8.48
CA LYS A 21 1.60 2.95 9.92
C LYS A 21 1.06 4.16 10.70
N ASP A 22 0.31 5.02 10.06
CA ASP A 22 -0.23 6.21 10.79
C ASP A 22 -1.42 6.81 10.05
N ASN A 23 -2.03 6.05 9.18
CA ASN A 23 -3.21 6.58 8.41
C ASN A 23 -2.98 8.04 8.01
N ASN A 24 -1.77 8.39 7.66
CA ASN A 24 -1.49 9.80 7.25
C ASN A 24 -1.92 10.02 5.80
N GLY A 25 -2.60 9.07 5.22
CA GLY A 25 -3.04 9.23 3.80
C GLY A 25 -1.82 9.13 2.89
N SER A 26 -0.76 8.57 3.36
CA SER A 26 0.47 8.44 2.52
C SER A 26 1.41 7.37 3.11
N ILE A 27 2.00 6.57 2.27
CA ILE A 27 2.92 5.51 2.78
C ILE A 27 4.36 5.79 2.32
N SER A 28 5.32 5.56 3.18
CA SER A 28 6.73 5.81 2.78
C SER A 28 7.52 4.50 2.83
N SER A 29 8.61 4.41 2.12
CA SER A 29 9.41 3.15 2.12
C SER A 29 9.52 2.60 3.54
N SER A 30 9.64 3.46 4.52
CA SER A 30 9.75 2.98 5.92
C SER A 30 8.39 2.45 6.42
N GLU A 31 7.33 3.15 6.14
CA GLU A 31 5.99 2.68 6.59
C GLU A 31 5.67 1.32 5.98
N LEU A 32 5.51 1.27 4.69
CA LEU A 32 5.20 -0.04 4.04
C LEU A 32 6.14 -1.13 4.55
N ALA A 33 7.41 -0.85 4.62
CA ALA A 33 8.37 -1.87 5.12
C ALA A 33 8.04 -2.24 6.57
N THR A 34 7.37 -1.38 7.28
CA THR A 34 7.01 -1.68 8.70
C THR A 34 5.93 -2.76 8.75
N VAL A 35 4.89 -2.60 7.98
CA VAL A 35 3.79 -3.62 7.99
C VAL A 35 4.39 -5.04 7.96
N MET A 36 5.57 -5.19 7.44
CA MET A 36 6.20 -6.54 7.39
C MET A 36 7.35 -6.61 8.40
N ARG A 37 8.14 -5.59 8.50
CA ARG A 37 9.27 -5.62 9.47
C ARG A 37 8.76 -5.95 10.88
N SER A 38 7.65 -5.38 11.27
CA SER A 38 7.10 -5.67 12.62
C SER A 38 7.16 -7.18 12.90
N LEU A 39 6.37 -7.95 12.20
CA LEU A 39 6.39 -9.42 12.43
C LEU A 39 7.79 -9.98 12.13
N GLY A 40 8.59 -9.24 11.44
CA GLY A 40 9.97 -9.72 11.12
C GLY A 40 10.31 -9.36 9.67
N LEU A 41 10.10 -10.27 8.76
CA LEU A 41 10.40 -9.99 7.32
C LEU A 41 11.79 -9.34 7.20
N SER A 42 12.16 -8.97 6.01
CA SER A 42 13.49 -8.33 5.81
C SER A 42 13.63 -7.84 4.36
N PRO A 43 12.67 -7.08 3.91
CA PRO A 43 12.69 -6.56 2.53
C PRO A 43 13.75 -5.45 2.40
N SER A 44 14.70 -5.63 1.53
CA SER A 44 15.75 -4.59 1.36
C SER A 44 15.19 -3.39 0.59
N GLU A 45 15.74 -2.23 0.80
CA GLU A 45 15.25 -1.00 0.09
C GLU A 45 14.77 -1.36 -1.32
N ALA A 46 15.56 -2.07 -2.08
CA ALA A 46 15.13 -2.45 -3.45
C ALA A 46 13.67 -2.90 -3.43
N GLU A 47 13.36 -3.88 -2.64
CA GLU A 47 11.95 -4.36 -2.56
C GLU A 47 11.10 -3.33 -1.80
N VAL A 48 11.58 -2.87 -0.68
CA VAL A 48 10.82 -1.86 0.10
C VAL A 48 10.46 -0.68 -0.79
N ASN A 49 11.44 0.10 -1.16
CA ASN A 49 11.17 1.28 -2.04
C ASN A 49 10.39 0.83 -3.28
N ASP A 50 10.71 -0.32 -3.81
CA ASP A 50 9.98 -0.81 -5.01
C ASP A 50 8.48 -0.89 -4.71
N LEU A 51 8.11 -1.55 -3.63
CA LEU A 51 6.67 -1.65 -3.29
C LEU A 51 6.02 -0.26 -3.32
N MET A 52 6.60 0.68 -2.62
CA MET A 52 6.01 2.06 -2.63
C MET A 52 5.92 2.58 -4.06
N ASN A 53 6.97 2.44 -4.83
CA ASN A 53 6.93 2.93 -6.23
C ASN A 53 5.84 2.20 -7.03
N GLU A 54 5.82 0.89 -6.95
CA GLU A 54 4.79 0.13 -7.70
C GLU A 54 3.42 0.80 -7.55
N ILE A 55 3.15 1.38 -6.41
CA ILE A 55 1.84 2.06 -6.20
C ILE A 55 2.01 3.58 -6.27
N ASP A 56 3.23 4.05 -6.13
CA ASP A 56 3.47 5.52 -6.20
C ASP A 56 3.14 6.05 -7.59
N VAL A 57 1.91 6.37 -7.84
CA VAL A 57 1.53 6.89 -9.18
C VAL A 57 2.23 8.22 -9.46
N ASP A 58 2.45 9.01 -8.45
CA ASP A 58 3.13 10.32 -8.64
C ASP A 58 4.65 10.12 -8.68
N GLY A 59 5.16 9.23 -7.87
CA GLY A 59 6.63 8.99 -7.86
C GLY A 59 7.29 9.89 -6.80
N ASN A 60 6.74 9.93 -5.62
CA ASN A 60 7.34 10.79 -4.56
C ASN A 60 7.87 9.91 -3.42
N HIS A 61 8.33 8.73 -3.74
CA HIS A 61 8.85 7.83 -2.66
C HIS A 61 7.73 7.41 -1.71
N GLN A 62 6.51 7.75 -2.03
CA GLN A 62 5.37 7.38 -1.14
C GLN A 62 4.09 7.30 -1.96
N ILE A 63 3.11 6.57 -1.48
CA ILE A 63 1.83 6.46 -2.23
C ILE A 63 0.65 6.80 -1.32
N GLU A 64 -0.43 7.26 -1.88
CA GLU A 64 -1.62 7.59 -1.04
C GLU A 64 -2.61 6.43 -1.08
N PHE A 65 -3.71 6.55 -0.39
CA PHE A 65 -4.71 5.44 -0.39
C PHE A 65 -5.14 5.12 -1.83
N SER A 66 -5.93 5.97 -2.42
CA SER A 66 -6.41 5.73 -3.82
C SER A 66 -5.32 5.04 -4.65
N GLU A 67 -4.09 5.43 -4.51
CA GLU A 67 -3.00 4.78 -5.29
C GLU A 67 -2.90 3.32 -4.88
N PHE A 68 -2.96 3.05 -3.60
CA PHE A 68 -2.89 1.65 -3.12
C PHE A 68 -4.02 0.83 -3.77
N LEU A 69 -5.14 1.45 -4.02
CA LEU A 69 -6.27 0.73 -4.66
C LEU A 69 -5.95 0.46 -6.13
N ALA A 70 -5.25 1.36 -6.76
CA ALA A 70 -4.90 1.16 -8.19
C ALA A 70 -4.03 -0.10 -8.36
N LEU A 71 -3.03 -0.24 -7.53
CA LEU A 71 -2.15 -1.44 -7.63
C LEU A 71 -2.76 -2.62 -6.86
N MET A 72 -3.33 -2.37 -5.72
CA MET A 72 -3.94 -3.48 -4.93
C MET A 72 -5.14 -4.06 -5.68
N SER A 73 -6.25 -3.36 -5.67
CA SER A 73 -7.46 -3.88 -6.39
C SER A 73 -7.10 -4.23 -7.83
N ARG A 74 -8.04 -4.75 -8.57
CA ARG A 74 -7.76 -5.12 -10.00
C ARG A 74 -8.64 -4.30 -10.94
N GLN A 75 -9.12 -4.91 -11.99
CA GLN A 75 -9.98 -4.17 -12.95
C GLN A 75 -10.61 -5.14 -13.95
N LEU A 76 -9.86 -5.59 -14.91
CA LEU A 76 -10.41 -6.54 -15.92
C LEU A 76 -10.84 -7.84 -15.25
N LYS A 77 -12.12 -8.09 -15.15
CA LYS A 77 -12.59 -9.34 -14.51
C LYS A 77 -13.48 -10.13 -15.46
CA CA B . 2.66 8.71 6.47
CA CA C . 2.12 8.94 -4.46
N SER A 1 -15.62 -12.93 -5.57
CA SER A 1 -16.76 -13.83 -5.23
C SER A 1 -18.05 -13.02 -5.10
N SER A 2 -18.04 -12.00 -4.28
CA SER A 2 -19.27 -11.17 -4.10
C SER A 2 -18.98 -9.97 -3.21
N ASN A 3 -17.90 -9.28 -3.45
CA ASN A 3 -17.56 -8.09 -2.61
C ASN A 3 -16.45 -7.29 -3.28
N LEU A 4 -16.80 -6.29 -4.04
CA LEU A 4 -15.74 -5.46 -4.70
C LEU A 4 -16.11 -3.98 -4.59
N THR A 5 -15.55 -3.15 -5.42
CA THR A 5 -15.86 -1.69 -5.35
C THR A 5 -15.87 -1.22 -3.89
N GLU A 6 -16.83 -0.41 -3.52
CA GLU A 6 -16.88 0.09 -2.11
C GLU A 6 -16.54 -1.05 -1.14
N GLU A 7 -16.84 -2.26 -1.52
CA GLU A 7 -16.53 -3.41 -0.63
C GLU A 7 -15.02 -3.63 -0.60
N GLN A 8 -14.39 -3.64 -1.74
CA GLN A 8 -12.91 -3.82 -1.77
C GLN A 8 -12.24 -2.56 -1.23
N ILE A 9 -12.67 -1.42 -1.68
CA ILE A 9 -12.08 -0.15 -1.18
C ILE A 9 -12.12 -0.12 0.34
N ALA A 10 -13.30 -0.12 0.92
CA ALA A 10 -13.39 -0.10 2.40
C ALA A 10 -12.37 -1.09 3.00
N GLU A 11 -12.34 -2.29 2.50
CA GLU A 11 -11.37 -3.29 3.03
C GLU A 11 -9.94 -2.78 2.81
N PHE A 12 -9.69 -2.20 1.66
CA PHE A 12 -8.32 -1.68 1.38
C PHE A 12 -7.99 -0.53 2.33
N LYS A 13 -8.88 0.43 2.44
CA LYS A 13 -8.63 1.57 3.38
C LYS A 13 -8.06 1.04 4.68
N GLU A 14 -8.75 0.14 5.33
CA GLU A 14 -8.23 -0.42 6.61
C GLU A 14 -6.83 -0.99 6.37
N ALA A 15 -6.65 -1.69 5.28
CA ALA A 15 -5.32 -2.26 4.96
C ALA A 15 -4.31 -1.14 4.70
N PHE A 16 -4.65 -0.21 3.85
CA PHE A 16 -3.71 0.91 3.57
C PHE A 16 -3.12 1.43 4.88
N ALA A 17 -3.94 1.99 5.72
CA ALA A 17 -3.42 2.52 7.01
C ALA A 17 -2.46 1.49 7.63
N LEU A 18 -2.86 0.24 7.67
CA LEU A 18 -1.96 -0.79 8.25
C LEU A 18 -0.54 -0.60 7.71
N PHE A 19 -0.42 -0.30 6.44
CA PHE A 19 0.93 -0.08 5.85
C PHE A 19 1.52 1.22 6.38
N ASP A 20 0.76 2.28 6.36
CA ASP A 20 1.27 3.59 6.88
C ASP A 20 1.39 3.54 8.40
N LYS A 21 2.44 4.10 8.94
CA LYS A 21 2.61 4.08 10.42
C LYS A 21 2.24 5.45 11.01
N ASP A 22 1.74 6.34 10.19
CA ASP A 22 1.37 7.69 10.70
C ASP A 22 -0.09 8.01 10.36
N ASN A 23 -0.70 7.20 9.52
CA ASN A 23 -2.11 7.46 9.14
C ASN A 23 -2.24 8.80 8.42
N ASN A 24 -1.18 9.24 7.78
CA ASN A 24 -1.25 10.54 7.05
C ASN A 24 -1.82 10.33 5.65
N GLY A 25 -2.49 9.23 5.43
CA GLY A 25 -3.06 8.97 4.08
C GLY A 25 -1.92 8.78 3.08
N SER A 26 -0.73 8.62 3.57
CA SER A 26 0.45 8.43 2.65
C SER A 26 1.42 7.43 3.26
N ILE A 27 2.04 6.62 2.43
CA ILE A 27 3.00 5.61 2.95
C ILE A 27 4.38 5.81 2.32
N SER A 28 5.40 5.94 3.13
CA SER A 28 6.77 6.13 2.56
C SER A 28 7.39 4.77 2.24
N SER A 29 8.67 4.74 1.96
CA SER A 29 9.34 3.46 1.62
C SER A 29 9.23 2.48 2.80
N SER A 30 9.82 2.81 3.91
CA SER A 30 9.76 1.91 5.10
C SER A 30 8.30 1.72 5.54
N GLU A 31 7.54 2.79 5.57
CA GLU A 31 6.12 2.67 6.00
C GLU A 31 5.48 1.43 5.37
N LEU A 32 5.36 1.41 4.07
CA LEU A 32 4.74 0.24 3.39
C LEU A 32 5.53 -1.03 3.71
N ALA A 33 6.83 -0.93 3.82
CA ALA A 33 7.65 -2.12 4.14
C ALA A 33 7.51 -2.51 5.61
N THR A 34 6.91 -1.65 6.40
CA THR A 34 6.74 -1.96 7.84
C THR A 34 5.81 -3.17 8.02
N VAL A 35 5.18 -3.60 6.96
CA VAL A 35 4.27 -4.78 7.07
C VAL A 35 5.07 -6.04 7.38
N MET A 36 6.11 -6.30 6.63
CA MET A 36 6.92 -7.52 6.87
C MET A 36 7.23 -7.65 8.38
N ARG A 37 7.21 -6.57 9.10
CA ARG A 37 7.49 -6.64 10.55
C ARG A 37 6.44 -7.50 11.26
N SER A 38 5.19 -7.36 10.89
CA SER A 38 4.12 -8.16 11.54
C SER A 38 4.58 -9.62 11.69
N LEU A 39 5.42 -10.08 10.79
CA LEU A 39 5.89 -11.50 10.88
C LEU A 39 7.42 -11.54 10.72
N GLY A 40 7.91 -11.21 9.56
CA GLY A 40 9.38 -11.23 9.35
C GLY A 40 9.85 -9.88 8.82
N LEU A 41 10.41 -9.06 9.67
CA LEU A 41 10.88 -7.72 9.22
C LEU A 41 12.06 -7.87 8.26
N SER A 42 11.79 -7.99 6.99
CA SER A 42 12.90 -8.14 6.00
C SER A 42 12.42 -7.74 4.61
N PRO A 43 11.86 -6.56 4.53
CA PRO A 43 11.35 -6.05 3.23
C PRO A 43 12.52 -5.64 2.32
N SER A 44 13.66 -5.39 2.89
CA SER A 44 14.84 -4.98 2.08
C SER A 44 14.53 -3.73 1.26
N GLU A 45 15.36 -2.72 1.38
CA GLU A 45 15.13 -1.46 0.61
C GLU A 45 14.59 -1.76 -0.80
N ALA A 46 15.29 -2.55 -1.55
CA ALA A 46 14.81 -2.87 -2.94
C ALA A 46 13.31 -3.14 -2.91
N GLU A 47 12.90 -4.22 -2.32
CA GLU A 47 11.44 -4.53 -2.25
C GLU A 47 10.70 -3.35 -1.58
N VAL A 48 11.25 -2.84 -0.53
CA VAL A 48 10.60 -1.68 0.18
C VAL A 48 10.29 -0.58 -0.83
N ASN A 49 11.29 0.11 -1.28
CA ASN A 49 11.08 1.21 -2.26
C ASN A 49 10.30 0.67 -3.47
N ASP A 50 10.63 -0.52 -3.91
CA ASP A 50 9.90 -1.10 -5.08
C ASP A 50 8.39 -1.11 -4.82
N LEU A 51 8.00 -1.41 -3.61
CA LEU A 51 6.54 -1.42 -3.29
C LEU A 51 5.97 0.00 -3.37
N MET A 52 6.52 0.92 -2.62
CA MET A 52 6.01 2.31 -2.67
C MET A 52 5.98 2.82 -4.11
N ASN A 53 7.12 2.80 -4.77
CA ASN A 53 7.16 3.27 -6.18
C ASN A 53 6.18 2.48 -7.04
N GLU A 54 6.15 1.18 -6.89
CA GLU A 54 5.20 0.35 -7.69
C GLU A 54 3.79 0.91 -7.56
N ILE A 55 3.45 1.46 -6.43
CA ILE A 55 2.09 2.03 -6.24
C ILE A 55 2.13 3.56 -6.29
N ASP A 56 3.32 4.12 -6.28
CA ASP A 56 3.43 5.60 -6.33
C ASP A 56 3.00 6.12 -7.70
N VAL A 57 1.75 6.42 -7.87
CA VAL A 57 1.26 6.93 -9.18
C VAL A 57 2.00 8.23 -9.55
N ASP A 58 2.34 9.02 -8.58
CA ASP A 58 3.06 10.30 -8.87
C ASP A 58 4.57 10.07 -8.81
N GLY A 59 5.02 9.20 -7.95
CA GLY A 59 6.49 8.93 -7.84
C GLY A 59 7.12 9.92 -6.86
N ASN A 60 6.61 9.97 -5.66
CA ASN A 60 7.19 10.91 -4.66
C ASN A 60 7.75 10.13 -3.46
N HIS A 61 8.23 8.94 -3.69
CA HIS A 61 8.80 8.12 -2.57
C HIS A 61 7.70 7.74 -1.58
N GLN A 62 6.47 8.04 -1.90
CA GLN A 62 5.34 7.68 -0.98
C GLN A 62 4.05 7.50 -1.78
N ILE A 63 3.12 6.75 -1.27
CA ILE A 63 1.85 6.54 -2.00
C ILE A 63 0.66 6.89 -1.10
N GLU A 64 -0.45 7.25 -1.69
CA GLU A 64 -1.65 7.57 -0.88
C GLU A 64 -2.66 6.43 -0.97
N PHE A 65 -3.64 6.40 -0.11
CA PHE A 65 -4.64 5.30 -0.17
C PHE A 65 -5.05 5.04 -1.62
N SER A 66 -5.82 5.93 -2.19
CA SER A 66 -6.28 5.75 -3.60
C SER A 66 -5.20 5.08 -4.45
N GLU A 67 -3.96 5.45 -4.26
CA GLU A 67 -2.87 4.82 -5.05
C GLU A 67 -2.76 3.34 -4.65
N PHE A 68 -2.81 3.06 -3.38
CA PHE A 68 -2.73 1.65 -2.93
C PHE A 68 -3.83 0.84 -3.62
N LEU A 69 -4.94 1.47 -3.92
CA LEU A 69 -6.05 0.75 -4.60
C LEU A 69 -5.68 0.51 -6.07
N ALA A 70 -5.00 1.44 -6.67
CA ALA A 70 -4.60 1.28 -8.10
C ALA A 70 -3.73 0.03 -8.26
N LEU A 71 -2.76 -0.14 -7.40
CA LEU A 71 -1.89 -1.34 -7.50
C LEU A 71 -2.53 -2.54 -6.80
N MET A 72 -3.07 -2.33 -5.63
CA MET A 72 -3.72 -3.45 -4.90
C MET A 72 -4.84 -4.06 -5.72
N SER A 73 -5.92 -3.34 -5.89
CA SER A 73 -7.06 -3.88 -6.69
C SER A 73 -6.58 -4.26 -8.10
N ARG A 74 -7.49 -4.37 -9.03
CA ARG A 74 -7.08 -4.74 -10.42
C ARG A 74 -5.83 -3.97 -10.83
N GLN A 75 -4.80 -4.66 -11.23
CA GLN A 75 -3.55 -3.97 -11.64
C GLN A 75 -3.70 -3.39 -13.04
N LEU A 76 -3.96 -4.23 -14.02
CA LEU A 76 -4.12 -3.73 -15.41
C LEU A 76 -3.05 -2.68 -15.73
N LYS A 77 -1.82 -3.11 -15.89
CA LYS A 77 -0.72 -2.15 -16.20
C LYS A 77 0.58 -2.90 -16.50
CA CA B . 2.64 8.50 6.82
CA CA C . 1.93 9.17 -3.88
N SER A 1 -23.11 -14.11 -5.45
CA SER A 1 -23.25 -12.65 -5.19
C SER A 1 -21.92 -12.07 -4.68
N SER A 2 -21.01 -11.77 -5.55
CA SER A 2 -19.70 -11.21 -5.12
C SER A 2 -19.46 -9.85 -5.80
N ASN A 3 -18.73 -8.98 -5.16
CA ASN A 3 -18.45 -7.65 -5.77
C ASN A 3 -17.27 -6.98 -5.05
N LEU A 4 -17.18 -5.67 -5.15
CA LEU A 4 -16.06 -4.96 -4.47
C LEU A 4 -16.41 -3.48 -4.29
N THR A 5 -15.88 -2.61 -5.12
CA THR A 5 -16.21 -1.16 -4.98
C THR A 5 -16.07 -0.73 -3.51
N GLU A 6 -16.94 0.12 -3.06
CA GLU A 6 -16.87 0.59 -1.64
C GLU A 6 -16.53 -0.58 -0.71
N GLU A 7 -16.98 -1.76 -1.05
CA GLU A 7 -16.67 -2.95 -0.20
C GLU A 7 -15.18 -3.23 -0.26
N GLN A 8 -14.61 -3.27 -1.45
CA GLN A 8 -13.16 -3.53 -1.56
C GLN A 8 -12.38 -2.31 -1.05
N ILE A 9 -12.79 -1.14 -1.45
CA ILE A 9 -12.11 0.10 -0.97
C ILE A 9 -12.07 0.11 0.55
N ALA A 10 -13.22 0.16 1.18
CA ALA A 10 -13.25 0.17 2.67
C ALA A 10 -12.25 -0.86 3.21
N GLU A 11 -12.28 -2.05 2.69
CA GLU A 11 -11.33 -3.10 3.17
C GLU A 11 -9.89 -2.66 2.88
N PHE A 12 -9.66 -2.09 1.72
CA PHE A 12 -8.29 -1.64 1.38
C PHE A 12 -7.88 -0.50 2.33
N LYS A 13 -8.70 0.49 2.46
CA LYS A 13 -8.37 1.63 3.37
C LYS A 13 -7.76 1.08 4.66
N GLU A 14 -8.44 0.18 5.31
CA GLU A 14 -7.88 -0.40 6.55
C GLU A 14 -6.48 -0.95 6.27
N ALA A 15 -6.34 -1.68 5.19
CA ALA A 15 -5.00 -2.24 4.84
C ALA A 15 -4.04 -1.09 4.56
N PHE A 16 -4.44 -0.15 3.75
CA PHE A 16 -3.54 1.00 3.45
C PHE A 16 -2.90 1.51 4.75
N ALA A 17 -3.71 1.99 5.66
CA ALA A 17 -3.16 2.49 6.96
C ALA A 17 -2.11 1.51 7.48
N LEU A 18 -2.42 0.23 7.47
CA LEU A 18 -1.43 -0.77 7.95
C LEU A 18 -0.10 -0.59 7.22
N PHE A 19 -0.15 -0.22 5.96
CA PHE A 19 1.11 -0.02 5.19
C PHE A 19 1.79 1.28 5.64
N ASP A 20 1.06 2.35 5.71
CA ASP A 20 1.66 3.64 6.14
C ASP A 20 2.03 3.56 7.62
N LYS A 21 1.27 2.85 8.41
CA LYS A 21 1.57 2.73 9.86
C LYS A 21 1.43 4.09 10.55
N ASP A 22 0.93 5.08 9.84
CA ASP A 22 0.77 6.43 10.46
C ASP A 22 -0.64 6.97 10.21
N ASN A 23 -1.34 6.43 9.25
CA ASN A 23 -2.72 6.92 8.95
C ASN A 23 -2.66 8.35 8.41
N ASN A 24 -1.53 8.76 7.93
CA ASN A 24 -1.41 10.14 7.37
C ASN A 24 -1.95 10.17 5.94
N GLY A 25 -2.61 9.13 5.52
CA GLY A 25 -3.14 9.10 4.13
C GLY A 25 -1.98 8.97 3.15
N SER A 26 -0.81 8.67 3.63
CA SER A 26 0.36 8.53 2.73
C SER A 26 1.27 7.41 3.23
N ILE A 27 1.86 6.66 2.34
CA ILE A 27 2.76 5.54 2.78
C ILE A 27 4.19 5.79 2.30
N SER A 28 5.16 5.43 3.09
CA SER A 28 6.58 5.63 2.69
C SER A 28 7.30 4.28 2.61
N SER A 29 8.61 4.30 2.51
CA SER A 29 9.36 3.02 2.43
C SER A 29 9.39 2.34 3.79
N SER A 30 9.68 3.08 4.83
CA SER A 30 9.73 2.47 6.19
C SER A 30 8.34 2.00 6.62
N GLU A 31 7.31 2.65 6.14
CA GLU A 31 5.93 2.23 6.53
C GLU A 31 5.53 0.95 5.77
N LEU A 32 5.34 1.06 4.47
CA LEU A 32 4.96 -0.14 3.69
C LEU A 32 5.78 -1.36 4.13
N ALA A 33 7.02 -1.15 4.48
CA ALA A 33 7.88 -2.29 4.93
C ALA A 33 7.46 -2.75 6.32
N THR A 34 7.08 -1.84 7.17
CA THR A 34 6.66 -2.22 8.55
C THR A 34 5.78 -3.48 8.50
N VAL A 35 5.09 -3.70 7.42
CA VAL A 35 4.21 -4.90 7.31
C VAL A 35 5.06 -6.18 7.40
N MET A 36 6.22 -6.17 6.80
CA MET A 36 7.07 -7.40 6.84
C MET A 36 7.31 -7.82 8.29
N ARG A 37 7.08 -6.94 9.23
CA ARG A 37 7.29 -7.30 10.66
C ARG A 37 6.30 -8.41 11.08
N SER A 38 5.07 -8.30 10.68
CA SER A 38 4.07 -9.34 11.05
C SER A 38 4.69 -10.74 10.89
N LEU A 39 5.56 -10.90 9.94
CA LEU A 39 6.19 -12.24 9.73
C LEU A 39 7.71 -12.12 9.80
N GLY A 40 8.32 -11.53 8.80
CA GLY A 40 9.81 -11.38 8.82
C GLY A 40 10.18 -9.99 8.28
N LEU A 41 10.47 -9.07 9.15
CA LEU A 41 10.84 -7.70 8.69
C LEU A 41 12.19 -7.73 7.98
N SER A 42 12.20 -7.96 6.70
CA SER A 42 13.49 -7.99 5.96
C SER A 42 13.25 -7.69 4.47
N PRO A 43 12.48 -6.66 4.22
CA PRO A 43 12.18 -6.26 2.82
C PRO A 43 13.40 -5.60 2.18
N SER A 44 14.10 -4.80 2.92
CA SER A 44 15.31 -4.11 2.35
C SER A 44 14.87 -3.04 1.34
N GLU A 45 15.57 -1.93 1.30
CA GLU A 45 15.21 -0.84 0.35
C GLU A 45 14.67 -1.41 -0.96
N ALA A 46 15.35 -2.36 -1.53
CA ALA A 46 14.86 -2.95 -2.80
C ALA A 46 13.35 -3.22 -2.70
N GLU A 47 12.93 -3.89 -1.66
CA GLU A 47 11.49 -4.18 -1.49
C GLU A 47 10.78 -2.95 -0.92
N VAL A 48 11.39 -2.29 0.03
CA VAL A 48 10.76 -1.08 0.63
C VAL A 48 10.50 -0.05 -0.46
N ASN A 49 11.54 0.46 -1.05
CA ASN A 49 11.38 1.47 -2.14
C ASN A 49 10.51 0.90 -3.26
N ASP A 50 10.74 -0.33 -3.64
CA ASP A 50 9.92 -0.94 -4.73
C ASP A 50 8.44 -0.88 -4.37
N LEU A 51 8.07 -1.37 -3.20
CA LEU A 51 6.64 -1.34 -2.79
C LEU A 51 6.06 0.06 -3.00
N MET A 52 6.69 1.07 -2.46
CA MET A 52 6.16 2.45 -2.63
C MET A 52 6.19 2.84 -4.11
N ASN A 53 7.31 2.66 -4.76
CA ASN A 53 7.40 3.01 -6.21
C ASN A 53 6.36 2.24 -7.01
N GLU A 54 6.06 1.03 -6.60
CA GLU A 54 5.06 0.22 -7.34
C GLU A 54 3.70 0.93 -7.34
N ILE A 55 3.27 1.41 -6.20
CA ILE A 55 1.96 2.11 -6.13
C ILE A 55 2.15 3.62 -6.36
N ASP A 56 3.38 4.06 -6.41
CA ASP A 56 3.63 5.51 -6.63
C ASP A 56 3.10 5.95 -8.01
N VAL A 57 1.80 6.00 -8.16
CA VAL A 57 1.22 6.40 -9.47
C VAL A 57 1.82 7.75 -9.92
N ASP A 58 2.08 8.62 -8.99
CA ASP A 58 2.66 9.95 -9.36
C ASP A 58 4.19 9.88 -9.34
N GLY A 59 4.75 9.11 -8.45
CA GLY A 59 6.23 9.00 -8.38
C GLY A 59 6.79 10.04 -7.40
N ASN A 60 6.29 10.04 -6.19
CA ASN A 60 6.78 11.02 -5.18
C ASN A 60 7.49 10.30 -4.03
N HIS A 61 8.06 9.16 -4.31
CA HIS A 61 8.76 8.39 -3.24
C HIS A 61 7.74 7.86 -2.22
N GLN A 62 6.48 8.04 -2.49
CA GLN A 62 5.42 7.56 -1.55
C GLN A 62 4.10 7.43 -2.29
N ILE A 63 3.11 6.85 -1.66
CA ILE A 63 1.79 6.70 -2.32
C ILE A 63 0.66 6.95 -1.32
N GLU A 64 -0.47 7.39 -1.79
CA GLU A 64 -1.61 7.65 -0.87
C GLU A 64 -2.59 6.47 -0.94
N PHE A 65 -3.61 6.48 -0.13
CA PHE A 65 -4.58 5.36 -0.16
C PHE A 65 -5.00 5.06 -1.61
N SER A 66 -5.78 5.93 -2.20
CA SER A 66 -6.24 5.72 -3.61
C SER A 66 -5.13 5.06 -4.44
N GLU A 67 -3.91 5.51 -4.30
CA GLU A 67 -2.80 4.89 -5.08
C GLU A 67 -2.71 3.41 -4.74
N PHE A 68 -2.83 3.07 -3.48
CA PHE A 68 -2.77 1.64 -3.07
C PHE A 68 -3.91 0.87 -3.75
N LEU A 69 -5.02 1.53 -3.98
CA LEU A 69 -6.16 0.85 -4.65
C LEU A 69 -5.85 0.64 -6.13
N ALA A 70 -5.20 1.59 -6.74
CA ALA A 70 -4.85 1.44 -8.19
C ALA A 70 -4.00 0.19 -8.41
N LEU A 71 -2.95 0.03 -7.63
CA LEU A 71 -2.09 -1.17 -7.79
C LEU A 71 -2.73 -2.38 -7.10
N MET A 72 -3.58 -2.13 -6.13
CA MET A 72 -4.23 -3.26 -5.41
C MET A 72 -5.32 -3.88 -6.30
N SER A 73 -6.46 -3.26 -6.35
CA SER A 73 -7.56 -3.81 -7.20
C SER A 73 -7.77 -5.31 -6.89
N ARG A 74 -7.10 -6.16 -7.60
CA ARG A 74 -7.25 -7.62 -7.35
C ARG A 74 -8.73 -8.01 -7.36
N GLN A 75 -9.02 -9.28 -7.27
CA GLN A 75 -10.46 -9.71 -7.28
C GLN A 75 -10.67 -10.84 -6.26
N LEU A 76 -10.50 -12.07 -6.69
CA LEU A 76 -10.70 -13.21 -5.75
C LEU A 76 -10.06 -14.47 -6.33
N LYS A 77 -8.77 -14.47 -6.53
CA LYS A 77 -8.10 -15.67 -7.10
C LYS A 77 -6.75 -15.90 -6.39
CA CA B . 2.93 8.27 6.55
CA CA C . 2.34 9.28 -5.23
N SER A 1 -18.33 -14.45 -3.50
CA SER A 1 -17.74 -13.58 -2.43
C SER A 1 -18.75 -12.50 -2.04
N SER A 2 -18.37 -11.62 -1.14
CA SER A 2 -19.30 -10.54 -0.71
C SER A 2 -19.50 -9.53 -1.85
N ASN A 3 -18.54 -8.67 -2.05
CA ASN A 3 -18.67 -7.65 -3.13
C ASN A 3 -17.41 -6.78 -3.20
N LEU A 4 -17.23 -6.06 -4.27
CA LEU A 4 -16.03 -5.19 -4.39
C LEU A 4 -16.42 -3.72 -4.26
N THR A 5 -15.88 -2.87 -5.10
CA THR A 5 -16.24 -1.42 -5.02
C THR A 5 -16.15 -0.93 -3.57
N GLU A 6 -17.05 -0.08 -3.16
CA GLU A 6 -17.02 0.43 -1.75
C GLU A 6 -16.68 -0.71 -0.79
N GLU A 7 -17.05 -1.91 -1.13
CA GLU A 7 -16.73 -3.06 -0.24
C GLU A 7 -15.23 -3.33 -0.27
N GLN A 8 -14.66 -3.39 -1.44
CA GLN A 8 -13.19 -3.63 -1.54
C GLN A 8 -12.44 -2.38 -1.05
N ILE A 9 -12.88 -1.23 -1.48
CA ILE A 9 -12.21 0.03 -1.04
C ILE A 9 -12.18 0.07 0.49
N ALA A 10 -13.31 0.10 1.12
CA ALA A 10 -13.33 0.14 2.60
C ALA A 10 -12.32 -0.86 3.16
N GLU A 11 -12.35 -2.07 2.67
CA GLU A 11 -11.38 -3.09 3.16
C GLU A 11 -9.95 -2.63 2.87
N PHE A 12 -9.72 -2.08 1.71
CA PHE A 12 -8.35 -1.59 1.36
C PHE A 12 -7.97 -0.45 2.30
N LYS A 13 -8.83 0.51 2.47
CA LYS A 13 -8.52 1.65 3.38
C LYS A 13 -7.88 1.12 4.66
N GLU A 14 -8.54 0.22 5.33
CA GLU A 14 -7.95 -0.35 6.57
C GLU A 14 -6.56 -0.89 6.27
N ALA A 15 -6.42 -1.60 5.18
CA ALA A 15 -5.09 -2.15 4.81
C ALA A 15 -4.12 -1.00 4.53
N PHE A 16 -4.52 -0.07 3.70
CA PHE A 16 -3.61 1.08 3.40
C PHE A 16 -3.00 1.61 4.70
N ALA A 17 -3.82 2.07 5.60
CA ALA A 17 -3.29 2.59 6.89
C ALA A 17 -2.22 1.64 7.42
N LEU A 18 -2.52 0.37 7.49
CA LEU A 18 -1.51 -0.61 7.99
C LEU A 18 -0.17 -0.35 7.30
N PHE A 19 -0.20 -0.09 6.02
CA PHE A 19 1.07 0.18 5.28
C PHE A 19 1.64 1.53 5.70
N ASP A 20 0.81 2.55 5.70
CA ASP A 20 1.29 3.91 6.08
C ASP A 20 1.67 3.91 7.57
N LYS A 21 1.02 3.11 8.36
CA LYS A 21 1.34 3.07 9.82
C LYS A 21 0.97 4.39 10.50
N ASP A 22 1.52 5.48 10.03
CA ASP A 22 1.19 6.81 10.65
C ASP A 22 -0.26 7.17 10.38
N ASN A 23 -0.89 6.51 9.46
CA ASN A 23 -2.32 6.83 9.14
C ASN A 23 -2.42 8.27 8.62
N ASN A 24 -1.33 8.89 8.31
CA ASN A 24 -1.38 10.28 7.79
C ASN A 24 -2.03 10.30 6.41
N GLY A 25 -2.33 9.15 5.87
CA GLY A 25 -2.97 9.09 4.52
C GLY A 25 -1.88 8.90 3.46
N SER A 26 -0.64 8.81 3.88
CA SER A 26 0.46 8.62 2.89
C SER A 26 1.35 7.47 3.33
N ILE A 27 1.86 6.70 2.40
CA ILE A 27 2.74 5.56 2.77
C ILE A 27 4.16 5.78 2.24
N SER A 28 5.15 5.44 3.02
CA SER A 28 6.56 5.62 2.57
C SER A 28 7.28 4.27 2.51
N SER A 29 8.58 4.28 2.45
CA SER A 29 9.33 3.01 2.40
C SER A 29 9.39 2.36 3.78
N SER A 30 9.51 3.15 4.81
CA SER A 30 9.57 2.59 6.19
C SER A 30 8.17 2.18 6.67
N GLU A 31 7.15 2.85 6.18
CA GLU A 31 5.76 2.50 6.61
C GLU A 31 5.32 1.19 5.96
N LEU A 32 5.54 1.05 4.67
CA LEU A 32 5.14 -0.20 3.98
C LEU A 32 5.97 -1.39 4.50
N ALA A 33 7.25 -1.18 4.67
CA ALA A 33 8.11 -2.30 5.18
C ALA A 33 7.66 -2.73 6.57
N THR A 34 7.23 -1.79 7.38
CA THR A 34 6.78 -2.16 8.76
C THR A 34 5.68 -3.21 8.69
N VAL A 35 4.95 -3.26 7.61
CA VAL A 35 3.87 -4.28 7.49
C VAL A 35 4.43 -5.59 6.92
N MET A 36 5.69 -5.61 6.58
CA MET A 36 6.29 -6.86 6.02
C MET A 36 7.70 -7.05 6.57
N ARG A 37 8.60 -6.15 6.27
CA ARG A 37 9.99 -6.29 6.77
C ARG A 37 9.99 -6.70 8.25
N SER A 38 9.17 -6.07 9.04
CA SER A 38 9.11 -6.43 10.49
C SER A 38 7.99 -7.44 10.75
N LEU A 39 6.99 -7.44 9.92
CA LEU A 39 5.86 -8.41 10.12
C LEU A 39 5.79 -9.38 8.93
N GLY A 40 6.91 -9.85 8.47
CA GLY A 40 6.90 -10.80 7.32
C GLY A 40 8.20 -10.63 6.51
N LEU A 41 9.14 -11.51 6.70
CA LEU A 41 10.42 -11.39 5.94
C LEU A 41 11.05 -10.01 6.15
N SER A 42 12.31 -9.87 5.87
CA SER A 42 12.98 -8.56 6.04
C SER A 42 13.82 -8.21 4.81
N PRO A 43 13.17 -7.65 3.83
CA PRO A 43 13.85 -7.27 2.57
C PRO A 43 14.71 -6.01 2.79
N SER A 44 15.03 -5.32 1.73
CA SER A 44 15.87 -4.09 1.88
C SER A 44 15.28 -2.96 1.04
N GLU A 45 15.73 -1.74 1.27
CA GLU A 45 15.21 -0.58 0.50
C GLU A 45 14.90 -0.97 -0.96
N ALA A 46 15.82 -1.64 -1.60
CA ALA A 46 15.57 -2.05 -3.01
C ALA A 46 14.15 -2.60 -3.15
N GLU A 47 13.80 -3.57 -2.37
CA GLU A 47 12.43 -4.15 -2.44
C GLU A 47 11.43 -3.22 -1.74
N VAL A 48 11.83 -2.65 -0.64
CA VAL A 48 10.93 -1.72 0.09
C VAL A 48 10.56 -0.54 -0.80
N ASN A 49 11.51 0.29 -1.09
CA ASN A 49 11.25 1.46 -1.97
C ASN A 49 10.56 1.00 -3.25
N ASP A 50 10.97 -0.12 -3.80
CA ASP A 50 10.33 -0.63 -5.04
C ASP A 50 8.84 -0.81 -4.81
N LEU A 51 8.47 -1.31 -3.66
CA LEU A 51 7.01 -1.51 -3.38
C LEU A 51 6.28 -0.18 -3.41
N MET A 52 6.73 0.77 -2.63
CA MET A 52 6.05 2.11 -2.63
C MET A 52 5.90 2.61 -4.07
N ASN A 53 6.95 2.57 -4.84
CA ASN A 53 6.86 3.05 -6.25
C ASN A 53 5.91 2.16 -7.05
N GLU A 54 6.09 0.86 -6.98
CA GLU A 54 5.19 -0.05 -7.74
C GLU A 54 3.75 0.41 -7.61
N ILE A 55 3.34 0.79 -6.43
CA ILE A 55 1.93 1.25 -6.24
C ILE A 55 1.85 2.77 -6.38
N ASP A 56 2.98 3.43 -6.40
CA ASP A 56 2.96 4.92 -6.53
C ASP A 56 2.40 5.32 -7.91
N VAL A 57 2.08 6.56 -8.08
CA VAL A 57 1.52 7.02 -9.39
C VAL A 57 2.23 8.29 -9.85
N ASP A 58 2.61 9.14 -8.93
CA ASP A 58 3.31 10.39 -9.32
C ASP A 58 4.81 10.24 -9.11
N GLY A 59 5.24 9.19 -8.45
CA GLY A 59 6.69 8.99 -8.23
C GLY A 59 7.20 9.99 -7.18
N ASN A 60 6.87 9.77 -5.93
CA ASN A 60 7.34 10.70 -4.86
C ASN A 60 7.89 9.90 -3.68
N HIS A 61 8.33 8.70 -3.91
CA HIS A 61 8.89 7.87 -2.80
C HIS A 61 7.78 7.45 -1.84
N GLN A 62 6.55 7.80 -2.15
CA GLN A 62 5.42 7.42 -1.25
C GLN A 62 4.11 7.38 -2.04
N ILE A 63 3.13 6.68 -1.55
CA ILE A 63 1.83 6.60 -2.28
C ILE A 63 0.67 6.85 -1.32
N GLU A 64 -0.42 7.37 -1.81
CA GLU A 64 -1.59 7.63 -0.92
C GLU A 64 -2.55 6.44 -0.97
N PHE A 65 -3.69 6.55 -0.35
CA PHE A 65 -4.65 5.42 -0.36
C PHE A 65 -5.14 5.17 -1.79
N SER A 66 -5.94 6.06 -2.32
CA SER A 66 -6.46 5.88 -3.71
C SER A 66 -5.42 5.22 -4.61
N GLU A 67 -4.17 5.57 -4.44
CA GLU A 67 -3.11 4.92 -5.28
C GLU A 67 -2.99 3.45 -4.90
N PHE A 68 -2.99 3.17 -3.63
CA PHE A 68 -2.91 1.75 -3.18
C PHE A 68 -4.03 0.95 -3.84
N LEU A 69 -5.17 1.56 -4.02
CA LEU A 69 -6.30 0.85 -4.67
C LEU A 69 -5.98 0.60 -6.16
N ALA A 70 -5.33 1.54 -6.78
CA ALA A 70 -4.99 1.38 -8.22
C ALA A 70 -4.15 0.11 -8.43
N LEU A 71 -3.12 -0.07 -7.66
CA LEU A 71 -2.28 -1.29 -7.81
C LEU A 71 -2.87 -2.45 -7.03
N MET A 72 -3.63 -2.17 -6.01
CA MET A 72 -4.24 -3.28 -5.20
C MET A 72 -5.43 -3.88 -5.95
N SER A 73 -6.54 -3.19 -5.99
CA SER A 73 -7.73 -3.73 -6.70
C SER A 73 -7.33 -4.27 -8.08
N ARG A 74 -7.45 -5.55 -8.28
CA ARG A 74 -7.07 -6.13 -9.60
C ARG A 74 -5.64 -5.74 -9.96
N GLN A 75 -4.68 -6.59 -9.64
CA GLN A 75 -3.26 -6.27 -9.97
C GLN A 75 -2.82 -7.03 -11.22
N LEU A 76 -1.55 -7.14 -11.43
CA LEU A 76 -1.05 -7.88 -12.63
C LEU A 76 -1.88 -7.49 -13.87
N LYS A 77 -1.87 -8.31 -14.88
CA LYS A 77 -2.66 -7.99 -16.11
C LYS A 77 -3.83 -8.96 -16.25
CA CA B . 2.73 8.47 6.78
CA CA C . 1.93 9.18 -4.35
N SER A 1 -18.49 -13.46 -0.93
CA SER A 1 -18.78 -12.00 -1.04
C SER A 1 -18.73 -11.57 -2.51
N SER A 2 -17.67 -11.90 -3.21
CA SER A 2 -17.57 -11.50 -4.64
C SER A 2 -18.06 -10.06 -4.83
N ASN A 3 -17.74 -9.19 -3.91
CA ASN A 3 -18.16 -7.77 -4.03
C ASN A 3 -16.98 -6.83 -3.79
N LEU A 4 -16.56 -6.12 -4.81
CA LEU A 4 -15.41 -5.19 -4.63
C LEU A 4 -15.91 -3.75 -4.50
N THR A 5 -15.38 -2.85 -5.28
CA THR A 5 -15.85 -1.43 -5.20
C THR A 5 -15.82 -0.95 -3.75
N GLU A 6 -16.78 -0.14 -3.36
CA GLU A 6 -16.81 0.35 -1.96
C GLU A 6 -16.44 -0.77 -0.98
N GLU A 7 -16.72 -1.99 -1.36
CA GLU A 7 -16.40 -3.14 -0.47
C GLU A 7 -14.89 -3.38 -0.48
N GLN A 8 -14.30 -3.40 -1.65
CA GLN A 8 -12.82 -3.61 -1.70
C GLN A 8 -12.11 -2.35 -1.18
N ILE A 9 -12.61 -1.20 -1.54
CA ILE A 9 -11.99 0.06 -1.06
C ILE A 9 -12.01 0.10 0.47
N ALA A 10 -13.17 0.13 1.06
CA ALA A 10 -13.25 0.16 2.54
C ALA A 10 -12.24 -0.83 3.13
N GLU A 11 -12.28 -2.05 2.68
CA GLU A 11 -11.31 -3.06 3.20
C GLU A 11 -9.89 -2.56 2.96
N PHE A 12 -9.61 -2.11 1.77
CA PHE A 12 -8.24 -1.61 1.47
C PHE A 12 -7.88 -0.50 2.45
N LYS A 13 -8.74 0.47 2.59
CA LYS A 13 -8.46 1.59 3.54
C LYS A 13 -7.83 1.02 4.82
N GLU A 14 -8.49 0.10 5.45
CA GLU A 14 -7.91 -0.49 6.69
C GLU A 14 -6.53 -1.05 6.37
N ALA A 15 -6.41 -1.76 5.28
CA ALA A 15 -5.09 -2.32 4.89
C ALA A 15 -4.11 -1.18 4.60
N PHE A 16 -4.51 -0.23 3.79
CA PHE A 16 -3.59 0.91 3.48
C PHE A 16 -2.94 1.40 4.78
N ALA A 17 -3.74 1.84 5.72
CA ALA A 17 -3.17 2.32 7.00
C ALA A 17 -2.10 1.34 7.48
N LEU A 18 -2.42 0.07 7.51
CA LEU A 18 -1.40 -0.93 7.96
C LEU A 18 -0.07 -0.66 7.25
N PHE A 19 -0.12 -0.30 5.99
CA PHE A 19 1.13 -0.01 5.25
C PHE A 19 1.63 1.40 5.60
N ASP A 20 0.72 2.30 5.81
CA ASP A 20 1.13 3.70 6.15
C ASP A 20 1.62 3.77 7.60
N LYS A 21 1.15 2.90 8.45
CA LYS A 21 1.60 2.94 9.87
C LYS A 21 1.62 4.38 10.37
N ASP A 22 0.81 5.23 9.79
CA ASP A 22 0.78 6.66 10.22
C ASP A 22 -0.63 7.24 10.09
N ASN A 23 -1.41 6.74 9.16
CA ASN A 23 -2.80 7.26 8.98
C ASN A 23 -2.77 8.65 8.35
N ASN A 24 -1.61 9.06 7.88
CA ASN A 24 -1.52 10.40 7.23
C ASN A 24 -2.02 10.33 5.80
N GLY A 25 -2.62 9.22 5.43
CA GLY A 25 -3.14 9.08 4.04
C GLY A 25 -1.96 8.93 3.07
N SER A 26 -0.81 8.60 3.58
CA SER A 26 0.37 8.44 2.68
C SER A 26 1.33 7.40 3.25
N ILE A 27 1.96 6.63 2.40
CA ILE A 27 2.91 5.58 2.90
C ILE A 27 4.33 5.86 2.38
N SER A 28 5.30 5.20 2.93
CA SER A 28 6.70 5.41 2.47
C SER A 28 7.53 4.14 2.67
N SER A 29 8.66 4.04 2.05
CA SER A 29 9.51 2.82 2.21
C SER A 29 9.53 2.39 3.69
N SER A 30 9.57 3.33 4.58
CA SER A 30 9.61 2.98 6.03
C SER A 30 8.27 2.36 6.46
N GLU A 31 7.22 3.13 6.47
CA GLU A 31 5.90 2.58 6.89
C GLU A 31 5.67 1.21 6.25
N LEU A 32 5.48 1.17 4.96
CA LEU A 32 5.25 -0.14 4.28
C LEU A 32 6.23 -1.18 4.79
N ALA A 33 7.45 -0.78 5.07
CA ALA A 33 8.45 -1.76 5.58
C ALA A 33 8.14 -2.13 7.03
N THR A 34 7.38 -1.32 7.70
CA THR A 34 7.04 -1.62 9.13
C THR A 34 5.79 -2.50 9.19
N VAL A 35 5.24 -2.86 8.06
CA VAL A 35 4.02 -3.72 8.07
C VAL A 35 4.33 -5.10 7.48
N MET A 36 5.58 -5.51 7.54
CA MET A 36 5.95 -6.84 6.98
C MET A 36 6.74 -7.64 8.02
N ARG A 37 7.89 -7.17 8.40
CA ARG A 37 8.70 -7.91 9.41
C ARG A 37 7.81 -8.41 10.55
N SER A 38 6.75 -7.71 10.84
CA SER A 38 5.83 -8.15 11.93
C SER A 38 4.89 -9.24 11.43
N LEU A 39 3.98 -8.89 10.56
CA LEU A 39 3.02 -9.90 10.04
C LEU A 39 3.32 -10.19 8.56
N GLY A 40 4.54 -10.55 8.26
CA GLY A 40 4.89 -10.85 6.83
C GLY A 40 6.38 -11.19 6.75
N LEU A 41 7.20 -10.21 6.49
CA LEU A 41 8.66 -10.48 6.38
C LEU A 41 9.45 -9.17 6.46
N SER A 42 10.73 -9.24 6.73
CA SER A 42 11.54 -8.00 6.82
C SER A 42 12.47 -7.89 5.62
N PRO A 43 11.93 -7.40 4.54
CA PRO A 43 12.72 -7.24 3.28
C PRO A 43 13.71 -6.07 3.42
N SER A 44 14.18 -5.55 2.33
CA SER A 44 15.15 -4.42 2.39
C SER A 44 14.70 -3.27 1.49
N GLU A 45 15.21 -2.09 1.72
CA GLU A 45 14.81 -0.92 0.88
C GLU A 45 14.58 -1.34 -0.58
N ALA A 46 15.45 -2.15 -1.12
CA ALA A 46 15.27 -2.59 -2.53
C ALA A 46 13.84 -3.08 -2.74
N GLU A 47 13.41 -4.03 -1.95
CA GLU A 47 12.01 -4.54 -2.09
C GLU A 47 11.03 -3.54 -1.50
N VAL A 48 11.41 -2.86 -0.45
CA VAL A 48 10.51 -1.86 0.17
C VAL A 48 10.22 -0.73 -0.82
N ASN A 49 11.22 0.04 -1.12
CA ASN A 49 11.05 1.17 -2.09
C ASN A 49 10.41 0.64 -3.38
N ASP A 50 10.78 -0.54 -3.80
CA ASP A 50 10.20 -1.10 -5.05
C ASP A 50 8.67 -1.17 -4.93
N LEU A 51 8.18 -1.49 -3.77
CA LEU A 51 6.71 -1.56 -3.58
C LEU A 51 6.09 -0.16 -3.63
N MET A 52 6.55 0.73 -2.80
CA MET A 52 6.00 2.11 -2.81
C MET A 52 5.99 2.68 -4.24
N ASN A 53 7.12 2.63 -4.90
CA ASN A 53 7.18 3.16 -6.30
C ASN A 53 6.08 2.52 -7.15
N GLU A 54 5.98 1.22 -7.13
CA GLU A 54 4.92 0.54 -7.95
C GLU A 54 3.58 1.25 -7.77
N ILE A 55 3.09 1.35 -6.57
CA ILE A 55 1.78 2.03 -6.34
C ILE A 55 1.97 3.54 -6.39
N ASP A 56 3.17 4.00 -6.62
CA ASP A 56 3.41 5.47 -6.67
C ASP A 56 2.93 6.02 -8.02
N VAL A 57 1.67 6.38 -8.12
CA VAL A 57 1.15 6.93 -9.40
C VAL A 57 1.85 8.24 -9.74
N ASP A 58 2.19 9.02 -8.74
CA ASP A 58 2.89 10.31 -9.03
C ASP A 58 4.41 10.11 -9.02
N GLY A 59 4.90 9.23 -8.19
CA GLY A 59 6.37 9.00 -8.14
C GLY A 59 7.00 9.94 -7.12
N ASN A 60 6.61 9.85 -5.88
CA ASN A 60 7.20 10.75 -4.84
C ASN A 60 7.75 9.91 -3.68
N HIS A 61 8.29 8.76 -3.96
CA HIS A 61 8.85 7.91 -2.87
C HIS A 61 7.75 7.51 -1.88
N GLN A 62 6.52 7.76 -2.22
CA GLN A 62 5.39 7.39 -1.30
C GLN A 62 4.10 7.25 -2.09
N ILE A 63 3.09 6.67 -1.49
CA ILE A 63 1.80 6.50 -2.21
C ILE A 63 0.63 6.85 -1.29
N GLU A 64 -0.47 7.28 -1.84
CA GLU A 64 -1.65 7.63 -1.00
C GLU A 64 -2.66 6.49 -1.06
N PHE A 65 -3.60 6.46 -0.14
CA PHE A 65 -4.60 5.35 -0.17
C PHE A 65 -5.10 5.12 -1.60
N SER A 66 -5.87 6.04 -2.11
CA SER A 66 -6.41 5.88 -3.51
C SER A 66 -5.39 5.19 -4.41
N GLU A 67 -4.13 5.54 -4.30
CA GLU A 67 -3.10 4.88 -5.14
C GLU A 67 -3.02 3.39 -4.79
N PHE A 68 -3.03 3.09 -3.52
CA PHE A 68 -2.99 1.66 -3.09
C PHE A 68 -4.16 0.91 -3.73
N LEU A 69 -5.24 1.60 -4.00
CA LEU A 69 -6.41 0.95 -4.64
C LEU A 69 -6.14 0.73 -6.13
N ALA A 70 -5.39 1.62 -6.73
CA ALA A 70 -5.08 1.48 -8.18
C ALA A 70 -4.25 0.22 -8.41
N LEU A 71 -3.26 -0.01 -7.59
CA LEU A 71 -2.41 -1.22 -7.76
C LEU A 71 -3.05 -2.42 -7.06
N MET A 72 -3.53 -2.23 -5.86
CA MET A 72 -4.16 -3.37 -5.13
C MET A 72 -5.34 -3.93 -5.95
N SER A 73 -6.40 -3.17 -6.07
CA SER A 73 -7.57 -3.65 -6.85
C SER A 73 -7.32 -3.47 -8.36
N ARG A 74 -6.13 -3.07 -8.72
CA ARG A 74 -5.83 -2.88 -10.17
C ARG A 74 -6.68 -1.74 -10.74
N GLN A 75 -6.51 -1.44 -12.00
CA GLN A 75 -7.31 -0.34 -12.62
C GLN A 75 -8.72 -0.85 -12.98
N LEU A 76 -9.32 -0.30 -13.99
CA LEU A 76 -10.67 -0.75 -14.39
C LEU A 76 -10.70 -1.11 -15.88
N LYS A 77 -10.43 -0.17 -16.74
CA LYS A 77 -10.44 -0.47 -18.20
C LYS A 77 -11.76 -1.11 -18.60
CA CA B . 2.52 8.36 6.84
CA CA C . 2.16 8.97 -4.30
N SER A 1 -17.57 -14.11 -3.50
CA SER A 1 -18.94 -14.15 -2.91
C SER A 1 -19.31 -12.79 -2.32
N SER A 2 -18.62 -11.75 -2.72
CA SER A 2 -18.93 -10.40 -2.18
C SER A 2 -18.66 -9.34 -3.25
N ASN A 3 -19.42 -8.27 -3.24
CA ASN A 3 -19.21 -7.19 -4.25
C ASN A 3 -17.98 -6.35 -3.88
N LEU A 4 -17.34 -5.76 -4.85
CA LEU A 4 -16.14 -4.93 -4.55
C LEU A 4 -16.54 -3.46 -4.39
N THR A 5 -15.99 -2.57 -5.18
CA THR A 5 -16.36 -1.13 -5.05
C THR A 5 -16.24 -0.68 -3.60
N GLU A 6 -17.10 0.19 -3.17
CA GLU A 6 -17.03 0.68 -1.75
C GLU A 6 -16.74 -0.48 -0.81
N GLU A 7 -17.16 -1.66 -1.16
CA GLU A 7 -16.89 -2.84 -0.28
C GLU A 7 -15.41 -3.19 -0.35
N GLN A 8 -14.86 -3.26 -1.53
CA GLN A 8 -13.41 -3.58 -1.65
C GLN A 8 -12.59 -2.39 -1.16
N ILE A 9 -12.95 -1.21 -1.56
CA ILE A 9 -12.22 0.00 -1.10
C ILE A 9 -12.17 0.03 0.43
N ALA A 10 -13.31 0.13 1.06
CA ALA A 10 -13.34 0.16 2.54
C ALA A 10 -12.38 -0.89 3.09
N GLU A 11 -12.46 -2.09 2.59
CA GLU A 11 -11.54 -3.17 3.08
C GLU A 11 -10.09 -2.77 2.79
N PHE A 12 -9.83 -2.27 1.60
CA PHE A 12 -8.45 -1.86 1.25
C PHE A 12 -7.99 -0.75 2.21
N LYS A 13 -8.78 0.28 2.34
CA LYS A 13 -8.41 1.40 3.25
C LYS A 13 -7.82 0.83 4.54
N GLU A 14 -8.53 -0.06 5.18
CA GLU A 14 -8.00 -0.67 6.43
C GLU A 14 -6.61 -1.24 6.15
N ALA A 15 -6.46 -1.95 5.07
CA ALA A 15 -5.12 -2.53 4.73
C ALA A 15 -4.13 -1.39 4.45
N PHE A 16 -4.52 -0.43 3.66
CA PHE A 16 -3.59 0.71 3.37
C PHE A 16 -2.98 1.21 4.68
N ALA A 17 -3.79 1.71 5.56
CA ALA A 17 -3.26 2.22 6.86
C ALA A 17 -2.23 1.23 7.41
N LEU A 18 -2.57 -0.03 7.46
CA LEU A 18 -1.61 -1.05 7.97
C LEU A 18 -0.24 -0.81 7.34
N PHE A 19 -0.21 -0.41 6.10
CA PHE A 19 1.10 -0.15 5.43
C PHE A 19 1.71 1.14 5.98
N ASP A 20 0.94 2.18 6.08
CA ASP A 20 1.48 3.47 6.62
C ASP A 20 1.72 3.34 8.14
N LYS A 21 2.34 4.32 8.73
CA LYS A 21 2.60 4.24 10.20
C LYS A 21 2.15 5.53 10.89
N ASP A 22 1.18 6.20 10.34
CA ASP A 22 0.69 7.46 10.98
C ASP A 22 -0.65 7.89 10.37
N ASN A 23 -1.39 6.96 9.83
CA ASN A 23 -2.71 7.31 9.21
C ASN A 23 -2.60 8.63 8.44
N ASN A 24 -1.45 8.92 7.90
CA ASN A 24 -1.28 10.19 7.14
C ASN A 24 -1.84 10.04 5.73
N GLY A 25 -2.54 8.97 5.46
CA GLY A 25 -3.10 8.76 4.10
C GLY A 25 -1.96 8.63 3.10
N SER A 26 -0.76 8.44 3.59
CA SER A 26 0.41 8.30 2.67
C SER A 26 1.39 7.27 3.24
N ILE A 27 2.03 6.51 2.38
CA ILE A 27 2.99 5.49 2.87
C ILE A 27 4.38 5.71 2.25
N SER A 28 5.38 5.87 3.07
CA SER A 28 6.75 6.08 2.53
C SER A 28 7.47 4.74 2.39
N SER A 29 8.77 4.77 2.22
CA SER A 29 9.53 3.50 2.07
C SER A 29 9.52 2.72 3.39
N SER A 30 9.78 3.37 4.48
CA SER A 30 9.78 2.67 5.80
C SER A 30 8.36 2.36 6.24
N GLU A 31 7.42 3.22 5.95
CA GLU A 31 6.01 2.96 6.36
C GLU A 31 5.51 1.66 5.74
N LEU A 32 5.41 1.60 4.44
CA LEU A 32 4.93 0.36 3.77
C LEU A 32 5.80 -0.84 4.19
N ALA A 33 7.09 -0.67 4.19
CA ALA A 33 7.98 -1.79 4.58
C ALA A 33 7.62 -2.30 5.99
N THR A 34 7.17 -1.41 6.84
CA THR A 34 6.79 -1.84 8.22
C THR A 34 5.85 -3.04 8.18
N VAL A 35 5.01 -3.12 7.17
CA VAL A 35 4.07 -4.26 7.07
C VAL A 35 4.75 -5.46 6.40
N MET A 36 6.06 -5.41 6.27
CA MET A 36 6.78 -6.53 5.62
C MET A 36 6.71 -7.78 6.50
N ARG A 37 6.66 -7.61 7.79
CA ARG A 37 6.59 -8.79 8.70
C ARG A 37 5.32 -9.60 8.42
N SER A 38 4.31 -8.97 7.87
CA SER A 38 3.05 -9.69 7.59
C SER A 38 3.06 -10.23 6.15
N LEU A 39 4.20 -10.23 5.51
CA LEU A 39 4.28 -10.74 4.12
C LEU A 39 5.68 -11.28 3.84
N GLY A 40 6.68 -10.44 3.87
CA GLY A 40 8.06 -10.91 3.59
C GLY A 40 9.06 -10.00 4.31
N LEU A 41 9.44 -10.35 5.51
CA LEU A 41 10.41 -9.50 6.26
C LEU A 41 11.73 -9.41 5.50
N SER A 42 12.65 -8.59 5.96
CA SER A 42 13.95 -8.45 5.26
C SER A 42 13.72 -8.07 3.79
N PRO A 43 12.87 -7.10 3.60
CA PRO A 43 12.56 -6.62 2.22
C PRO A 43 13.74 -5.83 1.65
N SER A 44 14.38 -5.04 2.47
CA SER A 44 15.53 -4.23 1.97
C SER A 44 15.04 -3.16 0.99
N GLU A 45 15.69 -2.02 0.97
CA GLU A 45 15.26 -0.92 0.06
C GLU A 45 14.74 -1.49 -1.26
N ALA A 46 15.46 -2.39 -1.87
CA ALA A 46 14.98 -2.97 -3.15
C ALA A 46 13.49 -3.32 -3.03
N GLU A 47 13.12 -4.06 -2.02
CA GLU A 47 11.67 -4.42 -1.85
C GLU A 47 10.92 -3.24 -1.24
N VAL A 48 11.50 -2.57 -0.28
CA VAL A 48 10.83 -1.41 0.35
C VAL A 48 10.48 -0.37 -0.71
N ASN A 49 11.48 0.21 -1.30
CA ASN A 49 11.24 1.23 -2.36
C ASN A 49 10.33 0.65 -3.45
N ASP A 50 10.60 -0.57 -3.87
CA ASP A 50 9.75 -1.19 -4.93
C ASP A 50 8.28 -1.13 -4.52
N LEU A 51 7.97 -1.53 -3.31
CA LEU A 51 6.55 -1.49 -2.86
C LEU A 51 5.97 -0.08 -3.06
N MET A 52 6.60 0.91 -2.50
CA MET A 52 6.08 2.30 -2.65
C MET A 52 6.12 2.71 -4.13
N ASN A 53 7.23 2.50 -4.78
CA ASN A 53 7.33 2.88 -6.22
C ASN A 53 6.33 2.06 -7.05
N GLU A 54 6.09 0.84 -6.67
CA GLU A 54 5.13 0.00 -7.44
C GLU A 54 3.74 0.64 -7.44
N ILE A 55 3.43 1.42 -6.44
CA ILE A 55 2.10 2.08 -6.40
C ILE A 55 2.26 3.60 -6.52
N ASP A 56 3.47 4.09 -6.38
CA ASP A 56 3.69 5.57 -6.48
C ASP A 56 3.19 6.08 -7.85
N VAL A 57 1.92 6.32 -7.96
CA VAL A 57 1.37 6.82 -9.27
C VAL A 57 2.05 8.15 -9.65
N ASP A 58 2.35 8.97 -8.68
CA ASP A 58 3.01 10.27 -8.99
C ASP A 58 4.53 10.14 -8.89
N GLY A 59 5.00 9.23 -8.08
CA GLY A 59 6.48 9.05 -7.93
C GLY A 59 7.02 10.08 -6.95
N ASN A 60 6.63 9.99 -5.71
CA ASN A 60 7.13 10.97 -4.69
C ASN A 60 7.73 10.23 -3.50
N HIS A 61 8.21 9.03 -3.71
CA HIS A 61 8.81 8.25 -2.59
C HIS A 61 7.72 7.80 -1.62
N GLN A 62 6.49 8.11 -1.90
CA GLN A 62 5.37 7.71 -0.99
C GLN A 62 4.08 7.57 -1.77
N ILE A 63 3.15 6.79 -1.30
CA ILE A 63 1.87 6.62 -2.04
C ILE A 63 0.68 6.90 -1.10
N GLU A 64 -0.44 7.26 -1.66
CA GLU A 64 -1.64 7.53 -0.81
C GLU A 64 -2.61 6.35 -0.91
N PHE A 65 -3.66 6.37 -0.15
CA PHE A 65 -4.62 5.24 -0.21
C PHE A 65 -5.02 4.96 -1.66
N SER A 66 -5.80 5.84 -2.25
CA SER A 66 -6.24 5.65 -3.67
C SER A 66 -5.13 4.99 -4.50
N GLU A 67 -3.90 5.38 -4.30
CA GLU A 67 -2.80 4.75 -5.07
C GLU A 67 -2.74 3.26 -4.72
N PHE A 68 -2.79 2.94 -3.45
CA PHE A 68 -2.76 1.51 -3.04
C PHE A 68 -3.88 0.76 -3.77
N LEU A 69 -5.01 1.38 -3.92
CA LEU A 69 -6.13 0.71 -4.63
C LEU A 69 -5.76 0.51 -6.11
N ALA A 70 -5.22 1.52 -6.72
CA ALA A 70 -4.82 1.39 -8.15
C ALA A 70 -4.02 0.10 -8.36
N LEU A 71 -3.11 -0.19 -7.48
CA LEU A 71 -2.30 -1.44 -7.61
C LEU A 71 -3.05 -2.61 -6.99
N MET A 72 -3.98 -2.34 -6.11
CA MET A 72 -4.75 -3.45 -5.47
C MET A 72 -5.73 -4.06 -6.47
N SER A 73 -6.85 -3.41 -6.69
CA SER A 73 -7.84 -3.96 -7.65
C SER A 73 -7.76 -3.20 -8.98
N ARG A 74 -8.84 -3.15 -9.72
CA ARG A 74 -8.83 -2.44 -11.02
C ARG A 74 -7.79 -3.06 -11.96
N GLN A 75 -7.12 -2.26 -12.74
CA GLN A 75 -6.10 -2.82 -13.68
C GLN A 75 -6.73 -3.85 -14.60
N LEU A 76 -5.94 -4.66 -15.24
CA LEU A 76 -6.50 -5.69 -16.16
C LEU A 76 -7.62 -6.47 -15.46
N LYS A 77 -8.85 -6.12 -15.70
CA LYS A 77 -9.98 -6.84 -15.05
C LYS A 77 -11.01 -7.26 -16.09
CA CA B . 2.81 8.98 6.15
CA CA C . 2.58 8.33 -4.90
N SER A 1 -18.60 -11.71 -4.75
CA SER A 1 -18.35 -11.38 -3.31
C SER A 1 -18.95 -10.00 -2.98
N SER A 2 -20.25 -9.90 -3.00
CA SER A 2 -20.90 -8.59 -2.69
C SER A 2 -20.28 -7.47 -3.55
N ASN A 3 -19.82 -7.81 -4.72
CA ASN A 3 -19.22 -6.77 -5.61
C ASN A 3 -18.09 -6.04 -4.87
N LEU A 4 -17.30 -5.28 -5.57
CA LEU A 4 -16.19 -4.53 -4.90
C LEU A 4 -16.62 -3.09 -4.62
N THR A 5 -16.14 -2.15 -5.39
CA THR A 5 -16.54 -0.73 -5.15
C THR A 5 -16.32 -0.36 -3.68
N GLU A 6 -17.15 0.50 -3.15
CA GLU A 6 -17.00 0.91 -1.72
C GLU A 6 -16.67 -0.32 -0.86
N GLU A 7 -17.20 -1.45 -1.21
CA GLU A 7 -16.92 -2.68 -0.42
C GLU A 7 -15.43 -3.03 -0.51
N GLN A 8 -14.91 -3.03 -1.71
CA GLN A 8 -13.46 -3.35 -1.87
C GLN A 8 -12.63 -2.19 -1.29
N ILE A 9 -12.99 -0.98 -1.64
CA ILE A 9 -12.25 0.20 -1.10
C ILE A 9 -12.20 0.13 0.42
N ALA A 10 -13.35 0.19 1.06
CA ALA A 10 -13.36 0.14 2.55
C ALA A 10 -12.39 -0.94 3.04
N GLU A 11 -12.45 -2.11 2.46
CA GLU A 11 -11.52 -3.19 2.88
C GLU A 11 -10.08 -2.77 2.60
N PHE A 12 -9.83 -2.23 1.44
CA PHE A 12 -8.46 -1.77 1.10
C PHE A 12 -8.01 -0.73 2.12
N LYS A 13 -8.82 0.27 2.36
CA LYS A 13 -8.44 1.30 3.35
C LYS A 13 -7.84 0.64 4.59
N GLU A 14 -8.54 -0.28 5.18
CA GLU A 14 -7.99 -0.98 6.37
C GLU A 14 -6.58 -1.49 6.06
N ALA A 15 -6.42 -2.07 4.89
CA ALA A 15 -5.06 -2.57 4.51
C ALA A 15 -4.10 -1.40 4.32
N PHE A 16 -4.50 -0.41 3.57
CA PHE A 16 -3.61 0.77 3.35
C PHE A 16 -3.05 1.25 4.68
N ALA A 17 -3.90 1.74 5.55
CA ALA A 17 -3.42 2.21 6.87
C ALA A 17 -2.41 1.22 7.45
N LEU A 18 -2.75 -0.04 7.45
CA LEU A 18 -1.81 -1.06 7.99
C LEU A 18 -0.39 -0.77 7.48
N PHE A 19 -0.27 -0.46 6.22
CA PHE A 19 1.08 -0.15 5.66
C PHE A 19 1.59 1.18 6.23
N ASP A 20 0.78 2.20 6.17
CA ASP A 20 1.19 3.53 6.71
C ASP A 20 1.28 3.47 8.23
N LYS A 21 2.43 3.78 8.79
CA LYS A 21 2.57 3.73 10.27
C LYS A 21 2.22 5.09 10.88
N ASP A 22 1.70 5.99 10.10
CA ASP A 22 1.33 7.33 10.63
C ASP A 22 -0.14 7.63 10.34
N ASN A 23 -0.77 6.85 9.50
CA ASN A 23 -2.21 7.09 9.19
C ASN A 23 -2.38 8.46 8.52
N ASN A 24 -1.36 8.96 7.89
CA ASN A 24 -1.48 10.29 7.23
C ASN A 24 -2.04 10.12 5.82
N GLY A 25 -2.74 9.04 5.57
CA GLY A 25 -3.31 8.83 4.21
C GLY A 25 -2.17 8.74 3.20
N SER A 26 -0.97 8.58 3.67
CA SER A 26 0.20 8.48 2.75
C SER A 26 1.21 7.46 3.28
N ILE A 27 1.92 6.80 2.42
CA ILE A 27 2.92 5.79 2.89
C ILE A 27 4.29 6.08 2.27
N SER A 28 5.34 5.79 2.98
CA SER A 28 6.71 6.03 2.45
C SER A 28 7.42 4.71 2.19
N SER A 29 8.71 4.75 1.98
CA SER A 29 9.46 3.48 1.72
C SER A 29 9.41 2.58 2.94
N SER A 30 10.11 2.94 3.99
CA SER A 30 10.10 2.10 5.22
C SER A 30 8.67 1.88 5.71
N GLU A 31 7.88 2.92 5.79
CA GLU A 31 6.48 2.77 6.25
C GLU A 31 5.83 1.52 5.63
N LEU A 32 5.64 1.53 4.34
CA LEU A 32 5.01 0.35 3.68
C LEU A 32 5.78 -0.93 4.04
N ALA A 33 7.08 -0.83 4.14
CA ALA A 33 7.89 -2.04 4.49
C ALA A 33 7.73 -2.39 5.97
N THR A 34 7.17 -1.48 6.74
CA THR A 34 6.97 -1.76 8.19
C THR A 34 5.89 -2.81 8.39
N VAL A 35 5.00 -2.96 7.44
CA VAL A 35 3.92 -3.97 7.57
C VAL A 35 4.48 -5.38 7.35
N MET A 36 5.75 -5.48 7.08
CA MET A 36 6.35 -6.83 6.84
C MET A 36 6.64 -7.52 8.18
N ARG A 37 6.52 -6.81 9.27
CA ARG A 37 6.78 -7.42 10.60
C ARG A 37 6.10 -8.80 10.68
N SER A 38 4.91 -8.91 10.15
CA SER A 38 4.20 -10.22 10.20
C SER A 38 4.65 -11.12 9.04
N LEU A 39 5.07 -10.52 7.96
CA LEU A 39 5.53 -11.33 6.79
C LEU A 39 7.06 -11.42 6.77
N GLY A 40 7.71 -10.32 6.51
CA GLY A 40 9.21 -10.34 6.48
C GLY A 40 9.74 -8.93 6.76
N LEU A 41 9.90 -8.59 8.00
CA LEU A 41 10.42 -7.23 8.33
C LEU A 41 11.82 -7.04 7.76
N SER A 42 12.53 -6.03 8.20
CA SER A 42 13.90 -5.79 7.68
C SER A 42 13.90 -5.83 6.15
N PRO A 43 12.98 -5.12 5.57
CA PRO A 43 12.88 -5.06 4.09
C PRO A 43 14.00 -4.20 3.52
N SER A 44 14.75 -4.75 2.59
CA SER A 44 15.87 -3.96 1.98
C SER A 44 15.31 -2.83 1.11
N GLU A 45 15.87 -1.65 1.21
CA GLU A 45 15.39 -0.50 0.39
C GLU A 45 14.92 -0.97 -0.98
N ALA A 46 15.67 -1.80 -1.63
CA ALA A 46 15.25 -2.29 -2.97
C ALA A 46 13.80 -2.78 -2.92
N GLU A 47 13.50 -3.62 -1.95
CA GLU A 47 12.11 -4.13 -1.82
C GLU A 47 11.23 -3.08 -1.14
N VAL A 48 11.81 -2.31 -0.25
CA VAL A 48 11.02 -1.25 0.45
C VAL A 48 10.61 -0.18 -0.56
N ASN A 49 11.56 0.53 -1.08
CA ASN A 49 11.26 1.59 -2.08
C ASN A 49 10.48 1.00 -3.26
N ASP A 50 10.81 -0.22 -3.63
CA ASP A 50 10.08 -0.85 -4.77
C ASP A 50 8.58 -0.95 -4.47
N LEU A 51 8.24 -1.40 -3.30
CA LEU A 51 6.79 -1.51 -2.94
C LEU A 51 6.13 -0.14 -3.04
N MET A 52 6.68 0.85 -2.39
CA MET A 52 6.06 2.21 -2.46
C MET A 52 5.89 2.64 -3.92
N ASN A 53 6.90 2.46 -4.72
CA ASN A 53 6.80 2.86 -6.15
C ASN A 53 5.85 1.91 -6.90
N GLU A 54 6.07 0.62 -6.78
CA GLU A 54 5.18 -0.35 -7.49
C GLU A 54 3.71 0.03 -7.29
N ILE A 55 3.41 0.75 -6.24
CA ILE A 55 2.00 1.15 -5.99
C ILE A 55 1.85 2.67 -6.15
N ASP A 56 2.94 3.39 -6.17
CA ASP A 56 2.85 4.87 -6.32
C ASP A 56 2.32 5.23 -7.71
N VAL A 57 2.05 6.48 -7.94
CA VAL A 57 1.53 6.90 -9.27
C VAL A 57 2.25 8.17 -9.75
N ASP A 58 2.57 9.05 -8.83
CA ASP A 58 3.27 10.31 -9.23
C ASP A 58 4.79 10.14 -9.07
N GLY A 59 5.21 9.13 -8.35
CA GLY A 59 6.67 8.92 -8.15
C GLY A 59 7.21 9.94 -7.14
N ASN A 60 6.86 9.79 -5.89
CA ASN A 60 7.35 10.75 -4.86
C ASN A 60 7.89 9.98 -3.65
N HIS A 61 8.30 8.76 -3.85
CA HIS A 61 8.85 7.95 -2.71
C HIS A 61 7.72 7.61 -1.72
N GLN A 62 6.51 7.96 -2.04
CA GLN A 62 5.37 7.65 -1.11
C GLN A 62 4.07 7.54 -1.91
N ILE A 63 3.11 6.83 -1.40
CA ILE A 63 1.82 6.68 -2.12
C ILE A 63 0.65 7.00 -1.20
N GLU A 64 -0.47 7.41 -1.75
CA GLU A 64 -1.65 7.70 -0.90
C GLU A 64 -2.64 6.54 -0.98
N PHE A 65 -3.65 6.54 -0.16
CA PHE A 65 -4.63 5.41 -0.20
C PHE A 65 -5.09 5.17 -1.64
N SER A 66 -5.89 6.06 -2.18
CA SER A 66 -6.38 5.91 -3.58
C SER A 66 -5.32 5.25 -4.46
N GLU A 67 -4.08 5.63 -4.29
CA GLU A 67 -3.00 5.01 -5.12
C GLU A 67 -2.87 3.53 -4.74
N PHE A 68 -2.88 3.24 -3.47
CA PHE A 68 -2.78 1.82 -3.03
C PHE A 68 -3.88 1.01 -3.72
N LEU A 69 -5.03 1.59 -3.89
CA LEU A 69 -6.14 0.87 -4.58
C LEU A 69 -5.77 0.62 -6.03
N ALA A 70 -5.22 1.61 -6.69
CA ALA A 70 -4.83 1.45 -8.11
C ALA A 70 -3.98 0.19 -8.27
N LEU A 71 -3.05 -0.02 -7.37
CA LEU A 71 -2.20 -1.24 -7.45
C LEU A 71 -2.90 -2.42 -6.79
N MET A 72 -3.88 -2.16 -5.97
CA MET A 72 -4.60 -3.28 -5.30
C MET A 72 -5.59 -3.93 -6.26
N SER A 73 -6.75 -3.34 -6.43
CA SER A 73 -7.75 -3.94 -7.36
C SER A 73 -7.18 -3.99 -8.78
N ARG A 74 -7.01 -2.85 -9.40
CA ARG A 74 -6.47 -2.84 -10.79
C ARG A 74 -5.07 -3.46 -10.82
N GLN A 75 -4.85 -4.42 -11.67
CA GLN A 75 -3.50 -5.06 -11.75
C GLN A 75 -2.60 -4.28 -12.71
N LEU A 76 -1.51 -4.87 -13.12
CA LEU A 76 -0.59 -4.16 -14.06
C LEU A 76 -0.13 -2.83 -13.45
N LYS A 77 0.91 -2.26 -13.97
CA LYS A 77 1.41 -0.97 -13.42
C LYS A 77 1.48 -1.03 -11.89
CA CA B . 2.53 8.46 6.72
CA CA C . 1.98 9.19 -4.23
N SER A 1 -21.26 -12.62 -4.15
CA SER A 1 -20.06 -13.30 -4.71
C SER A 1 -18.82 -12.39 -4.56
N SER A 2 -18.36 -12.20 -3.36
CA SER A 2 -17.17 -11.34 -3.15
C SER A 2 -17.34 -10.01 -3.90
N ASN A 3 -18.22 -9.17 -3.44
CA ASN A 3 -18.44 -7.86 -4.12
C ASN A 3 -17.23 -6.95 -3.92
N LEU A 4 -16.84 -6.23 -4.94
CA LEU A 4 -15.66 -5.33 -4.80
C LEU A 4 -16.13 -3.88 -4.66
N THR A 5 -15.57 -2.97 -5.44
CA THR A 5 -16.00 -1.55 -5.35
C THR A 5 -15.98 -1.09 -3.88
N GLU A 6 -16.93 -0.27 -3.51
CA GLU A 6 -16.98 0.22 -2.09
C GLU A 6 -16.67 -0.93 -1.13
N GLU A 7 -16.97 -2.13 -1.52
CA GLU A 7 -16.69 -3.30 -0.63
C GLU A 7 -15.18 -3.55 -0.61
N GLN A 8 -14.56 -3.56 -1.75
CA GLN A 8 -13.08 -3.78 -1.78
C GLN A 8 -12.38 -2.53 -1.25
N ILE A 9 -12.79 -1.38 -1.70
CA ILE A 9 -12.17 -0.12 -1.22
C ILE A 9 -12.19 -0.08 0.30
N ALA A 10 -13.36 -0.05 0.89
CA ALA A 10 -13.44 -0.02 2.37
C ALA A 10 -12.46 -1.04 2.97
N GLU A 11 -12.49 -2.25 2.48
CA GLU A 11 -11.55 -3.29 3.00
C GLU A 11 -10.11 -2.82 2.79
N PHE A 12 -9.84 -2.21 1.66
CA PHE A 12 -8.46 -1.71 1.38
C PHE A 12 -8.13 -0.56 2.34
N LYS A 13 -9.05 0.35 2.52
CA LYS A 13 -8.78 1.49 3.45
C LYS A 13 -8.16 0.95 4.73
N GLU A 14 -8.81 0.03 5.38
CA GLU A 14 -8.24 -0.54 6.63
C GLU A 14 -6.85 -1.10 6.35
N ALA A 15 -6.69 -1.81 5.25
CA ALA A 15 -5.36 -2.38 4.91
C ALA A 15 -4.36 -1.25 4.68
N PHE A 16 -4.70 -0.29 3.85
CA PHE A 16 -3.76 0.83 3.60
C PHE A 16 -3.15 1.30 4.92
N ALA A 17 -3.96 1.83 5.79
CA ALA A 17 -3.43 2.30 7.11
C ALA A 17 -2.44 1.27 7.67
N LEU A 18 -2.82 0.03 7.66
CA LEU A 18 -1.90 -1.03 8.17
C LEU A 18 -0.51 -0.86 7.55
N PHE A 19 -0.46 -0.50 6.29
CA PHE A 19 0.86 -0.30 5.63
C PHE A 19 1.53 0.96 6.17
N ASP A 20 0.85 2.07 6.12
CA ASP A 20 1.44 3.34 6.64
C ASP A 20 1.65 3.23 8.15
N LYS A 21 2.32 4.19 8.75
CA LYS A 21 2.55 4.13 10.22
C LYS A 21 2.24 5.48 10.87
N ASP A 22 1.85 6.45 10.09
CA ASP A 22 1.52 7.78 10.67
C ASP A 22 0.04 8.11 10.46
N ASN A 23 -0.65 7.31 9.70
CA ASN A 23 -2.10 7.58 9.44
C ASN A 23 -2.27 8.89 8.67
N ASN A 24 -1.19 9.41 8.13
CA ASN A 24 -1.31 10.68 7.37
C ASN A 24 -2.00 10.43 6.03
N GLY A 25 -2.38 9.22 5.76
CA GLY A 25 -3.06 8.91 4.47
C GLY A 25 -2.00 8.66 3.39
N SER A 26 -0.75 8.77 3.74
CA SER A 26 0.32 8.53 2.73
C SER A 26 1.31 7.49 3.27
N ILE A 27 1.91 6.72 2.40
CA ILE A 27 2.88 5.69 2.87
C ILE A 27 4.29 5.97 2.32
N SER A 28 5.26 6.09 3.18
CA SER A 28 6.64 6.35 2.71
C SER A 28 7.35 5.04 2.40
N SER A 29 8.61 5.10 2.03
CA SER A 29 9.34 3.85 1.72
C SER A 29 9.30 2.88 2.91
N SER A 30 9.82 3.28 4.03
CA SER A 30 9.80 2.39 5.23
C SER A 30 8.36 2.11 5.66
N GLU A 31 7.52 3.11 5.66
CA GLU A 31 6.10 2.90 6.07
C GLU A 31 5.56 1.60 5.46
N LEU A 32 5.37 1.58 4.17
CA LEU A 32 4.84 0.34 3.52
C LEU A 32 5.71 -0.87 3.91
N ALA A 33 6.99 -0.76 3.76
CA ALA A 33 7.88 -1.91 4.13
C ALA A 33 7.69 -2.28 5.59
N THR A 34 7.09 -1.41 6.36
CA THR A 34 6.87 -1.71 7.80
C THR A 34 6.05 -3.00 7.95
N VAL A 35 5.24 -3.31 6.97
CA VAL A 35 4.42 -4.56 7.06
C VAL A 35 5.25 -5.71 7.62
N MET A 36 6.54 -5.67 7.43
CA MET A 36 7.41 -6.77 7.96
C MET A 36 7.35 -6.78 9.49
N ARG A 37 6.79 -5.77 10.09
CA ARG A 37 6.71 -5.72 11.57
C ARG A 37 6.36 -7.10 12.13
N SER A 38 5.28 -7.68 11.66
CA SER A 38 4.90 -9.04 12.16
C SER A 38 5.85 -10.09 11.60
N LEU A 39 6.58 -9.75 10.58
CA LEU A 39 7.54 -10.74 9.98
C LEU A 39 8.96 -10.49 10.50
N GLY A 40 9.11 -9.62 11.47
CA GLY A 40 10.46 -9.33 12.01
C GLY A 40 10.90 -7.93 11.59
N LEU A 41 10.14 -7.29 10.74
CA LEU A 41 10.52 -5.92 10.28
C LEU A 41 11.92 -5.92 9.68
N SER A 42 12.02 -6.01 8.39
CA SER A 42 13.35 -6.01 7.72
C SER A 42 13.20 -6.06 6.20
N PRO A 43 12.50 -5.09 5.69
CA PRO A 43 12.27 -5.02 4.22
C PRO A 43 13.50 -4.44 3.52
N SER A 44 14.09 -5.19 2.62
CA SER A 44 15.29 -4.67 1.91
C SER A 44 14.90 -3.51 0.99
N GLU A 45 15.67 -2.46 1.00
CA GLU A 45 15.35 -1.28 0.13
C GLU A 45 14.76 -1.73 -1.20
N ALA A 46 15.25 -2.80 -1.76
CA ALA A 46 14.68 -3.29 -3.05
C ALA A 46 13.18 -3.54 -2.89
N GLU A 47 12.80 -4.32 -1.91
CA GLU A 47 11.36 -4.59 -1.70
C GLU A 47 10.68 -3.36 -1.06
N VAL A 48 11.44 -2.59 -0.33
CA VAL A 48 10.87 -1.38 0.31
C VAL A 48 10.53 -0.35 -0.76
N ASN A 49 11.52 0.16 -1.43
CA ASN A 49 11.27 1.16 -2.50
C ASN A 49 10.33 0.58 -3.57
N ASP A 50 10.46 -0.69 -3.85
CA ASP A 50 9.58 -1.31 -4.87
C ASP A 50 8.11 -1.16 -4.47
N LEU A 51 7.72 -1.72 -3.36
CA LEU A 51 6.31 -1.60 -2.91
C LEU A 51 5.83 -0.15 -3.05
N MET A 52 6.58 0.78 -2.53
CA MET A 52 6.18 2.21 -2.63
C MET A 52 6.34 2.71 -4.07
N ASN A 53 7.34 2.26 -4.76
CA ASN A 53 7.55 2.71 -6.16
C ASN A 53 6.53 2.03 -7.08
N GLU A 54 6.10 0.85 -6.75
CA GLU A 54 5.11 0.14 -7.61
C GLU A 54 3.77 0.89 -7.59
N ILE A 55 3.44 1.51 -6.49
CA ILE A 55 2.15 2.25 -6.41
C ILE A 55 2.40 3.75 -6.55
N ASP A 56 3.64 4.16 -6.60
CA ASP A 56 3.95 5.61 -6.74
C ASP A 56 3.37 6.15 -8.06
N VAL A 57 2.08 6.37 -8.10
CA VAL A 57 1.46 6.89 -9.35
C VAL A 57 2.07 8.24 -9.74
N ASP A 58 2.45 9.03 -8.77
CA ASP A 58 3.04 10.37 -9.10
C ASP A 58 4.57 10.31 -9.00
N GLY A 59 5.09 9.45 -8.17
CA GLY A 59 6.57 9.35 -8.04
C GLY A 59 7.06 10.29 -6.94
N ASN A 60 6.61 10.07 -5.73
CA ASN A 60 7.05 10.96 -4.61
C ASN A 60 7.63 10.11 -3.47
N HIS A 61 8.25 9.00 -3.79
CA HIS A 61 8.84 8.14 -2.73
C HIS A 61 7.76 7.71 -1.73
N GLN A 62 6.52 7.76 -2.13
CA GLN A 62 5.41 7.34 -1.21
C GLN A 62 4.10 7.26 -1.97
N ILE A 63 3.12 6.59 -1.41
CA ILE A 63 1.81 6.47 -2.11
C ILE A 63 0.67 6.73 -1.13
N GLU A 64 -0.44 7.20 -1.64
CA GLU A 64 -1.61 7.46 -0.75
C GLU A 64 -2.61 6.31 -0.86
N PHE A 65 -3.60 6.28 -0.01
CA PHE A 65 -4.60 5.17 -0.10
C PHE A 65 -5.00 4.94 -1.55
N SER A 66 -5.74 5.86 -2.13
CA SER A 66 -6.19 5.71 -3.55
C SER A 66 -5.11 5.02 -4.38
N GLU A 67 -3.87 5.43 -4.25
CA GLU A 67 -2.79 4.78 -5.03
C GLU A 67 -2.72 3.29 -4.65
N PHE A 68 -2.79 3.00 -3.38
CA PHE A 68 -2.74 1.58 -2.95
C PHE A 68 -3.89 0.81 -3.61
N LEU A 69 -4.96 1.50 -3.93
CA LEU A 69 -6.11 0.83 -4.58
C LEU A 69 -5.80 0.60 -6.07
N ALA A 70 -5.08 1.51 -6.68
CA ALA A 70 -4.75 1.35 -8.11
C ALA A 70 -3.91 0.09 -8.33
N LEU A 71 -2.93 -0.13 -7.49
CA LEU A 71 -2.08 -1.34 -7.64
C LEU A 71 -2.73 -2.53 -6.94
N MET A 72 -3.39 -2.30 -5.84
CA MET A 72 -4.05 -3.43 -5.12
C MET A 72 -5.08 -4.11 -6.02
N SER A 73 -6.24 -3.53 -6.13
CA SER A 73 -7.29 -4.14 -7.01
C SER A 73 -6.67 -4.63 -8.32
N ARG A 74 -7.40 -5.42 -9.07
CA ARG A 74 -6.84 -5.94 -10.36
C ARG A 74 -7.64 -5.38 -11.53
N GLN A 75 -7.06 -4.48 -12.28
CA GLN A 75 -7.78 -3.89 -13.45
C GLN A 75 -6.80 -3.52 -14.55
N LEU A 76 -5.64 -3.02 -14.19
CA LEU A 76 -4.64 -2.63 -15.23
C LEU A 76 -3.30 -3.31 -14.92
N LYS A 77 -2.44 -3.39 -15.91
CA LYS A 77 -1.11 -4.04 -15.69
C LYS A 77 -1.29 -5.35 -14.92
CA CA B . 2.55 8.69 6.73
CA CA C . 2.54 8.54 -4.93
N SER A 1 -22.89 -4.68 -7.01
CA SER A 1 -21.89 -4.34 -5.96
C SER A 1 -21.85 -5.43 -4.89
N SER A 2 -21.61 -6.66 -5.30
CA SER A 2 -21.55 -7.77 -4.30
C SER A 2 -20.41 -7.54 -3.31
N ASN A 3 -19.20 -7.62 -3.76
CA ASN A 3 -18.04 -7.41 -2.83
C ASN A 3 -16.94 -6.60 -3.54
N LEU A 4 -17.30 -5.51 -4.16
CA LEU A 4 -16.28 -4.69 -4.87
C LEU A 4 -16.55 -3.20 -4.63
N THR A 5 -15.96 -2.35 -5.41
CA THR A 5 -16.21 -0.90 -5.23
C THR A 5 -16.12 -0.52 -3.74
N GLU A 6 -17.01 0.32 -3.28
CA GLU A 6 -16.99 0.71 -1.84
C GLU A 6 -16.68 -0.50 -0.96
N GLU A 7 -17.06 -1.67 -1.40
CA GLU A 7 -16.78 -2.89 -0.61
C GLU A 7 -15.28 -3.19 -0.65
N GLN A 8 -14.70 -3.16 -1.82
CA GLN A 8 -13.24 -3.42 -1.93
C GLN A 8 -12.48 -2.25 -1.32
N ILE A 9 -12.88 -1.05 -1.68
CA ILE A 9 -12.19 0.15 -1.13
C ILE A 9 -12.18 0.08 0.40
N ALA A 10 -13.33 0.10 1.02
CA ALA A 10 -13.36 0.02 2.50
C ALA A 10 -12.38 -1.03 3.00
N GLU A 11 -12.42 -2.21 2.44
CA GLU A 11 -11.48 -3.27 2.86
C GLU A 11 -10.04 -2.83 2.61
N PHE A 12 -9.79 -2.22 1.48
CA PHE A 12 -8.42 -1.75 1.17
C PHE A 12 -8.00 -0.69 2.17
N LYS A 13 -8.83 0.29 2.40
CA LYS A 13 -8.48 1.36 3.38
C LYS A 13 -7.88 0.71 4.63
N GLU A 14 -8.58 -0.22 5.22
CA GLU A 14 -8.04 -0.90 6.43
C GLU A 14 -6.63 -1.43 6.12
N ALA A 15 -6.46 -2.06 4.98
CA ALA A 15 -5.12 -2.58 4.62
C ALA A 15 -4.16 -1.42 4.41
N PHE A 16 -4.55 -0.43 3.67
CA PHE A 16 -3.64 0.74 3.44
C PHE A 16 -3.03 1.18 4.77
N ALA A 17 -3.84 1.66 5.67
CA ALA A 17 -3.30 2.10 6.99
C ALA A 17 -2.31 1.06 7.51
N LEU A 18 -2.66 -0.19 7.46
CA LEU A 18 -1.73 -1.24 7.95
C LEU A 18 -0.32 -0.98 7.40
N PHE A 19 -0.23 -0.59 6.16
CA PHE A 19 1.11 -0.31 5.56
C PHE A 19 1.67 0.99 6.15
N ASP A 20 0.91 2.04 6.11
CA ASP A 20 1.39 3.34 6.66
C ASP A 20 1.58 3.22 8.18
N LYS A 21 2.64 3.78 8.71
CA LYS A 21 2.87 3.69 10.18
C LYS A 21 2.52 5.02 10.86
N ASP A 22 1.93 5.93 10.12
CA ASP A 22 1.57 7.25 10.72
C ASP A 22 0.08 7.53 10.53
N ASN A 23 -0.57 6.77 9.70
CA ASN A 23 -2.03 7.00 9.46
C ASN A 23 -2.25 8.38 8.83
N ASN A 24 -1.25 8.92 8.20
CA ASN A 24 -1.41 10.26 7.57
C ASN A 24 -2.07 10.12 6.19
N GLY A 25 -2.64 8.98 5.91
CA GLY A 25 -3.29 8.78 4.59
C GLY A 25 -2.21 8.67 3.51
N SER A 26 -0.96 8.62 3.91
CA SER A 26 0.14 8.53 2.93
C SER A 26 1.17 7.48 3.38
N ILE A 27 1.87 6.88 2.46
CA ILE A 27 2.87 5.85 2.85
C ILE A 27 4.24 6.17 2.23
N SER A 28 5.27 6.18 3.03
CA SER A 28 6.62 6.48 2.49
C SER A 28 7.36 5.17 2.18
N SER A 29 8.66 5.24 2.03
CA SER A 29 9.43 4.00 1.72
C SER A 29 9.28 2.98 2.85
N SER A 30 10.13 3.07 3.85
CA SER A 30 10.03 2.11 4.98
C SER A 30 8.57 1.93 5.42
N GLU A 31 7.82 2.99 5.42
CA GLU A 31 6.39 2.88 5.84
C GLU A 31 5.73 1.67 5.19
N LEU A 32 5.49 1.72 3.91
CA LEU A 32 4.85 0.56 3.22
C LEU A 32 5.66 -0.72 3.48
N ALA A 33 6.93 -0.58 3.73
CA ALA A 33 7.77 -1.79 3.98
C ALA A 33 7.45 -2.36 5.37
N THR A 34 7.14 -1.53 6.31
CA THR A 34 6.83 -2.03 7.69
C THR A 34 5.77 -3.12 7.62
N VAL A 35 4.98 -3.14 6.57
CA VAL A 35 3.92 -4.19 6.45
C VAL A 35 4.52 -5.57 6.74
N MET A 36 5.80 -5.72 6.58
CA MET A 36 6.42 -7.05 6.85
C MET A 36 6.25 -7.43 8.32
N ARG A 37 5.91 -6.49 9.15
CA ARG A 37 5.72 -6.79 10.60
C ARG A 37 4.88 -8.05 10.76
N SER A 38 3.82 -8.18 9.99
CA SER A 38 2.95 -9.38 10.10
C SER A 38 3.58 -10.55 9.34
N LEU A 39 4.63 -10.30 8.61
CA LEU A 39 5.28 -11.41 7.84
C LEU A 39 6.80 -11.35 8.02
N GLY A 40 7.26 -10.87 9.15
CA GLY A 40 8.74 -10.79 9.38
C GLY A 40 9.22 -9.37 9.12
N LEU A 41 9.09 -8.51 10.10
CA LEU A 41 9.54 -7.10 9.92
C LEU A 41 10.99 -7.06 9.43
N SER A 42 11.19 -6.92 8.15
CA SER A 42 12.58 -6.87 7.61
C SER A 42 12.55 -6.68 6.10
N PRO A 43 11.95 -5.60 5.69
CA PRO A 43 11.84 -5.29 4.23
C PRO A 43 13.14 -4.64 3.74
N SER A 44 13.81 -5.28 2.83
CA SER A 44 15.09 -4.69 2.31
C SER A 44 14.79 -3.46 1.46
N GLU A 45 15.57 -2.42 1.61
CA GLU A 45 15.34 -1.17 0.83
C GLU A 45 14.82 -1.49 -0.57
N ALA A 46 15.29 -2.56 -1.16
CA ALA A 46 14.80 -2.93 -2.52
C ALA A 46 13.29 -3.16 -2.48
N GLU A 47 12.83 -4.03 -1.63
CA GLU A 47 11.37 -4.28 -1.53
C GLU A 47 10.69 -3.10 -0.85
N VAL A 48 11.41 -2.42 0.01
CA VAL A 48 10.83 -1.24 0.70
C VAL A 48 10.56 -0.12 -0.31
N ASN A 49 11.60 0.41 -0.88
CA ASN A 49 11.45 1.48 -1.89
C ASN A 49 10.63 0.99 -3.08
N ASP A 50 10.81 -0.25 -3.45
CA ASP A 50 10.04 -0.79 -4.61
C ASP A 50 8.54 -0.82 -4.28
N LEU A 51 8.20 -1.24 -3.09
CA LEU A 51 6.75 -1.29 -2.71
C LEU A 51 6.13 0.11 -2.84
N MET A 52 6.76 1.10 -2.28
CA MET A 52 6.20 2.48 -2.37
C MET A 52 6.28 2.98 -3.82
N ASN A 53 7.28 2.56 -4.55
CA ASN A 53 7.40 3.00 -5.96
C ASN A 53 6.49 2.17 -6.86
N GLU A 54 6.46 0.88 -6.67
CA GLU A 54 5.57 0.02 -7.52
C GLU A 54 4.12 0.48 -7.40
N ILE A 55 3.73 0.94 -6.25
CA ILE A 55 2.32 1.40 -6.06
C ILE A 55 2.23 2.91 -6.32
N ASP A 56 3.34 3.60 -6.29
CA ASP A 56 3.31 5.07 -6.53
C ASP A 56 2.77 5.36 -7.94
N VAL A 57 1.55 5.83 -8.02
CA VAL A 57 0.96 6.13 -9.36
C VAL A 57 1.78 7.22 -10.06
N ASP A 58 2.35 8.12 -9.32
CA ASP A 58 3.15 9.20 -9.95
C ASP A 58 4.63 9.05 -9.58
N GLY A 59 4.92 8.36 -8.50
CA GLY A 59 6.34 8.18 -8.09
C GLY A 59 6.81 9.38 -7.26
N ASN A 60 6.30 9.53 -6.07
CA ASN A 60 6.71 10.67 -5.21
C ASN A 60 7.38 10.16 -3.94
N HIS A 61 8.04 9.03 -4.02
CA HIS A 61 8.72 8.46 -2.81
C HIS A 61 7.66 8.03 -1.79
N GLN A 62 6.41 8.08 -2.15
CA GLN A 62 5.33 7.67 -1.21
C GLN A 62 3.99 7.60 -1.95
N ILE A 63 3.03 6.91 -1.39
CA ILE A 63 1.71 6.81 -2.07
C ILE A 63 0.58 7.05 -1.07
N GLU A 64 -0.56 7.48 -1.55
CA GLU A 64 -1.71 7.72 -0.64
C GLU A 64 -2.70 6.56 -0.77
N PHE A 65 -3.70 6.51 0.06
CA PHE A 65 -4.67 5.40 -0.03
C PHE A 65 -5.08 5.18 -1.49
N SER A 66 -5.87 6.07 -2.03
CA SER A 66 -6.31 5.93 -3.45
C SER A 66 -5.20 5.32 -4.31
N GLU A 67 -3.98 5.77 -4.14
CA GLU A 67 -2.86 5.18 -4.94
C GLU A 67 -2.74 3.69 -4.62
N PHE A 68 -2.78 3.34 -3.36
CA PHE A 68 -2.70 1.91 -2.97
C PHE A 68 -3.81 1.14 -3.68
N LEU A 69 -4.95 1.75 -3.85
CA LEU A 69 -6.08 1.06 -4.54
C LEU A 69 -5.73 0.87 -6.02
N ALA A 70 -5.33 1.92 -6.68
CA ALA A 70 -4.97 1.80 -8.12
C ALA A 70 -4.12 0.55 -8.34
N LEU A 71 -3.18 0.31 -7.47
CA LEU A 71 -2.31 -0.89 -7.61
C LEU A 71 -2.98 -2.11 -6.98
N MET A 72 -3.92 -1.89 -6.09
CA MET A 72 -4.61 -3.04 -5.45
C MET A 72 -5.59 -3.69 -6.42
N SER A 73 -6.75 -3.10 -6.60
CA SER A 73 -7.74 -3.67 -7.54
C SER A 73 -7.55 -3.09 -8.94
N ARG A 74 -6.65 -3.63 -9.70
CA ARG A 74 -6.41 -3.10 -11.08
C ARG A 74 -7.27 -3.84 -12.09
N GLN A 75 -7.37 -5.14 -11.97
CA GLN A 75 -8.19 -5.92 -12.92
C GLN A 75 -8.55 -7.29 -12.32
N LEU A 76 -9.00 -8.21 -13.13
CA LEU A 76 -9.36 -9.55 -12.61
C LEU A 76 -8.29 -10.58 -13.01
N LYS A 77 -7.61 -11.14 -12.04
CA LYS A 77 -6.56 -12.14 -12.37
C LYS A 77 -5.98 -12.73 -11.08
CA CA B . 2.57 8.41 6.78
CA CA C . 2.37 9.60 -4.92
N SER A 1 -18.94 -14.02 -3.61
CA SER A 1 -19.76 -14.01 -2.35
C SER A 1 -20.40 -12.64 -2.15
N SER A 2 -19.66 -11.67 -1.68
CA SER A 2 -20.23 -10.32 -1.46
C SER A 2 -19.99 -9.44 -2.70
N ASN A 3 -18.90 -8.73 -2.73
CA ASN A 3 -18.62 -7.85 -3.90
C ASN A 3 -17.39 -6.97 -3.63
N LEU A 4 -16.98 -6.20 -4.59
CA LEU A 4 -15.79 -5.32 -4.38
C LEU A 4 -16.24 -3.86 -4.27
N THR A 5 -15.71 -2.98 -5.08
CA THR A 5 -16.13 -1.54 -5.00
C THR A 5 -16.04 -1.05 -3.56
N GLU A 6 -16.96 -0.21 -3.15
CA GLU A 6 -16.93 0.31 -1.75
C GLU A 6 -16.57 -0.81 -0.77
N GLU A 7 -16.96 -2.02 -1.09
CA GLU A 7 -16.64 -3.16 -0.18
C GLU A 7 -15.14 -3.44 -0.23
N GLN A 8 -14.58 -3.52 -1.40
CA GLN A 8 -13.12 -3.77 -1.50
C GLN A 8 -12.35 -2.53 -1.03
N ILE A 9 -12.78 -1.37 -1.45
CA ILE A 9 -12.10 -0.13 -1.02
C ILE A 9 -12.08 -0.06 0.51
N ALA A 10 -13.23 -0.01 1.13
CA ALA A 10 -13.27 0.05 2.61
C ALA A 10 -12.25 -0.93 3.19
N GLU A 11 -12.25 -2.14 2.71
CA GLU A 11 -11.28 -3.15 3.23
C GLU A 11 -9.86 -2.68 2.94
N PHE A 12 -9.61 -2.22 1.75
CA PHE A 12 -8.24 -1.74 1.41
C PHE A 12 -7.87 -0.58 2.33
N LYS A 13 -8.72 0.39 2.46
CA LYS A 13 -8.42 1.55 3.36
C LYS A 13 -7.81 1.03 4.66
N GLU A 14 -8.48 0.13 5.33
CA GLU A 14 -7.92 -0.41 6.59
C GLU A 14 -6.50 -0.92 6.33
N ALA A 15 -6.30 -1.61 5.24
CA ALA A 15 -4.94 -2.12 4.92
C ALA A 15 -4.00 -0.94 4.64
N PHE A 16 -4.41 -0.03 3.80
CA PHE A 16 -3.54 1.14 3.50
C PHE A 16 -2.96 1.70 4.81
N ALA A 17 -3.80 2.22 5.66
CA ALA A 17 -3.30 2.78 6.95
C ALA A 17 -2.28 1.82 7.55
N LEU A 18 -2.59 0.55 7.59
CA LEU A 18 -1.62 -0.43 8.17
C LEU A 18 -0.27 -0.28 7.47
N PHE A 19 -0.28 -0.04 6.19
CA PHE A 19 1.01 0.11 5.46
C PHE A 19 1.70 1.42 5.89
N ASP A 20 0.99 2.51 5.83
CA ASP A 20 1.59 3.81 6.25
C ASP A 20 1.97 3.76 7.73
N LYS A 21 1.18 3.09 8.53
CA LYS A 21 1.49 3.00 9.99
C LYS A 21 1.39 4.39 10.65
N ASP A 22 0.92 5.37 9.92
CA ASP A 22 0.81 6.74 10.51
C ASP A 22 -0.58 7.32 10.25
N ASN A 23 -1.34 6.72 9.37
CA ASN A 23 -2.70 7.26 9.07
C ASN A 23 -2.60 8.65 8.46
N ASN A 24 -1.46 9.00 7.93
CA ASN A 24 -1.31 10.35 7.31
C ASN A 24 -1.86 10.33 5.88
N GLY A 25 -2.57 9.29 5.53
CA GLY A 25 -3.12 9.21 4.14
C GLY A 25 -1.97 9.06 3.15
N SER A 26 -0.79 8.79 3.64
CA SER A 26 0.39 8.63 2.74
C SER A 26 1.30 7.52 3.26
N ILE A 27 1.88 6.76 2.38
CA ILE A 27 2.78 5.66 2.81
C ILE A 27 4.21 5.89 2.31
N SER A 28 5.16 5.19 2.86
CA SER A 28 6.58 5.37 2.41
C SER A 28 7.28 4.01 2.36
N SER A 29 8.58 4.01 2.44
CA SER A 29 9.32 2.72 2.40
C SER A 29 9.36 2.07 3.78
N SER A 30 9.58 2.87 4.81
CA SER A 30 9.62 2.30 6.18
C SER A 30 8.21 1.89 6.64
N GLU A 31 7.20 2.54 6.13
CA GLU A 31 5.81 2.20 6.53
C GLU A 31 5.33 0.96 5.76
N LEU A 32 5.55 0.92 4.48
CA LEU A 32 5.10 -0.25 3.68
C LEU A 32 5.89 -1.50 4.07
N ALA A 33 7.09 -1.32 4.59
CA ALA A 33 7.91 -2.49 4.99
C ALA A 33 7.46 -3.00 6.36
N THR A 34 7.23 -2.11 7.30
CA THR A 34 6.79 -2.55 8.65
C THR A 34 5.70 -3.62 8.54
N VAL A 35 4.98 -3.63 7.45
CA VAL A 35 3.89 -4.64 7.28
C VAL A 35 4.38 -5.79 6.37
N MET A 36 5.53 -5.64 5.77
CA MET A 36 6.04 -6.70 4.88
C MET A 36 6.50 -7.91 5.69
N ARG A 37 7.29 -7.69 6.71
CA ARG A 37 7.77 -8.82 7.55
C ARG A 37 6.58 -9.62 8.11
N SER A 38 5.40 -9.04 8.08
CA SER A 38 4.21 -9.77 8.59
C SER A 38 3.14 -9.86 7.51
N LEU A 39 3.52 -9.69 6.27
CA LEU A 39 2.52 -9.79 5.16
C LEU A 39 3.24 -9.99 3.83
N GLY A 40 4.37 -9.36 3.64
CA GLY A 40 5.11 -9.52 2.35
C GLY A 40 6.58 -9.84 2.65
N LEU A 41 6.84 -10.59 3.68
CA LEU A 41 8.24 -10.94 4.02
C LEU A 41 9.07 -9.67 4.21
N SER A 42 10.19 -9.77 4.86
CA SER A 42 11.04 -8.55 5.07
C SER A 42 12.30 -8.64 4.21
N PRO A 43 12.16 -8.21 2.99
CA PRO A 43 13.30 -8.24 2.03
C PRO A 43 14.31 -7.14 2.38
N SER A 44 14.14 -5.97 1.82
CA SER A 44 15.09 -4.87 2.13
C SER A 44 14.69 -3.60 1.36
N GLU A 45 15.23 -2.47 1.74
CA GLU A 45 14.89 -1.18 1.07
C GLU A 45 14.66 -1.41 -0.44
N ALA A 46 15.58 -2.05 -1.10
CA ALA A 46 15.39 -2.30 -2.56
C ALA A 46 13.96 -2.77 -2.83
N GLU A 47 13.53 -3.80 -2.15
CA GLU A 47 12.15 -4.30 -2.36
C GLU A 47 11.14 -3.38 -1.67
N VAL A 48 11.56 -2.72 -0.63
CA VAL A 48 10.64 -1.80 0.09
C VAL A 48 10.36 -0.58 -0.78
N ASN A 49 11.35 0.21 -1.02
CA ASN A 49 11.16 1.41 -1.88
C ASN A 49 10.52 0.99 -3.22
N ASP A 50 10.91 -0.14 -3.74
CA ASP A 50 10.31 -0.60 -5.02
C ASP A 50 8.79 -0.72 -4.88
N LEU A 51 8.33 -1.22 -3.77
CA LEU A 51 6.86 -1.34 -3.55
C LEU A 51 6.21 0.05 -3.59
N MET A 52 6.65 0.94 -2.75
CA MET A 52 6.07 2.31 -2.74
C MET A 52 6.04 2.86 -4.17
N ASN A 53 7.10 2.70 -4.90
CA ASN A 53 7.14 3.22 -6.30
C ASN A 53 6.13 2.47 -7.16
N GLU A 54 6.26 1.18 -7.26
CA GLU A 54 5.30 0.39 -8.09
C GLU A 54 3.86 0.83 -7.80
N ILE A 55 3.49 0.89 -6.55
CA ILE A 55 2.10 1.31 -6.21
C ILE A 55 1.98 2.84 -6.31
N ASP A 56 3.07 3.52 -6.51
CA ASP A 56 3.02 5.01 -6.63
C ASP A 56 2.34 5.41 -7.93
N VAL A 57 2.03 6.67 -8.09
CA VAL A 57 1.39 7.13 -9.34
C VAL A 57 2.07 8.41 -9.86
N ASP A 58 2.52 9.25 -8.96
CA ASP A 58 3.20 10.51 -9.39
C ASP A 58 4.71 10.38 -9.21
N GLY A 59 5.15 9.37 -8.49
CA GLY A 59 6.61 9.20 -8.28
C GLY A 59 7.09 10.18 -7.21
N ASN A 60 6.77 9.95 -5.98
CA ASN A 60 7.21 10.87 -4.89
C ASN A 60 7.78 10.07 -3.72
N HIS A 61 8.26 8.89 -3.97
CA HIS A 61 8.83 8.05 -2.87
C HIS A 61 7.74 7.67 -1.88
N GLN A 62 6.50 7.95 -2.20
CA GLN A 62 5.38 7.59 -1.28
C GLN A 62 4.07 7.51 -2.06
N ILE A 63 3.08 6.86 -1.51
CA ILE A 63 1.78 6.74 -2.23
C ILE A 63 0.62 6.98 -1.27
N GLU A 64 -0.51 7.41 -1.77
CA GLU A 64 -1.68 7.66 -0.88
C GLU A 64 -2.62 6.45 -0.93
N PHE A 65 -3.75 6.53 -0.29
CA PHE A 65 -4.69 5.37 -0.32
C PHE A 65 -5.14 5.10 -1.76
N SER A 66 -5.96 5.96 -2.30
CA SER A 66 -6.45 5.76 -3.70
C SER A 66 -5.36 5.13 -4.58
N GLU A 67 -4.12 5.54 -4.42
CA GLU A 67 -3.04 4.94 -5.23
C GLU A 67 -2.86 3.48 -4.82
N PHE A 68 -2.86 3.21 -3.55
CA PHE A 68 -2.72 1.81 -3.07
C PHE A 68 -3.82 0.96 -3.71
N LEU A 69 -4.97 1.53 -3.92
CA LEU A 69 -6.07 0.77 -4.57
C LEU A 69 -5.74 0.52 -6.03
N ALA A 70 -5.40 1.55 -6.76
CA ALA A 70 -5.06 1.37 -8.20
C ALA A 70 -4.17 0.14 -8.37
N LEU A 71 -3.22 -0.04 -7.49
CA LEU A 71 -2.33 -1.23 -7.58
C LEU A 71 -2.98 -2.44 -6.90
N MET A 72 -3.80 -2.21 -5.91
CA MET A 72 -4.45 -3.35 -5.21
C MET A 72 -5.40 -4.08 -6.17
N SER A 73 -6.58 -3.55 -6.37
CA SER A 73 -7.55 -4.21 -7.30
C SER A 73 -7.52 -5.73 -7.10
N ARG A 74 -7.80 -6.20 -5.92
CA ARG A 74 -7.80 -7.66 -5.66
C ARG A 74 -6.43 -8.24 -6.02
N GLN A 75 -5.39 -7.74 -5.42
CA GLN A 75 -4.02 -8.26 -5.72
C GLN A 75 -3.70 -8.09 -7.20
N LEU A 76 -2.65 -8.69 -7.68
CA LEU A 76 -2.27 -8.56 -9.11
C LEU A 76 -3.21 -9.40 -9.98
N LYS A 77 -3.25 -9.14 -11.25
CA LYS A 77 -4.15 -9.93 -12.14
C LYS A 77 -3.39 -10.39 -13.39
CA CA B . 3.01 8.37 6.55
CA CA C . 1.88 9.22 -4.41
N SER A 1 -15.89 -12.72 -10.38
CA SER A 1 -17.32 -12.91 -10.01
C SER A 1 -17.53 -12.65 -8.52
N SER A 2 -17.32 -11.45 -8.07
CA SER A 2 -17.50 -11.14 -6.63
C SER A 2 -18.09 -9.74 -6.46
N ASN A 3 -17.79 -9.08 -5.37
CA ASN A 3 -18.33 -7.72 -5.15
C ASN A 3 -17.25 -6.79 -4.58
N LEU A 4 -16.50 -6.15 -5.43
CA LEU A 4 -15.43 -5.23 -4.94
C LEU A 4 -15.99 -3.82 -4.72
N THR A 5 -15.52 -2.85 -5.45
CA THR A 5 -16.04 -1.46 -5.28
C THR A 5 -15.97 -1.06 -3.81
N GLU A 6 -16.91 -0.27 -3.35
CA GLU A 6 -16.91 0.15 -1.93
C GLU A 6 -16.54 -1.02 -1.02
N GLU A 7 -16.89 -2.21 -1.42
CA GLU A 7 -16.56 -3.41 -0.60
C GLU A 7 -15.05 -3.64 -0.61
N GLN A 8 -14.45 -3.61 -1.78
CA GLN A 8 -12.98 -3.81 -1.84
C GLN A 8 -12.27 -2.56 -1.29
N ILE A 9 -12.72 -1.40 -1.69
CA ILE A 9 -12.11 -0.15 -1.18
C ILE A 9 -12.09 -0.18 0.34
N ALA A 10 -13.25 -0.19 0.95
CA ALA A 10 -13.30 -0.22 2.44
C ALA A 10 -12.27 -1.22 2.97
N GLU A 11 -12.28 -2.41 2.44
CA GLU A 11 -11.29 -3.44 2.90
C GLU A 11 -9.88 -2.93 2.67
N PHE A 12 -9.64 -2.31 1.54
CA PHE A 12 -8.28 -1.78 1.25
C PHE A 12 -7.94 -0.67 2.25
N LYS A 13 -8.86 0.24 2.46
CA LYS A 13 -8.60 1.34 3.43
C LYS A 13 -7.94 0.77 4.68
N GLU A 14 -8.56 -0.20 5.29
CA GLU A 14 -7.97 -0.81 6.51
C GLU A 14 -6.55 -1.30 6.19
N ALA A 15 -6.39 -1.96 5.08
CA ALA A 15 -5.04 -2.46 4.70
C ALA A 15 -4.08 -1.27 4.49
N PHE A 16 -4.49 -0.31 3.70
CA PHE A 16 -3.60 0.86 3.47
C PHE A 16 -3.03 1.34 4.80
N ALA A 17 -3.87 1.81 5.68
CA ALA A 17 -3.38 2.29 7.00
C ALA A 17 -2.32 1.31 7.54
N LEU A 18 -2.61 0.04 7.48
CA LEU A 18 -1.62 -0.96 7.97
C LEU A 18 -0.26 -0.69 7.32
N PHE A 19 -0.26 -0.32 6.07
CA PHE A 19 1.03 -0.02 5.38
C PHE A 19 1.62 1.27 5.93
N ASP A 20 0.84 2.32 5.97
CA ASP A 20 1.35 3.62 6.49
C ASP A 20 1.62 3.49 8.00
N LYS A 21 2.36 4.40 8.55
CA LYS A 21 2.66 4.33 10.02
C LYS A 21 2.42 5.70 10.67
N ASP A 22 1.90 6.63 9.93
CA ASP A 22 1.64 7.98 10.51
C ASP A 22 0.18 8.39 10.29
N ASN A 23 -0.55 7.60 9.56
CA ASN A 23 -1.99 7.93 9.30
C ASN A 23 -2.08 9.20 8.46
N ASN A 24 -0.99 9.66 7.92
CA ASN A 24 -1.02 10.89 7.09
C ASN A 24 -1.73 10.62 5.76
N GLY A 25 -2.17 9.40 5.56
CA GLY A 25 -2.86 9.08 4.28
C GLY A 25 -1.81 8.83 3.19
N SER A 26 -0.58 8.64 3.59
CA SER A 26 0.50 8.39 2.59
C SER A 26 1.48 7.34 3.14
N ILE A 27 1.95 6.47 2.29
CA ILE A 27 2.92 5.42 2.76
C ILE A 27 4.34 5.78 2.32
N SER A 28 5.28 5.72 3.23
CA SER A 28 6.69 6.06 2.88
C SER A 28 7.51 4.78 2.79
N SER A 29 8.81 4.90 2.66
CA SER A 29 9.67 3.70 2.57
C SER A 29 9.46 2.79 3.79
N SER A 30 10.14 3.06 4.86
CA SER A 30 9.98 2.22 6.09
C SER A 30 8.49 1.92 6.34
N GLU A 31 7.65 2.91 6.23
CA GLU A 31 6.20 2.69 6.46
C GLU A 31 5.74 1.37 5.81
N LEU A 32 5.53 1.38 4.52
CA LEU A 32 5.09 0.13 3.84
C LEU A 32 5.91 -1.06 4.35
N ALA A 33 7.17 -0.85 4.61
CA ALA A 33 8.02 -1.97 5.12
C ALA A 33 7.48 -2.49 6.45
N THR A 34 6.95 -1.61 7.27
CA THR A 34 6.41 -2.05 8.59
C THR A 34 4.98 -2.58 8.42
N VAL A 35 4.83 -3.78 7.93
CA VAL A 35 3.46 -4.34 7.75
C VAL A 35 3.52 -5.87 7.78
N MET A 36 4.48 -6.45 7.13
CA MET A 36 4.58 -7.94 7.12
C MET A 36 5.66 -8.40 8.11
N ARG A 37 6.53 -7.53 8.50
CA ARG A 37 7.59 -7.91 9.48
C ARG A 37 6.98 -8.62 10.69
N SER A 38 6.08 -7.96 11.36
CA SER A 38 5.43 -8.59 12.55
C SER A 38 4.90 -9.97 12.20
N LEU A 39 4.32 -10.11 11.03
CA LEU A 39 3.78 -11.44 10.63
C LEU A 39 4.92 -12.42 10.36
N GLY A 40 6.09 -11.92 10.07
CA GLY A 40 7.24 -12.82 9.79
C GLY A 40 7.81 -12.53 8.40
N LEU A 41 8.31 -11.33 8.19
CA LEU A 41 8.87 -10.98 6.85
C LEU A 41 9.49 -9.58 6.90
N SER A 42 10.79 -9.51 6.91
CA SER A 42 11.46 -8.17 6.95
C SER A 42 12.37 -8.00 5.73
N PRO A 43 11.78 -7.48 4.68
CA PRO A 43 12.55 -7.27 3.42
C PRO A 43 13.48 -6.06 3.57
N SER A 44 13.90 -5.49 2.47
CA SER A 44 14.81 -4.32 2.55
C SER A 44 14.35 -3.22 1.58
N GLU A 45 14.85 -2.02 1.75
CA GLU A 45 14.45 -0.89 0.86
C GLU A 45 14.22 -1.39 -0.57
N ALA A 46 15.13 -2.17 -1.10
CA ALA A 46 14.94 -2.69 -2.49
C ALA A 46 13.51 -3.18 -2.68
N GLU A 47 13.06 -4.06 -1.83
CA GLU A 47 11.67 -4.57 -1.96
C GLU A 47 10.68 -3.54 -1.39
N VAL A 48 11.05 -2.89 -0.33
CA VAL A 48 10.14 -1.86 0.26
C VAL A 48 9.92 -0.74 -0.74
N ASN A 49 10.94 0.01 -1.02
CA ASN A 49 10.82 1.13 -1.99
C ASN A 49 10.25 0.61 -3.32
N ASP A 50 10.63 -0.59 -3.71
CA ASP A 50 10.10 -1.14 -4.99
C ASP A 50 8.58 -1.20 -4.94
N LEU A 51 8.01 -1.59 -3.83
CA LEU A 51 6.53 -1.66 -3.73
C LEU A 51 5.92 -0.27 -3.85
N MET A 52 6.37 0.65 -3.04
CA MET A 52 5.82 2.04 -3.11
C MET A 52 5.68 2.48 -4.58
N ASN A 53 6.72 2.35 -5.35
CA ASN A 53 6.64 2.76 -6.77
C ASN A 53 5.43 2.10 -7.45
N GLU A 54 5.35 0.80 -7.40
CA GLU A 54 4.18 0.11 -8.04
C GLU A 54 2.89 0.86 -7.71
N ILE A 55 2.85 1.56 -6.61
CA ILE A 55 1.62 2.31 -6.24
C ILE A 55 1.89 3.82 -6.28
N ASP A 56 3.12 4.20 -6.41
CA ASP A 56 3.45 5.66 -6.45
C ASP A 56 3.05 6.25 -7.80
N VAL A 57 1.79 6.58 -7.97
CA VAL A 57 1.34 7.16 -9.25
C VAL A 57 2.06 8.49 -9.52
N ASP A 58 2.37 9.23 -8.48
CA ASP A 58 3.08 10.52 -8.68
C ASP A 58 4.59 10.31 -8.66
N GLY A 59 5.06 9.39 -7.87
CA GLY A 59 6.53 9.13 -7.80
C GLY A 59 7.17 10.03 -6.74
N ASN A 60 6.65 10.02 -5.54
CA ASN A 60 7.23 10.87 -4.48
C ASN A 60 7.76 9.99 -3.32
N HIS A 61 8.32 8.86 -3.64
CA HIS A 61 8.86 7.97 -2.58
C HIS A 61 7.75 7.52 -1.64
N GLN A 62 6.51 7.61 -2.08
CA GLN A 62 5.37 7.18 -1.21
C GLN A 62 4.08 7.16 -2.01
N ILE A 63 3.06 6.52 -1.48
CA ILE A 63 1.77 6.46 -2.23
C ILE A 63 0.61 6.74 -1.27
N GLU A 64 -0.48 7.25 -1.78
CA GLU A 64 -1.66 7.53 -0.91
C GLU A 64 -2.65 6.38 -1.01
N PHE A 65 -3.62 6.32 -0.12
CA PHE A 65 -4.61 5.21 -0.19
C PHE A 65 -5.06 5.00 -1.64
N SER A 66 -5.84 5.90 -2.17
CA SER A 66 -6.34 5.77 -3.57
C SER A 66 -5.27 5.11 -4.45
N GLU A 67 -4.05 5.54 -4.35
CA GLU A 67 -2.97 4.92 -5.18
C GLU A 67 -2.84 3.44 -4.82
N PHE A 68 -2.85 3.14 -3.54
CA PHE A 68 -2.75 1.72 -3.12
C PHE A 68 -3.89 0.92 -3.76
N LEU A 69 -4.99 1.56 -4.03
CA LEU A 69 -6.13 0.86 -4.68
C LEU A 69 -5.84 0.64 -6.16
N ALA A 70 -5.21 1.60 -6.79
CA ALA A 70 -4.88 1.45 -8.23
C ALA A 70 -4.00 0.21 -8.45
N LEU A 71 -3.01 0.03 -7.62
CA LEU A 71 -2.12 -1.15 -7.78
C LEU A 71 -2.72 -2.38 -7.08
N MET A 72 -3.20 -2.21 -5.89
CA MET A 72 -3.81 -3.35 -5.15
C MET A 72 -4.91 -4.00 -6.00
N SER A 73 -6.02 -3.32 -6.16
CA SER A 73 -7.13 -3.88 -6.98
C SER A 73 -7.16 -3.23 -8.36
N ARG A 74 -7.86 -3.81 -9.29
CA ARG A 74 -7.92 -3.22 -10.66
C ARG A 74 -9.31 -3.43 -11.26
N GLN A 75 -9.52 -4.53 -11.93
CA GLN A 75 -10.86 -4.78 -12.54
C GLN A 75 -11.30 -6.23 -12.26
N LEU A 76 -12.00 -6.83 -13.18
CA LEU A 76 -12.47 -8.22 -12.96
C LEU A 76 -11.68 -9.18 -13.87
N LYS A 77 -11.47 -10.40 -13.43
CA LYS A 77 -10.71 -11.37 -14.26
C LYS A 77 -11.50 -12.67 -14.39
CA CA B . 2.79 8.67 6.58
CA CA C . 2.22 9.12 -4.61
#